data_7Z43
#
_entry.id   7Z43
#
_cell.length_a   200.819
_cell.length_b   200.819
_cell.length_c   257.018
_cell.angle_alpha   90.000
_cell.angle_beta   90.000
_cell.angle_gamma   120.000
#
_symmetry.space_group_name_H-M   'P 32 2 1'
#
loop_
_entity.id
_entity.type
_entity.pdbx_description
1 polymer 'Polymerase acidic protein'
2 polymer 'RNA-directed RNA polymerase catalytic subunit'
3 polymer 'Polymerase basic protein 2'
4 polymer "RNA (5'-R(*UP*AP*UP*AP*CP*CP*UP*CP*UP*GP*CP*UP*CP*CP*UP*GP*CP*U)-3')"
5 polymer "RNA (5'-R(P*AP*GP*UP*AP*GP*UP*AP*AP*CP*AP*AP*GP*AP*G)-3')"
6 polymer "RNA (5'-R(P*AP*AP*UP*CP*A)-3')"
7 polymer SER-TYR-SER-PRO-THR-SEP-PRO
8 non-polymer 'PHOSPHATE ION'
9 non-polymer '[(2~{R},3~{S},4~{R},5~{R})-5-(2-azanyl-7-methyl-6-oxidanylidene-1~{H}-purin-9-yl)-3,4-bis(oxidanyl)oxolan-2-yl]methyl phosphono hydrogen phosphate'
10 water water
#
loop_
_entity_poly.entity_id
_entity_poly.type
_entity_poly.pdbx_seq_one_letter_code
_entity_poly.pdbx_strand_id
1 'polypeptide(L)'
;GSHHHHHHHHGSGSMDTFITRNFQTTIIQKAKNTMAEFSEDPELQPAMLFNICVHLEVCYVISDMNFLDEEGKAYTALEG
QGKEQNLRPQYEVIEGMPRTIAWMVQRSLAQEHGIETPKYLADLFDYKTKRFIEVGITKGLADDYFWKKKEKLGNSMELM
IFSYNQDYSLSNESSLDEEGKGRVLSRLTELQAELSLKNLWQVLIGEEDVEKGIDFKLGQTISRLRDISVPAGFSNFEGM
RSYIDNIDPKGAIERNLARMSPLVSVTPKKLTWEDLRPIGPHIYNHELPEVPYNAFLLMSDELGLANMTEGKSKKPKTLA
KECLEKYSTLRDQTDPILIMKSEKANENFLWKLWRDCVNTISNEEMSNELQKTNYAKWATGDGLTYQKIMKEVAIDDETM
CQEEPKIPNKCRVAAWVQTEMNLLSTLTSKRALDLPEIGPDVAPVEHVGSERRKYFVNEINYCKASTVMMKYVLFHTSLL
NESNASMGKYKVIPITNRVVNEKGESFDMLYGLAVKGQSHLRGDTDVVTVVTFEFSSTDPRVDSGKWPKYTVFRIGSLFV
SGREKSVYLYCRVNGTNKIQMKWGMEARRCLLQSMQQMEAIVEQESSIQGYDMTKACFKGDRVNSPKTFSIGTQEGKLVK
GSFGKALRVIFTKCLMHYVFGNAQLEGFSAESRRLLLLIQALKDRKGPWVFDLEGMYSGIEECISNNPWVIQSAYWFNEW
LGFEKEGSKVLESVDEIMDEGSGSGENLYFQ
;
AAA
2 'polypeptide(L)'
;GSGSGSGSGMNINPYFLFIDVPIQAAISTTFPYTGVPPYSHGTGTGYTIDTVIRTHEYSNKGKQYISDVTGCTMVDPTNG
PLPEDNEPSAYAQLDCVLEALDRMDEEHPGLFQAASQNAMETLMVTTVDKLTQGRQTFDWTVCRNQPAATALNTTITSFR
LNDLNGADKGGLIPFCQDIIDSLDRPEMTFFSVKNIKKKLPAKNRKGFLIKRIPMKVKDKITKVEYIKRALSLNTMTKDA
ERGKLKRRAIATAGIQIRGFVLVVENLAKNICENLEQSGLPVGGNEKKAKLSNAVAKMLSNCPPGGISMTVTGDNTKWNE
CLNPRIFLAMTERITRDSPIWFRDFCSIAPVLFSNKIARLGKGFMITSKTKRLKAQIPCPDLFSIPLERYNEETRAKLKK
LKPFFNEEGTASLSPGMMMGMFNMLSTVLGVAALGIKNIGNKEYLWDGLQSSDDFALFVNAKDEETCMEGINDFYRTCKL
LGINMSKKKSYCNETGMFEFTSMFYRDGFVSNFAMELPSFGVAGVNESADMAIGMTIIKNNMINNGMGPATAQTAIQLFI
ADYRYTYKCHRGDSKVEGKRMKIIKELWENTKGRDGLLVADGGPNIYNLRNLHIPEIVLKYNLMDPEYKGRLLHPQNPFV
GHLSIEGIKEADITPAHGPVKKMDYDAVSGTHSWRTKRNRSILNTDQRNMILEEQCYAKCCNLFEACFNSASYRKPVGQH
SMLEAMAHRLRMDARLDYESGRMSKDDFEKAMAHLGEIGYIGSGSGENLYFQ
;
BBB
3 'polypeptide(L)'
;GSGSGSGSGMTLAKIELLKQLLRDNEAKTVLKQTTVDQYNIIRKFNTSRIEKNPSLRMKWAMCSNFPLALTKGDMANRIP
LEYKGIQLKTNAEDIGTKGQMCSIAAVTWWNTYGPIGDTEGFERVYESFFLRKMRLDNATWGRITFGPVERVRKRVLLNP
LTKEMPPDEASNVIMEILFPKEAGIPRESTWIHRELIKEKREKLKGTMITPIVLAYMLERELVARRRFLPVAGATSAEFI
EMLHCLQGENWRQIYHPGGNKLTESRSQSMIVACRKIIRRSIVASNPLELAVEIANKTVIDTEPLKSCLAAIDGGDVACD
IIRAALGLKIRQRQRFGRLELKRISGRGFKNDEEILIGNGTIQKIGIWDGEEEFHVRCGECRGILKKSKMKLEKLLINSA
KKEDMRDLIILCMVFSQDTRMFQGVRGEINFLNRAGQLLSPMYQLQRYFLNRSNDLFDQWGYEESPKASELHGINESMNA
SDYTLKGVVVTRNVIDDFSSTETEKVSITKNLSLIKRTGEVIMGANDVSELESQAQLMITYDTPKMWEMGTTKELVQNTY
QWVLKNLVTLKAQFLLGKEDMFQWDAFEAFESIIPQKMAGQYSGFARAVLKQMRDQEVMKTDQFIKLLPFCFSPPKLRSN
GEPYQFLKLVLKGGGENFIEVRKGSPLFSYNPQTEVLTICGRMMSLKGKIEDEERNRSMGNAVLAGFLVSGKYDPDLGDF
KTIEELEKLKPGEKANILLYQGKPVKVVKRKRYSALSNDISQGIKRQRMTVESMGWALSGWSHPQFEKGSGSENLYFQ
;
CCC
4 'polyribonucleotide' UAUACCUCUGCUUCUGCU RRR
5 'polyribonucleotide' AGUAGUAACAAGAG VVV
6 'polyribonucleotide' AAUCUAUAAUAGC MaM
7 'polypeptide(L)' YSPT(SEP)PSYSPT(SEP)PSYSPT(SEP)PSYSPT(SEP)PS XXX,YYY
#
loop_
_chem_comp.id
_chem_comp.type
_chem_comp.name
_chem_comp.formula
A RNA linking ADENOSINE-5'-MONOPHOSPHATE 'C10 H14 N5 O7 P'
C RNA linking CYTIDINE-5'-MONOPHOSPHATE 'C9 H14 N3 O8 P'
G RNA linking GUANOSINE-5'-MONOPHOSPHATE 'C10 H14 N5 O8 P'
IC5 non-polymer '[(2~{R},3~{S},4~{R},5~{R})-5-(2-azanyl-7-methyl-6-oxidanylidene-1~{H}-purin-9-yl)-3,4-bis(oxidanyl)oxolan-2-yl]methyl phosphono hydrogen phosphate' 'C11 H18 N5 O11 P2 1'
PO4 non-polymer 'PHOSPHATE ION' 'O4 P -3'
U RNA linking URIDINE-5'-MONOPHOSPHATE 'C9 H13 N2 O9 P'
#
# COMPACT_ATOMS: atom_id res chain seq x y z
N SER A 14 -27.20 2.15 55.41
CA SER A 14 -26.69 1.57 54.14
C SER A 14 -25.25 1.05 54.32
N MET A 15 -24.74 0.31 53.34
CA MET A 15 -23.37 -0.26 53.31
C MET A 15 -22.37 0.84 52.93
N ASP A 16 -22.82 1.85 52.16
CA ASP A 16 -22.00 2.97 51.64
C ASP A 16 -21.43 3.78 52.81
N THR A 17 -22.29 4.23 53.73
CA THR A 17 -21.94 5.09 54.89
C THR A 17 -21.23 4.26 55.97
N PHE A 18 -21.51 2.94 56.03
CA PHE A 18 -20.97 2.00 57.04
C PHE A 18 -19.45 1.86 56.89
N ILE A 19 -18.97 1.67 55.66
CA ILE A 19 -17.54 1.39 55.33
C ILE A 19 -16.68 2.62 55.67
N THR A 20 -17.26 3.83 55.63
CA THR A 20 -16.58 5.12 55.93
C THR A 20 -16.14 5.15 57.40
N ARG A 21 -16.93 4.57 58.31
CA ARG A 21 -16.71 4.58 59.78
C ARG A 21 -15.73 3.45 60.17
N ASN A 22 -15.91 2.25 59.60
CA ASN A 22 -15.18 1.02 59.98
C ASN A 22 -13.72 1.10 59.50
N PHE A 23 -13.51 1.09 58.17
CA PHE A 23 -12.18 1.01 57.50
C PHE A 23 -11.57 2.41 57.37
N GLN A 24 -10.26 2.46 57.11
CA GLN A 24 -9.50 3.70 56.79
C GLN A 24 -9.54 3.92 55.28
N THR A 25 -9.02 5.07 54.82
CA THR A 25 -9.05 5.52 53.39
C THR A 25 -8.14 4.61 52.55
N THR A 26 -7.04 4.12 53.13
CA THR A 26 -6.01 3.26 52.47
C THR A 26 -6.66 1.98 51.94
N ILE A 27 -7.63 1.42 52.68
CA ILE A 27 -8.35 0.15 52.34
C ILE A 27 -9.50 0.47 51.38
N ILE A 28 -10.19 1.60 51.58
CA ILE A 28 -11.33 2.07 50.75
C ILE A 28 -10.84 2.35 49.32
N GLN A 29 -9.79 3.18 49.19
CA GLN A 29 -9.20 3.60 47.89
C GLN A 29 -8.77 2.37 47.08
N LYS A 30 -7.93 1.53 47.68
CA LYS A 30 -7.36 0.30 47.03
C LYS A 30 -8.49 -0.65 46.61
N ALA A 31 -9.55 -0.76 47.41
CA ALA A 31 -10.73 -1.61 47.14
C ALA A 31 -11.46 -1.10 45.88
N LYS A 32 -11.74 0.21 45.83
CA LYS A 32 -12.42 0.89 44.69
C LYS A 32 -11.53 0.81 43.43
N ASN A 33 -10.23 1.05 43.59
CA ASN A 33 -9.22 1.02 42.49
C ASN A 33 -9.17 -0.38 41.87
N THR A 34 -9.28 -1.43 42.69
CA THR A 34 -9.29 -2.85 42.25
C THR A 34 -10.56 -3.12 41.44
N MET A 35 -11.72 -2.66 41.94
CA MET A 35 -13.05 -2.84 41.29
C MET A 35 -13.11 -2.03 39.98
N ALA A 36 -12.46 -0.86 39.94
CA ALA A 36 -12.39 0.04 38.76
C ALA A 36 -11.76 -0.69 37.57
N GLU A 37 -10.78 -1.56 37.82
CA GLU A 37 -10.04 -2.35 36.79
C GLU A 37 -10.97 -3.42 36.19
N PHE A 38 -11.83 -4.03 37.01
CA PHE A 38 -12.79 -5.10 36.60
C PHE A 38 -14.07 -4.48 36.01
N SER A 39 -14.14 -3.15 35.96
CA SER A 39 -15.30 -2.36 35.44
C SER A 39 -16.55 -2.64 36.29
N GLU A 40 -16.39 -2.62 37.61
CA GLU A 40 -17.47 -2.87 38.61
C GLU A 40 -17.66 -1.63 39.47
N ASP A 41 -18.89 -1.12 39.55
CA ASP A 41 -19.27 0.13 40.27
C ASP A 41 -19.18 -0.11 41.78
N PRO A 42 -18.40 0.70 42.53
CA PRO A 42 -18.36 0.60 43.99
C PRO A 42 -19.71 0.88 44.68
N GLU A 43 -20.43 1.91 44.23
CA GLU A 43 -21.66 2.42 44.89
C GLU A 43 -22.87 1.51 44.57
N LEU A 44 -23.02 1.10 43.31
CA LEU A 44 -24.16 0.27 42.83
C LEU A 44 -24.05 -1.17 43.39
N GLN A 45 -22.84 -1.59 43.76
CA GLN A 45 -22.57 -2.92 44.39
C GLN A 45 -21.61 -2.72 45.57
N PRO A 46 -22.10 -2.28 46.74
CA PRO A 46 -21.25 -2.01 47.89
C PRO A 46 -20.87 -3.26 48.71
N ALA A 47 -21.66 -4.33 48.62
CA ALA A 47 -21.41 -5.63 49.27
C ALA A 47 -20.21 -6.31 48.61
N MET A 48 -20.01 -6.08 47.30
CA MET A 48 -18.88 -6.61 46.50
C MET A 48 -17.58 -5.90 46.91
N LEU A 49 -17.68 -4.60 47.24
CA LEU A 49 -16.56 -3.76 47.76
C LEU A 49 -16.16 -4.24 49.16
N PHE A 50 -17.16 -4.57 49.99
CA PHE A 50 -16.98 -5.03 51.39
C PHE A 50 -16.16 -6.34 51.42
N ASN A 51 -16.45 -7.24 50.48
CA ASN A 51 -15.76 -8.55 50.33
C ASN A 51 -14.25 -8.31 50.13
N ILE A 52 -13.89 -7.30 49.35
CA ILE A 52 -12.47 -6.91 49.04
C ILE A 52 -11.90 -6.14 50.24
N CYS A 53 -12.68 -5.21 50.81
CA CYS A 53 -12.30 -4.39 51.99
C CYS A 53 -11.84 -5.29 53.14
N VAL A 54 -12.65 -6.30 53.48
CA VAL A 54 -12.36 -7.30 54.56
C VAL A 54 -11.14 -8.14 54.15
N HIS A 55 -11.11 -8.58 52.89
CA HIS A 55 -10.06 -9.45 52.30
C HIS A 55 -8.68 -8.77 52.37
N LEU A 56 -8.64 -7.44 52.17
CA LEU A 56 -7.39 -6.63 52.17
C LEU A 56 -6.94 -6.36 53.60
N GLU A 57 -7.88 -6.10 54.52
CA GLU A 57 -7.59 -5.74 55.94
C GLU A 57 -6.95 -6.93 56.66
N VAL A 58 -7.39 -8.16 56.34
CA VAL A 58 -6.83 -9.43 56.90
C VAL A 58 -5.36 -9.55 56.47
N CYS A 59 -5.09 -9.30 55.18
CA CYS A 59 -3.74 -9.36 54.56
C CYS A 59 -2.84 -8.25 55.12
N TYR A 60 -3.37 -7.03 55.29
CA TYR A 60 -2.64 -5.82 55.75
C TYR A 60 -2.02 -6.05 57.13
N VAL A 61 -2.82 -6.57 58.08
CA VAL A 61 -2.45 -6.69 59.53
C VAL A 61 -1.34 -7.74 59.71
N ILE A 62 -1.30 -8.77 58.86
CA ILE A 62 -0.32 -9.89 58.92
C ILE A 62 1.10 -9.34 58.68
N SER A 63 1.25 -8.38 57.76
CA SER A 63 2.55 -7.81 57.33
C SER A 63 2.90 -6.55 58.15
N ASP A 64 1.93 -5.99 58.88
CA ASP A 64 2.04 -4.68 59.58
C ASP A 64 3.11 -4.79 60.70
N MET A 65 2.89 -5.67 61.67
CA MET A 65 3.74 -5.82 62.88
C MET A 65 4.95 -6.72 62.57
N ASN A 66 4.84 -7.62 61.59
CA ASN A 66 5.91 -8.58 61.20
C ASN A 66 7.02 -7.84 60.45
N PHE A 67 8.28 -8.09 60.81
CA PHE A 67 9.50 -7.52 60.17
C PHE A 67 10.63 -8.56 60.23
N LEU A 68 11.74 -8.27 59.53
CA LEU A 68 12.96 -9.12 59.50
C LEU A 68 14.17 -8.30 59.97
N ASP A 69 15.29 -8.98 60.27
CA ASP A 69 16.57 -8.39 60.72
C ASP A 69 17.68 -8.79 59.74
N GLU A 70 18.91 -8.32 59.98
CA GLU A 70 20.10 -8.54 59.11
C GLU A 70 20.42 -10.04 59.01
N GLU A 71 20.19 -10.79 60.09
CA GLU A 71 20.41 -12.26 60.14
C GLU A 71 19.28 -12.96 59.36
N GLY A 72 18.05 -12.46 59.46
CA GLY A 72 16.90 -12.87 58.65
C GLY A 72 15.98 -13.84 59.39
N LYS A 73 15.41 -13.40 60.52
CA LYS A 73 14.42 -14.17 61.33
C LYS A 73 13.31 -13.23 61.81
N ALA A 74 12.11 -13.77 61.97
CA ALA A 74 10.86 -13.02 62.31
C ALA A 74 11.01 -12.34 63.67
N TYR A 75 10.45 -11.12 63.79
CA TYR A 75 10.41 -10.33 65.05
C TYR A 75 9.31 -9.27 64.93
N THR A 76 8.83 -8.77 66.08
CA THR A 76 7.72 -7.77 66.21
C THR A 76 8.30 -6.39 66.54
N ALA A 77 7.69 -5.32 66.01
CA ALA A 77 8.06 -3.91 66.25
C ALA A 77 6.83 -3.01 66.07
N GLN A 85 12.59 1.41 62.98
CA GLN A 85 13.67 0.45 63.37
C GLN A 85 14.24 -0.21 62.12
N ASN A 86 13.44 -1.03 61.43
CA ASN A 86 13.81 -1.79 60.21
C ASN A 86 13.07 -1.22 59.01
N LEU A 87 13.62 -1.42 57.81
CA LEU A 87 13.03 -0.98 56.51
C LEU A 87 13.02 -2.17 55.53
N ARG A 88 12.46 -3.31 55.97
CA ARG A 88 12.34 -4.55 55.16
C ARG A 88 11.36 -5.51 55.85
N PRO A 89 10.05 -5.47 55.52
CA PRO A 89 9.07 -6.39 56.09
C PRO A 89 9.32 -7.87 55.76
N GLN A 90 8.62 -8.76 56.46
CA GLN A 90 8.71 -10.25 56.32
C GLN A 90 7.71 -10.75 55.27
N TYR A 91 6.57 -10.05 55.13
CA TYR A 91 5.47 -10.38 54.18
C TYR A 91 5.35 -9.26 53.14
N GLU A 92 5.04 -9.65 51.89
CA GLU A 92 4.85 -8.72 50.73
C GLU A 92 3.39 -8.74 50.31
N VAL A 93 2.66 -7.64 50.54
CA VAL A 93 1.21 -7.48 50.23
C VAL A 93 1.06 -7.28 48.71
N ILE A 94 0.52 -8.29 48.01
CA ILE A 94 0.29 -8.28 46.53
C ILE A 94 -1.15 -7.79 46.26
N GLU A 95 -2.13 -8.38 46.95
CA GLU A 95 -3.56 -7.98 46.89
C GLU A 95 -3.70 -6.53 47.33
N GLY A 96 -4.53 -5.75 46.61
CA GLY A 96 -4.75 -4.31 46.85
C GLY A 96 -4.11 -3.45 45.77
N MET A 97 -2.89 -3.81 45.35
CA MET A 97 -2.11 -3.09 44.30
C MET A 97 -2.72 -3.39 42.92
N PRO A 98 -2.55 -2.50 41.93
CA PRO A 98 -3.02 -2.76 40.56
C PRO A 98 -2.48 -4.06 39.92
N ARG A 99 -3.16 -4.52 38.87
CA ARG A 99 -2.90 -5.79 38.15
C ARG A 99 -1.44 -5.86 37.68
N THR A 100 -1.06 -4.91 36.81
CA THR A 100 0.26 -4.87 36.10
C THR A 100 1.40 -4.67 37.11
N ILE A 101 1.13 -4.04 38.26
CA ILE A 101 2.10 -3.90 39.38
C ILE A 101 2.16 -5.23 40.14
N ALA A 102 1.01 -5.85 40.41
CA ALA A 102 0.89 -7.13 41.15
C ALA A 102 1.67 -8.23 40.43
N TRP A 103 1.42 -8.41 39.12
CA TRP A 103 2.05 -9.47 38.30
C TRP A 103 3.55 -9.20 38.12
N MET A 104 3.98 -7.95 38.20
CA MET A 104 5.42 -7.56 38.19
C MET A 104 6.09 -8.10 39.45
N VAL A 105 5.48 -7.86 40.62
CA VAL A 105 5.94 -8.36 41.95
C VAL A 105 5.90 -9.89 41.95
N GLN A 106 4.79 -10.46 41.47
CA GLN A 106 4.56 -11.93 41.40
C GLN A 106 5.75 -12.63 40.74
N ARG A 107 6.15 -12.18 39.55
CA ARG A 107 7.16 -12.85 38.68
C ARG A 107 8.58 -12.55 39.21
N SER A 108 8.83 -11.32 39.65
CA SER A 108 10.15 -10.84 40.18
C SER A 108 10.59 -11.74 41.34
N LEU A 109 9.68 -12.08 42.25
CA LEU A 109 9.92 -12.97 43.42
C LEU A 109 10.24 -14.39 42.94
N ALA A 110 9.32 -14.97 42.16
CA ALA A 110 9.39 -16.34 41.60
C ALA A 110 10.70 -16.54 40.83
N GLN A 111 11.12 -15.55 40.04
CA GLN A 111 12.34 -15.58 39.18
C GLN A 111 13.59 -15.49 40.06
N GLU A 112 13.57 -14.68 41.12
CA GLU A 112 14.73 -14.43 42.02
C GLU A 112 15.02 -15.68 42.86
N HIS A 113 14.03 -16.13 43.65
CA HIS A 113 14.13 -17.32 44.54
C HIS A 113 14.31 -18.59 43.70
N GLY A 114 13.84 -18.59 42.45
CA GLY A 114 14.02 -19.69 41.49
C GLY A 114 12.94 -20.75 41.64
N ILE A 115 11.67 -20.36 41.49
CA ILE A 115 10.49 -21.26 41.56
C ILE A 115 9.48 -20.85 40.49
N GLU A 116 8.64 -21.79 40.03
CA GLU A 116 7.65 -21.59 38.95
C GLU A 116 6.59 -20.57 39.42
N THR A 117 6.27 -19.60 38.56
CA THR A 117 5.23 -18.57 38.79
C THR A 117 3.86 -19.25 38.77
N PRO A 118 2.96 -18.96 39.74
CA PRO A 118 1.65 -19.61 39.79
C PRO A 118 0.74 -19.19 38.63
N LYS A 119 -0.19 -20.07 38.26
CA LYS A 119 -1.13 -19.92 37.12
C LYS A 119 -2.00 -18.67 37.34
N TYR A 120 -2.55 -18.51 38.55
CA TYR A 120 -3.44 -17.38 38.94
C TYR A 120 -2.71 -16.46 39.93
N LEU A 121 -3.31 -15.30 40.21
CA LEU A 121 -2.73 -14.23 41.07
C LEU A 121 -2.76 -14.65 42.53
N ALA A 122 -1.79 -14.18 43.33
CA ALA A 122 -1.63 -14.48 44.77
C ALA A 122 -1.94 -13.22 45.60
N ASP A 123 -1.91 -13.35 46.93
CA ASP A 123 -2.26 -12.27 47.89
C ASP A 123 -1.02 -11.85 48.69
N LEU A 124 -0.26 -12.80 49.21
CA LEU A 124 0.93 -12.56 50.07
C LEU A 124 2.09 -13.50 49.69
N PHE A 125 3.32 -13.10 50.00
CA PHE A 125 4.56 -13.90 49.85
C PHE A 125 5.44 -13.72 51.08
N ASP A 126 5.75 -14.83 51.77
CA ASP A 126 6.56 -14.86 53.02
C ASP A 126 8.02 -15.16 52.65
N TYR A 127 8.92 -14.21 52.96
CA TYR A 127 10.36 -14.25 52.59
C TYR A 127 11.10 -15.35 53.37
N LYS A 128 10.61 -15.69 54.57
CA LYS A 128 11.21 -16.73 55.46
C LYS A 128 10.80 -18.13 54.96
N THR A 129 9.57 -18.27 54.45
CA THR A 129 9.00 -19.55 53.94
C THR A 129 9.42 -19.78 52.48
N LYS A 130 9.58 -18.70 51.70
CA LYS A 130 9.88 -18.72 50.25
C LYS A 130 8.76 -19.45 49.50
N ARG A 131 7.50 -19.12 49.83
CA ARG A 131 6.28 -19.73 49.23
C ARG A 131 5.17 -18.66 49.17
N PHE A 132 4.29 -18.75 48.16
CA PHE A 132 3.13 -17.84 47.95
C PHE A 132 1.98 -18.26 48.87
N ILE A 133 1.19 -17.29 49.33
CA ILE A 133 0.03 -17.49 50.25
C ILE A 133 -1.24 -16.98 49.56
N GLU A 134 -2.31 -17.80 49.57
CA GLU A 134 -3.64 -17.47 48.99
C GLU A 134 -4.64 -17.29 50.14
N VAL A 135 -5.05 -16.04 50.40
CA VAL A 135 -6.02 -15.67 51.48
C VAL A 135 -7.43 -15.75 50.90
N GLY A 136 -8.41 -16.15 51.72
CA GLY A 136 -9.82 -16.31 51.33
C GLY A 136 -10.77 -16.05 52.48
N ILE A 137 -11.82 -15.26 52.23
CA ILE A 137 -12.93 -14.96 53.21
C ILE A 137 -14.20 -15.65 52.72
N THR A 138 -14.92 -16.33 53.62
CA THR A 138 -16.15 -17.11 53.33
C THR A 138 -17.19 -16.84 54.42
N LYS A 139 -18.46 -17.12 54.12
CA LYS A 139 -19.63 -16.85 55.01
C LYS A 139 -19.80 -18.00 56.01
N GLY A 140 -20.10 -19.20 55.51
CA GLY A 140 -20.43 -20.39 56.33
C GLY A 140 -19.19 -21.22 56.66
N LEU A 141 -19.18 -22.49 56.24
CA LEU A 141 -18.11 -23.48 56.53
C LEU A 141 -16.78 -23.01 55.93
N ALA A 142 -15.73 -22.94 56.76
CA ALA A 142 -14.36 -22.50 56.38
C ALA A 142 -13.58 -23.68 55.78
N ASP A 143 -13.82 -24.89 56.28
CA ASP A 143 -13.14 -26.14 55.84
C ASP A 143 -13.60 -26.52 54.43
N ASP A 144 -14.86 -26.22 54.08
CA ASP A 144 -15.46 -26.47 52.75
C ASP A 144 -14.79 -25.57 51.70
N TYR A 145 -14.58 -24.29 52.03
CA TYR A 145 -14.00 -23.25 51.14
C TYR A 145 -12.50 -23.50 50.92
N PHE A 146 -11.86 -24.25 51.84
CA PHE A 146 -10.42 -24.60 51.79
C PHE A 146 -10.16 -25.62 50.67
N TRP A 147 -10.95 -26.69 50.63
CA TRP A 147 -10.77 -27.83 49.69
C TRP A 147 -11.20 -27.47 48.26
N LYS A 148 -12.05 -26.44 48.10
CA LYS A 148 -12.56 -25.97 46.79
C LYS A 148 -11.43 -25.32 45.99
N LYS A 149 -10.61 -24.48 46.64
CA LYS A 149 -9.48 -23.74 46.02
C LYS A 149 -8.24 -24.64 45.92
N LYS A 150 -8.22 -25.76 46.67
CA LYS A 150 -7.13 -26.78 46.62
C LYS A 150 -7.16 -27.52 45.29
N GLU A 151 -8.33 -27.60 44.63
CA GLU A 151 -8.54 -28.25 43.32
C GLU A 151 -7.69 -27.55 42.25
N LYS A 152 -7.75 -26.22 42.21
CA LYS A 152 -7.10 -25.36 41.17
C LYS A 152 -5.59 -25.32 41.41
N LEU A 153 -5.17 -24.85 42.59
CA LEU A 153 -3.74 -24.66 42.96
C LEU A 153 -3.06 -26.03 43.12
N GLY A 154 -3.51 -26.83 44.08
CA GLY A 154 -2.93 -28.15 44.40
C GLY A 154 -1.74 -28.03 45.34
N ASN A 155 -0.60 -27.58 44.82
CA ASN A 155 0.67 -27.36 45.58
C ASN A 155 1.42 -26.16 44.99
N SER A 156 0.70 -25.07 44.70
CA SER A 156 1.24 -23.81 44.14
C SER A 156 1.43 -22.77 45.26
N MET A 157 0.35 -22.50 46.02
CA MET A 157 0.32 -21.53 47.14
C MET A 157 -0.16 -22.22 48.41
N GLU A 158 0.35 -21.80 49.57
CA GLU A 158 -0.07 -22.30 50.91
C GLU A 158 -1.32 -21.53 51.34
N LEU A 159 -2.50 -22.16 51.24
CA LEU A 159 -3.83 -21.53 51.46
C LEU A 159 -4.02 -21.25 52.96
N MET A 160 -4.66 -20.12 53.30
CA MET A 160 -4.99 -19.70 54.69
C MET A 160 -6.38 -19.04 54.70
N ILE A 161 -7.43 -19.84 54.88
CA ILE A 161 -8.85 -19.41 54.82
C ILE A 161 -9.33 -19.06 56.24
N PHE A 162 -10.19 -18.04 56.35
CA PHE A 162 -10.83 -17.58 57.62
C PHE A 162 -12.30 -17.24 57.34
N SER A 163 -13.16 -17.36 58.36
CA SER A 163 -14.61 -17.04 58.33
C SER A 163 -14.98 -16.16 59.52
N TYR A 164 -16.22 -15.65 59.55
CA TYR A 164 -16.73 -14.66 60.53
C TYR A 164 -17.18 -15.34 61.83
N ASN A 165 -17.44 -16.66 61.78
CA ASN A 165 -18.02 -17.45 62.91
C ASN A 165 -16.90 -18.15 63.69
N GLN A 166 -15.69 -17.56 63.72
CA GLN A 166 -14.52 -18.03 64.52
C GLN A 166 -14.17 -19.48 64.14
N ASP A 167 -14.16 -19.76 62.83
CA ASP A 167 -13.82 -21.09 62.25
C ASP A 167 -12.73 -20.91 61.20
N TYR A 168 -11.53 -21.46 61.45
CA TYR A 168 -10.30 -21.25 60.63
C TYR A 168 -9.81 -22.58 60.06
N SER A 169 -9.16 -22.52 58.90
CA SER A 169 -8.54 -23.67 58.19
C SER A 169 -7.22 -23.23 57.54
N LEU A 170 -6.11 -23.33 58.28
CA LEU A 170 -4.76 -22.87 57.87
C LEU A 170 -4.06 -23.95 57.04
N SER A 171 -2.85 -23.65 56.55
CA SER A 171 -2.00 -24.55 55.72
C SER A 171 -1.40 -25.65 56.60
N ASN A 172 -0.76 -26.65 55.97
CA ASN A 172 -0.05 -27.76 56.65
C ASN A 172 1.16 -27.20 57.40
N GLU A 173 2.00 -26.42 56.72
CA GLU A 173 3.16 -25.70 57.30
C GLU A 173 2.68 -24.36 57.87
N SER A 174 2.14 -24.38 59.10
CA SER A 174 1.55 -23.20 59.80
C SER A 174 2.67 -22.25 60.24
N SER A 175 2.93 -21.21 59.43
CA SER A 175 3.91 -20.13 59.70
C SER A 175 3.30 -19.07 60.62
N LEU A 176 1.97 -18.93 60.58
CA LEU A 176 1.18 -17.94 61.38
C LEU A 176 1.37 -18.25 62.88
N ASP A 177 1.85 -17.26 63.64
CA ASP A 177 2.08 -17.35 65.11
C ASP A 177 0.73 -17.31 65.83
N GLU A 178 0.69 -17.75 67.10
CA GLU A 178 -0.54 -17.90 67.92
C GLU A 178 -1.12 -16.52 68.25
N GLU A 179 -0.28 -15.55 68.63
CA GLU A 179 -0.67 -14.16 68.99
C GLU A 179 -1.27 -13.45 67.77
N GLY A 180 -0.66 -13.65 66.59
CA GLY A 180 -1.12 -13.06 65.32
C GLY A 180 -2.44 -13.65 64.85
N LYS A 181 -2.68 -14.94 65.12
CA LYS A 181 -3.90 -15.69 64.74
C LYS A 181 -5.13 -15.11 65.45
N GLY A 182 -4.94 -14.60 66.66
CA GLY A 182 -6.00 -13.99 67.50
C GLY A 182 -6.45 -12.65 66.93
N ARG A 183 -5.51 -11.80 66.50
CA ARG A 183 -5.76 -10.44 65.95
C ARG A 183 -6.70 -10.54 64.73
N VAL A 184 -6.57 -11.60 63.93
CA VAL A 184 -7.39 -11.86 62.71
C VAL A 184 -8.83 -12.16 63.14
N LEU A 185 -9.01 -13.15 64.03
CA LEU A 185 -10.33 -13.64 64.51
C LEU A 185 -11.01 -12.56 65.36
N SER A 186 -10.23 -11.68 66.01
CA SER A 186 -10.71 -10.53 66.83
C SER A 186 -11.49 -9.55 65.95
N ARG A 187 -10.88 -9.12 64.84
CA ARG A 187 -11.43 -8.08 63.93
C ARG A 187 -12.57 -8.67 63.09
N LEU A 188 -12.55 -9.99 62.82
CA LEU A 188 -13.52 -10.69 61.93
C LEU A 188 -14.94 -10.56 62.49
N THR A 189 -15.16 -10.97 63.74
CA THR A 189 -16.50 -11.03 64.40
C THR A 189 -16.91 -9.64 64.91
N GLU A 190 -15.93 -8.78 65.22
CA GLU A 190 -16.17 -7.37 65.67
C GLU A 190 -16.94 -6.61 64.59
N LEU A 191 -16.55 -6.78 63.32
CA LEU A 191 -17.23 -6.18 62.14
C LEU A 191 -18.59 -6.86 61.92
N GLN A 192 -18.64 -8.18 62.08
CA GLN A 192 -19.86 -9.02 61.92
C GLN A 192 -20.92 -8.61 62.96
N ALA A 193 -20.47 -8.15 64.13
CA ALA A 193 -21.33 -7.66 65.23
C ALA A 193 -21.87 -6.26 64.88
N GLU A 194 -21.01 -5.39 64.34
CA GLU A 194 -21.35 -4.00 63.92
C GLU A 194 -22.40 -4.02 62.80
N LEU A 195 -22.30 -4.99 61.88
CA LEU A 195 -23.21 -5.14 60.71
C LEU A 195 -24.62 -5.54 61.19
N SER A 196 -24.69 -6.50 62.12
CA SER A 196 -25.96 -7.04 62.69
C SER A 196 -26.67 -5.98 63.53
N LEU A 197 -25.93 -5.01 64.08
CA LEU A 197 -26.46 -3.94 64.97
C LEU A 197 -27.27 -2.93 64.14
N LYS A 198 -26.76 -2.53 62.97
CA LYS A 198 -27.38 -1.50 62.08
C LYS A 198 -28.27 -2.17 61.01
N ASN A 199 -28.43 -3.49 61.07
CA ASN A 199 -29.28 -4.29 60.15
C ASN A 199 -28.69 -4.26 58.73
N LEU A 200 -27.36 -4.25 58.62
CA LEU A 200 -26.60 -4.21 57.34
C LEU A 200 -25.93 -5.55 57.07
N TRP A 201 -26.12 -6.54 57.95
CA TRP A 201 -25.59 -7.93 57.80
C TRP A 201 -26.39 -8.68 56.73
N GLN A 202 -27.67 -8.33 56.58
CA GLN A 202 -28.63 -8.97 55.62
C GLN A 202 -28.24 -8.62 54.17
N VAL A 203 -27.51 -7.52 53.96
CA VAL A 203 -27.08 -7.01 52.61
C VAL A 203 -25.98 -7.93 52.07
N LEU A 204 -25.04 -8.34 52.93
CA LEU A 204 -23.85 -9.15 52.55
C LEU A 204 -24.24 -10.62 52.31
N ILE A 205 -25.18 -11.14 53.10
CA ILE A 205 -25.66 -12.56 53.04
C ILE A 205 -26.37 -12.78 51.69
N GLY A 206 -27.26 -11.86 51.30
CA GLY A 206 -28.00 -11.92 50.02
C GLY A 206 -27.08 -11.88 48.82
N GLU A 207 -27.50 -12.49 47.71
CA GLU A 207 -26.70 -12.62 46.45
C GLU A 207 -26.76 -11.28 45.68
N GLU A 208 -25.66 -10.95 44.97
CA GLU A 208 -25.47 -9.63 44.29
C GLU A 208 -24.74 -9.84 42.96
N ASP A 209 -25.46 -9.69 41.84
CA ASP A 209 -24.94 -9.78 40.46
C ASP A 209 -25.88 -9.04 39.50
N VAL A 210 -25.38 -8.00 38.83
CA VAL A 210 -26.14 -7.18 37.83
C VAL A 210 -25.25 -6.95 36.60
N GLU A 211 -25.86 -6.85 35.41
CA GLU A 211 -25.15 -6.64 34.12
C GLU A 211 -24.54 -5.24 34.08
N LYS A 212 -23.26 -5.14 33.71
CA LYS A 212 -22.53 -3.86 33.56
C LYS A 212 -22.83 -3.29 32.17
N GLY A 213 -24.05 -2.75 32.00
CA GLY A 213 -24.53 -2.15 30.73
C GLY A 213 -23.65 -0.99 30.30
N ILE A 214 -23.21 -1.00 29.03
CA ILE A 214 -22.30 0.04 28.44
C ILE A 214 -23.10 1.34 28.29
N ASP A 215 -22.82 2.32 29.15
CA ASP A 215 -23.57 3.61 29.24
C ASP A 215 -22.92 4.65 28.33
N PHE A 216 -23.70 5.18 27.37
CA PHE A 216 -23.32 6.29 26.47
C PHE A 216 -24.58 7.10 26.12
N LYS A 217 -24.85 8.16 26.90
CA LYS A 217 -26.04 9.03 26.75
C LYS A 217 -25.61 10.42 26.30
N LEU A 218 -26.40 11.04 25.42
CA LEU A 218 -26.12 12.36 24.81
C LEU A 218 -26.68 13.46 25.71
N GLY A 219 -25.92 14.55 25.90
CA GLY A 219 -26.27 15.68 26.77
C GLY A 219 -27.28 16.62 26.12
N GLN A 220 -27.25 17.90 26.50
CA GLN A 220 -28.22 18.94 26.08
C GLN A 220 -27.80 19.52 24.72
N THR A 221 -26.57 20.02 24.63
CA THR A 221 -26.03 20.76 23.45
C THR A 221 -25.96 19.85 22.22
N ILE A 222 -25.38 18.66 22.37
CA ILE A 222 -25.13 17.69 21.25
C ILE A 222 -26.47 17.17 20.71
N SER A 223 -27.45 16.96 21.59
CA SER A 223 -28.82 16.51 21.24
C SER A 223 -29.54 17.58 20.43
N ARG A 224 -29.39 18.85 20.82
CA ARG A 224 -29.95 20.04 20.13
C ARG A 224 -29.41 20.09 18.69
N LEU A 225 -28.13 19.78 18.51
CA LEU A 225 -27.44 19.76 17.18
C LEU A 225 -28.02 18.62 16.33
N ARG A 226 -28.25 17.45 16.92
CA ARG A 226 -28.78 16.26 16.20
C ARG A 226 -30.22 16.50 15.75
N ASP A 227 -30.99 17.30 16.51
CA ASP A 227 -32.41 17.63 16.20
C ASP A 227 -32.48 18.43 14.90
N ILE A 228 -31.60 19.41 14.71
CA ILE A 228 -31.55 20.29 13.49
C ILE A 228 -30.85 19.54 12.35
N SER A 229 -30.03 18.52 12.66
CA SER A 229 -29.24 17.73 11.69
C SER A 229 -30.10 16.61 11.08
N VAL A 230 -31.30 16.94 10.58
CA VAL A 230 -32.28 15.98 9.99
C VAL A 230 -32.78 16.52 8.66
N PRO A 231 -33.24 15.66 7.72
CA PRO A 231 -33.79 16.11 6.45
C PRO A 231 -35.11 16.90 6.61
N ALA A 232 -35.61 17.45 5.50
CA ALA A 232 -36.86 18.25 5.44
C ALA A 232 -38.08 17.34 5.67
N GLY A 233 -39.02 17.79 6.50
CA GLY A 233 -40.23 17.03 6.89
C GLY A 233 -39.97 16.18 8.13
N PHE A 234 -39.30 16.74 9.13
CA PHE A 234 -39.00 16.11 10.44
C PHE A 234 -38.91 17.18 11.53
N SER A 235 -39.62 16.97 12.65
CA SER A 235 -39.69 17.89 13.82
C SER A 235 -38.39 17.81 14.62
N ASN A 236 -37.95 16.60 14.97
CA ASN A 236 -36.71 16.32 15.72
C ASN A 236 -36.16 14.95 15.29
N PHE A 237 -35.06 14.51 15.90
CA PHE A 237 -34.31 13.28 15.54
C PHE A 237 -35.18 12.03 15.78
N GLU A 238 -35.95 12.01 16.88
CA GLU A 238 -36.86 10.89 17.27
C GLU A 238 -37.72 10.50 16.07
N GLY A 239 -38.22 11.48 15.31
CA GLY A 239 -39.00 11.30 14.08
C GLY A 239 -38.19 10.59 13.00
N MET A 240 -36.92 11.00 12.81
CA MET A 240 -36.00 10.44 11.80
C MET A 240 -35.63 9.00 12.19
N ARG A 241 -35.39 8.74 13.48
CA ARG A 241 -35.00 7.40 14.01
C ARG A 241 -36.11 6.39 13.73
N SER A 242 -37.35 6.71 14.13
CA SER A 242 -38.55 5.84 14.02
C SER A 242 -38.89 5.56 12.55
N TYR A 243 -38.83 6.60 11.70
CA TYR A 243 -39.16 6.54 10.26
C TYR A 243 -38.27 5.49 9.57
N ILE A 244 -36.95 5.62 9.70
CA ILE A 244 -35.93 4.73 9.07
C ILE A 244 -36.15 3.29 9.56
N ASP A 245 -36.53 3.13 10.83
CA ASP A 245 -36.71 1.81 11.49
C ASP A 245 -38.03 1.15 11.05
N ASN A 246 -39.11 1.93 10.90
CA ASN A 246 -40.49 1.42 10.72
C ASN A 246 -40.83 1.27 9.23
N ILE A 247 -41.00 2.39 8.52
CA ILE A 247 -41.66 2.46 7.18
C ILE A 247 -40.85 1.65 6.15
N ASP A 248 -41.50 1.27 5.04
CA ASP A 248 -40.92 0.48 3.93
C ASP A 248 -41.05 1.29 2.64
N PRO A 249 -39.93 1.74 2.02
CA PRO A 249 -39.99 2.65 0.86
C PRO A 249 -40.12 2.00 -0.53
N LYS A 250 -39.98 0.68 -0.62
CA LYS A 250 -39.95 -0.09 -1.90
C LYS A 250 -40.91 0.52 -2.91
N GLY A 251 -40.39 0.86 -4.11
CA GLY A 251 -41.13 1.56 -5.17
C GLY A 251 -41.07 3.07 -5.01
N ALA A 252 -39.94 3.60 -4.52
CA ALA A 252 -39.67 5.04 -4.37
C ALA A 252 -38.82 5.53 -5.54
N ILE A 253 -37.72 4.82 -5.83
CA ILE A 253 -36.81 5.10 -6.99
C ILE A 253 -37.65 5.10 -8.28
N GLU A 254 -38.53 4.11 -8.43
CA GLU A 254 -39.48 3.97 -9.56
C GLU A 254 -40.35 5.24 -9.66
N ARG A 255 -40.92 5.65 -8.52
CA ARG A 255 -41.84 6.82 -8.40
C ARG A 255 -41.10 8.12 -8.72
N ASN A 256 -39.82 8.21 -8.31
CA ASN A 256 -38.99 9.43 -8.49
C ASN A 256 -38.55 9.56 -9.95
N LEU A 257 -38.04 8.48 -10.56
CA LEU A 257 -37.60 8.46 -11.98
C LEU A 257 -38.80 8.73 -12.90
N ALA A 258 -40.02 8.43 -12.44
CA ALA A 258 -41.28 8.74 -13.14
C ALA A 258 -41.51 10.25 -13.15
N ARG A 259 -41.47 10.89 -11.97
CA ARG A 259 -41.86 12.31 -11.76
C ARG A 259 -40.71 13.26 -12.14
N MET A 260 -39.47 12.76 -12.21
CA MET A 260 -38.26 13.55 -12.59
C MET A 260 -38.39 13.99 -14.05
N SER A 261 -37.92 15.20 -14.37
CA SER A 261 -37.98 15.82 -15.71
C SER A 261 -37.09 15.05 -16.68
N PRO A 262 -37.58 14.72 -17.90
CA PRO A 262 -36.76 14.04 -18.91
C PRO A 262 -35.49 14.81 -19.33
N LEU A 263 -35.47 16.13 -19.12
CA LEU A 263 -34.32 17.03 -19.42
C LEU A 263 -33.03 16.46 -18.82
N VAL A 264 -33.13 15.90 -17.60
CA VAL A 264 -32.00 15.22 -16.90
C VAL A 264 -31.73 13.90 -17.63
N SER A 265 -30.55 13.78 -18.26
CA SER A 265 -30.10 12.58 -19.03
C SER A 265 -28.63 12.72 -19.43
N VAL A 266 -27.98 11.59 -19.76
CA VAL A 266 -26.58 11.55 -20.25
C VAL A 266 -26.54 12.00 -21.72
N THR A 267 -27.69 12.02 -22.40
CA THR A 267 -27.84 12.45 -23.82
C THR A 267 -26.71 11.84 -24.63
N PRO A 268 -26.65 10.50 -24.76
CA PRO A 268 -25.50 9.82 -25.36
C PRO A 268 -25.47 9.94 -26.88
N LYS A 269 -24.29 9.74 -27.48
CA LYS A 269 -24.11 9.64 -28.95
C LYS A 269 -22.93 8.70 -29.24
N LYS A 270 -23.07 7.84 -30.26
CA LYS A 270 -22.00 6.91 -30.71
C LYS A 270 -20.92 7.74 -31.40
N LEU A 271 -19.64 7.46 -31.07
CA LEU A 271 -18.48 8.21 -31.61
C LEU A 271 -18.14 7.66 -33.00
N THR A 272 -18.06 8.54 -34.00
CA THR A 272 -17.61 8.26 -35.38
C THR A 272 -16.39 9.14 -35.67
N TRP A 273 -15.41 8.62 -36.43
CA TRP A 273 -14.08 9.24 -36.66
C TRP A 273 -14.21 10.74 -36.96
N GLU A 274 -15.15 11.15 -37.81
CA GLU A 274 -15.27 12.55 -38.32
C GLU A 274 -15.88 13.47 -37.26
N ASP A 275 -16.27 12.93 -36.09
CA ASP A 275 -16.67 13.72 -34.90
C ASP A 275 -15.42 14.28 -34.21
N LEU A 276 -14.31 13.52 -34.24
CA LEU A 276 -13.02 13.90 -33.59
C LEU A 276 -12.37 15.05 -34.35
N ARG A 277 -12.84 16.28 -34.12
CA ARG A 277 -12.25 17.53 -34.67
C ARG A 277 -10.85 17.71 -34.07
N PRO A 278 -9.89 18.32 -34.79
CA PRO A 278 -8.52 18.47 -34.28
C PRO A 278 -8.47 19.37 -33.04
N ILE A 279 -7.76 18.91 -32.00
CA ILE A 279 -7.61 19.62 -30.69
C ILE A 279 -6.77 20.89 -30.89
N GLY A 280 -7.11 21.97 -30.19
CA GLY A 280 -6.39 23.25 -30.23
C GLY A 280 -6.54 23.93 -31.59
N PRO A 281 -7.64 24.66 -31.84
CA PRO A 281 -7.80 25.40 -33.09
C PRO A 281 -6.85 26.61 -33.18
N HIS A 282 -6.61 27.27 -32.03
CA HIS A 282 -5.86 28.55 -31.93
C HIS A 282 -4.38 28.37 -32.29
N ILE A 283 -3.80 27.19 -32.07
CA ILE A 283 -2.33 26.94 -32.23
C ILE A 283 -1.93 27.06 -33.70
N TYR A 284 -2.88 26.97 -34.63
CA TYR A 284 -2.66 27.07 -36.10
C TYR A 284 -2.80 28.53 -36.57
N ASN A 285 -3.51 29.36 -35.81
CA ASN A 285 -3.73 30.81 -36.09
C ASN A 285 -2.38 31.55 -36.01
N HIS A 286 -2.09 32.41 -36.98
CA HIS A 286 -0.79 33.13 -37.12
C HIS A 286 -0.86 34.53 -36.48
N GLU A 287 -2.06 35.01 -36.14
CA GLU A 287 -2.27 36.28 -35.38
C GLU A 287 -1.47 36.23 -34.07
N LEU A 288 -1.51 35.09 -33.38
CA LEU A 288 -0.79 34.86 -32.10
C LEU A 288 0.71 34.78 -32.36
N PRO A 289 1.56 35.09 -31.35
CA PRO A 289 3.01 35.00 -31.49
C PRO A 289 3.52 33.56 -31.37
N GLU A 290 4.54 33.22 -32.17
CA GLU A 290 5.31 31.95 -32.10
C GLU A 290 5.77 31.73 -30.65
N VAL A 291 5.51 30.54 -30.09
CA VAL A 291 5.91 30.18 -28.70
C VAL A 291 7.43 30.29 -28.59
N PRO A 292 7.97 30.99 -27.56
CA PRO A 292 9.41 31.13 -27.40
C PRO A 292 10.07 29.95 -26.68
N TYR A 293 11.38 29.77 -26.86
CA TYR A 293 12.22 28.82 -26.08
C TYR A 293 12.24 29.30 -24.62
N ASN A 294 11.83 28.45 -23.68
CA ASN A 294 11.71 28.80 -22.23
C ASN A 294 12.28 27.68 -21.35
N ALA A 295 13.16 26.85 -21.90
CA ALA A 295 13.90 25.81 -21.12
C ALA A 295 14.99 26.50 -20.30
N PHE A 296 15.38 25.89 -19.18
CA PHE A 296 16.36 26.45 -18.21
C PHE A 296 17.72 26.63 -18.90
N LEU A 297 18.22 25.55 -19.52
CA LEU A 297 19.47 25.54 -20.30
C LEU A 297 19.14 25.37 -21.79
N LEU A 298 20.15 25.57 -22.65
CA LEU A 298 20.10 25.32 -24.11
C LEU A 298 20.20 23.81 -24.32
N MET A 299 19.51 23.26 -25.34
CA MET A 299 19.44 21.80 -25.59
C MET A 299 20.12 21.44 -26.91
N SER A 300 19.41 21.53 -28.04
CA SER A 300 19.92 21.15 -29.38
C SER A 300 20.96 22.17 -29.85
N ASP A 301 20.77 23.45 -29.50
CA ASP A 301 21.59 24.60 -29.97
C ASP A 301 22.89 24.68 -29.18
N GLU A 302 22.99 23.95 -28.06
CA GLU A 302 24.15 23.96 -27.12
C GLU A 302 25.45 23.73 -27.90
N LEU A 303 26.57 24.21 -27.35
CA LEU A 303 27.93 24.05 -27.92
C LEU A 303 28.93 23.90 -26.77
N GLY A 304 29.43 22.68 -26.54
CA GLY A 304 30.44 22.39 -25.51
C GLY A 304 31.84 22.62 -26.05
N LEU A 305 32.74 23.16 -25.21
CA LEU A 305 34.19 23.33 -25.52
C LEU A 305 34.95 22.11 -24.97
N ALA A 306 35.45 21.26 -25.87
CA ALA A 306 36.13 19.98 -25.55
C ALA A 306 37.50 20.27 -24.93
N ASN A 307 37.75 19.73 -23.73
CA ASN A 307 39.06 19.80 -23.02
C ASN A 307 39.40 18.40 -22.51
N MET A 308 40.24 17.66 -23.24
CA MET A 308 40.60 16.25 -22.94
C MET A 308 41.30 16.20 -21.57
N THR A 309 40.74 15.45 -20.63
CA THR A 309 41.15 15.41 -19.20
C THR A 309 42.34 14.45 -19.03
N GLU A 310 43.06 14.57 -17.90
CA GLU A 310 44.21 13.71 -17.54
C GLU A 310 43.72 12.45 -16.82
N GLY A 311 42.47 12.05 -17.05
CA GLY A 311 41.83 10.86 -16.45
C GLY A 311 41.69 10.98 -14.93
N LYS A 312 41.48 12.21 -14.44
CA LYS A 312 41.33 12.53 -13.00
C LYS A 312 40.27 13.62 -12.83
N SER A 313 39.56 13.61 -11.70
CA SER A 313 38.51 14.61 -11.34
C SER A 313 39.16 15.86 -10.75
N LYS A 314 38.72 17.04 -11.20
CA LYS A 314 39.26 18.36 -10.80
C LYS A 314 38.11 19.22 -10.27
N LYS A 315 38.42 20.31 -9.57
CA LYS A 315 37.42 21.28 -9.04
C LYS A 315 36.73 21.96 -10.22
N PRO A 316 35.44 22.34 -10.07
CA PRO A 316 34.66 22.90 -11.19
C PRO A 316 35.25 24.21 -11.73
N LYS A 317 35.75 25.07 -10.81
CA LYS A 317 36.41 26.37 -11.14
C LYS A 317 37.68 26.10 -11.96
N THR A 318 38.53 25.18 -11.50
CA THR A 318 39.79 24.76 -12.16
C THR A 318 39.48 24.20 -13.55
N LEU A 319 38.46 23.34 -13.64
CA LEU A 319 38.00 22.74 -14.92
C LEU A 319 37.59 23.84 -15.90
N ALA A 320 36.67 24.71 -15.46
CA ALA A 320 36.16 25.87 -16.23
C ALA A 320 37.33 26.78 -16.64
N LYS A 321 38.32 26.95 -15.76
CA LYS A 321 39.60 27.67 -16.05
C LYS A 321 40.30 26.96 -17.21
N GLU A 322 40.78 25.73 -17.00
CA GLU A 322 41.60 24.97 -17.99
C GLU A 322 40.87 24.90 -19.34
N CYS A 323 39.55 24.68 -19.31
CA CYS A 323 38.69 24.61 -20.53
C CYS A 323 38.78 25.94 -21.30
N LEU A 324 38.85 27.07 -20.59
CA LEU A 324 38.93 28.43 -21.20
C LEU A 324 40.39 28.76 -21.56
N GLU A 325 41.36 28.19 -20.84
CA GLU A 325 42.82 28.34 -21.12
C GLU A 325 43.10 27.85 -22.53
N LYS A 326 42.51 26.71 -22.92
CA LYS A 326 42.63 26.14 -24.29
C LYS A 326 42.02 27.10 -25.32
N TYR A 327 40.75 27.51 -25.11
CA TYR A 327 39.99 28.41 -26.01
C TYR A 327 40.19 29.87 -25.56
N SER A 328 41.45 30.32 -25.55
CA SER A 328 41.91 31.64 -25.03
C SER A 328 41.34 32.77 -25.88
N THR A 329 41.12 32.55 -27.18
CA THR A 329 40.58 33.54 -28.16
C THR A 329 39.20 34.02 -27.71
N LEU A 330 38.40 33.14 -27.10
CA LEU A 330 37.00 33.43 -26.65
C LEU A 330 37.05 33.99 -25.23
N ARG A 331 37.90 33.40 -24.36
CA ARG A 331 38.11 33.80 -22.94
C ARG A 331 38.61 35.25 -22.90
N ASP A 332 39.53 35.61 -23.81
CA ASP A 332 40.12 36.96 -23.96
C ASP A 332 39.45 37.66 -25.16
N GLN A 333 38.12 37.75 -25.14
CA GLN A 333 37.31 38.61 -26.06
C GLN A 333 36.54 39.60 -25.19
N THR A 334 37.07 40.83 -25.08
CA THR A 334 36.60 41.89 -24.15
C THR A 334 35.68 42.87 -24.91
N ASP A 335 35.55 42.73 -26.23
CA ASP A 335 34.78 43.65 -27.11
C ASP A 335 33.37 43.08 -27.31
N PRO A 336 32.31 43.77 -26.80
CA PRO A 336 30.94 43.30 -26.94
C PRO A 336 30.38 43.57 -28.35
N ILE A 337 30.02 42.51 -29.08
CA ILE A 337 29.39 42.57 -30.43
C ILE A 337 27.95 42.04 -30.31
N LEU A 338 27.02 42.90 -29.87
CA LEU A 338 25.60 42.56 -29.61
C LEU A 338 24.92 42.13 -30.91
N ILE A 339 24.09 41.09 -30.87
CA ILE A 339 23.34 40.53 -32.03
C ILE A 339 21.84 40.63 -31.75
N MET A 340 21.39 40.03 -30.65
CA MET A 340 19.98 40.00 -30.19
C MET A 340 19.91 40.59 -28.77
N LYS A 341 18.83 41.31 -28.44
CA LYS A 341 18.61 41.91 -27.10
C LYS A 341 17.19 41.58 -26.61
N SER A 342 17.08 41.11 -25.37
CA SER A 342 15.78 40.85 -24.67
C SER A 342 15.10 42.19 -24.37
N GLU A 343 13.76 42.23 -24.45
CA GLU A 343 12.93 43.45 -24.35
C GLU A 343 13.32 44.25 -23.09
N LYS A 344 13.28 43.61 -21.93
CA LYS A 344 13.66 44.22 -20.62
C LYS A 344 14.96 43.58 -20.12
N ALA A 345 16.09 44.00 -20.68
CA ALA A 345 17.46 43.55 -20.33
C ALA A 345 18.45 44.68 -20.58
N ASN A 346 19.68 44.55 -20.07
CA ASN A 346 20.75 45.59 -20.12
C ASN A 346 21.99 44.99 -20.78
N GLU A 347 22.33 45.49 -21.99
CA GLU A 347 23.50 45.05 -22.78
C GLU A 347 24.77 45.14 -21.92
N ASN A 348 24.96 46.28 -21.24
CA ASN A 348 26.18 46.62 -20.47
C ASN A 348 26.30 45.67 -19.27
N PHE A 349 25.32 45.69 -18.38
CA PHE A 349 25.29 44.91 -17.11
C PHE A 349 25.59 43.43 -17.42
N LEU A 350 24.83 42.83 -18.35
CA LEU A 350 24.96 41.40 -18.75
C LEU A 350 26.41 41.11 -19.16
N TRP A 351 26.94 41.88 -20.11
CA TRP A 351 28.31 41.69 -20.67
C TRP A 351 29.34 41.86 -19.55
N LYS A 352 29.19 42.91 -18.72
CA LYS A 352 30.05 43.17 -17.54
C LYS A 352 30.01 41.95 -16.61
N LEU A 353 28.83 41.34 -16.46
CA LEU A 353 28.61 40.14 -15.59
C LEU A 353 29.32 38.93 -16.21
N TRP A 354 29.13 38.68 -17.51
CA TRP A 354 29.83 37.62 -18.29
C TRP A 354 31.34 37.77 -18.10
N ARG A 355 31.84 39.00 -18.32
CA ARG A 355 33.26 39.38 -18.17
C ARG A 355 33.71 39.09 -16.73
N ASP A 356 32.89 39.47 -15.75
CA ASP A 356 33.14 39.24 -14.31
C ASP A 356 33.27 37.73 -14.05
N CYS A 357 32.37 36.93 -14.64
CA CYS A 357 32.36 35.44 -14.57
C CYS A 357 33.67 34.90 -15.15
N VAL A 358 33.96 35.26 -16.41
CA VAL A 358 35.17 34.77 -17.16
C VAL A 358 36.43 35.17 -16.39
N ASN A 359 36.43 36.37 -15.78
CA ASN A 359 37.57 36.90 -14.99
C ASN A 359 37.71 36.12 -13.68
N THR A 360 36.61 35.95 -12.95
CA THR A 360 36.56 35.31 -11.60
C THR A 360 36.87 33.81 -11.73
N ILE A 361 36.43 33.17 -12.82
CA ILE A 361 36.64 31.71 -13.08
C ILE A 361 38.07 31.47 -13.58
N SER A 362 38.72 32.50 -14.15
CA SER A 362 40.07 32.42 -14.76
C SER A 362 41.17 32.74 -13.73
N ASN A 363 40.84 33.39 -12.60
CA ASN A 363 41.83 33.93 -11.63
C ASN A 363 42.50 32.77 -10.88
N GLU A 364 43.51 33.08 -10.06
CA GLU A 364 44.35 32.10 -9.32
C GLU A 364 43.75 31.79 -7.94
N GLU A 365 42.65 32.47 -7.57
CA GLU A 365 42.01 32.35 -6.23
C GLU A 365 41.24 31.03 -6.16
N MET A 366 41.11 30.46 -4.96
CA MET A 366 40.35 29.21 -4.68
C MET A 366 38.84 29.49 -4.87
N SER A 367 38.35 30.56 -4.24
CA SER A 367 36.91 30.95 -4.20
C SER A 367 36.40 31.24 -5.62
N ASN A 368 35.10 30.99 -5.84
CA ASN A 368 34.37 31.27 -7.11
C ASN A 368 33.32 32.35 -6.85
N GLU A 369 33.42 33.06 -5.71
CA GLU A 369 32.43 34.08 -5.27
C GLU A 369 32.53 35.31 -6.18
N LEU A 370 31.39 35.97 -6.41
CA LEU A 370 31.27 37.16 -7.27
C LEU A 370 30.82 38.35 -6.41
N GLN A 371 31.53 39.49 -6.49
CA GLN A 371 31.24 40.72 -5.72
C GLN A 371 29.88 41.27 -6.15
N LYS A 372 29.06 41.70 -5.19
CA LYS A 372 27.66 42.13 -5.41
C LYS A 372 27.65 43.52 -6.06
N THR A 373 28.08 43.59 -7.32
CA THR A 373 28.19 44.83 -8.13
C THR A 373 26.79 45.32 -8.52
N ASN A 374 26.71 46.52 -9.10
CA ASN A 374 25.45 47.16 -9.58
C ASN A 374 24.81 46.27 -10.65
N TYR A 375 25.62 45.67 -11.52
CA TYR A 375 25.16 44.84 -12.67
C TYR A 375 24.73 43.45 -12.17
N ALA A 376 25.52 42.85 -11.27
CA ALA A 376 25.21 41.55 -10.60
C ALA A 376 23.90 41.71 -9.80
N LYS A 377 23.79 42.78 -9.01
CA LYS A 377 22.58 43.10 -8.19
C LYS A 377 21.35 43.18 -9.11
N TRP A 378 21.45 43.90 -10.23
CA TRP A 378 20.36 44.01 -11.23
C TRP A 378 20.06 42.64 -11.81
N ALA A 379 21.11 41.92 -12.24
CA ALA A 379 21.02 40.60 -12.92
C ALA A 379 20.31 39.59 -12.03
N THR A 380 20.69 39.50 -10.75
CA THR A 380 20.07 38.59 -9.75
C THR A 380 18.74 39.19 -9.26
N GLY A 381 18.55 40.51 -9.42
CA GLY A 381 17.31 41.23 -9.04
C GLY A 381 17.27 41.45 -7.53
N ASP A 382 18.13 42.33 -7.03
CA ASP A 382 18.36 42.54 -5.57
C ASP A 382 17.24 43.42 -5.00
N GLY A 383 16.81 43.10 -3.78
CA GLY A 383 15.84 43.86 -2.97
C GLY A 383 14.58 44.24 -3.73
N LEU A 384 14.08 43.34 -4.59
CA LEU A 384 12.86 43.57 -5.40
C LEU A 384 11.62 43.14 -4.61
N THR A 385 11.79 42.34 -3.56
CA THR A 385 10.68 41.90 -2.66
C THR A 385 9.93 43.14 -2.16
N TYR A 386 8.61 43.08 -2.15
CA TYR A 386 7.72 44.17 -1.65
C TYR A 386 7.81 44.19 -0.12
N GLN A 387 8.02 45.37 0.47
CA GLN A 387 8.20 45.55 1.94
C GLN A 387 6.88 45.22 2.64
N LYS A 388 6.93 44.33 3.63
CA LYS A 388 5.75 43.89 4.44
C LYS A 388 5.42 45.00 5.44
N ILE A 389 4.12 45.36 5.55
CA ILE A 389 3.60 46.38 6.50
C ILE A 389 2.41 45.77 7.27
N MET A 390 1.98 46.45 8.34
CA MET A 390 0.83 46.04 9.19
C MET A 390 -0.45 46.04 8.36
N LYS A 391 -1.44 45.23 8.76
CA LYS A 391 -2.79 45.17 8.13
C LYS A 391 -3.47 46.53 8.32
N GLU A 392 -3.31 47.15 9.48
CA GLU A 392 -4.01 48.41 9.89
C GLU A 392 -3.65 49.54 8.91
N VAL A 393 -2.37 49.66 8.54
CA VAL A 393 -1.86 50.70 7.60
C VAL A 393 -2.34 50.37 6.19
N ALA A 394 -2.23 49.10 5.79
CA ALA A 394 -2.60 48.57 4.45
C ALA A 394 -4.08 48.82 4.18
N ILE A 395 -4.95 48.55 5.18
CA ILE A 395 -6.42 48.76 5.10
C ILE A 395 -6.70 50.26 5.02
N ASP A 396 -5.89 51.09 5.68
CA ASP A 396 -6.04 52.58 5.70
C ASP A 396 -5.62 53.14 4.34
N ASP A 397 -4.55 52.60 3.74
CA ASP A 397 -4.04 53.00 2.39
C ASP A 397 -5.03 52.54 1.31
N GLU A 398 -5.33 53.41 0.35
CA GLU A 398 -6.31 53.17 -0.74
C GLU A 398 -5.60 52.59 -1.97
N THR A 399 -4.42 53.11 -2.32
CA THR A 399 -3.64 52.73 -3.52
C THR A 399 -3.28 51.23 -3.47
N MET A 400 -3.15 50.66 -2.27
CA MET A 400 -2.83 49.22 -2.06
C MET A 400 -4.08 48.38 -2.38
N CYS A 401 -4.02 47.60 -3.46
CA CYS A 401 -5.12 46.75 -4.00
C CYS A 401 -4.64 45.30 -4.15
N GLN A 402 -5.58 44.39 -4.41
CA GLN A 402 -5.32 43.00 -4.88
C GLN A 402 -5.20 43.05 -6.41
N GLU A 403 -3.99 42.82 -6.94
CA GLU A 403 -3.69 42.93 -8.39
C GLU A 403 -4.28 41.72 -9.12
N GLU A 404 -4.73 41.92 -10.37
CA GLU A 404 -5.29 40.86 -11.25
C GLU A 404 -4.22 39.79 -11.49
N PRO A 405 -4.56 38.49 -11.42
CA PRO A 405 -3.57 37.43 -11.62
C PRO A 405 -3.12 37.35 -13.08
N LYS A 406 -1.81 37.22 -13.32
CA LYS A 406 -1.21 37.06 -14.66
C LYS A 406 -1.51 35.65 -15.18
N ILE A 407 -2.17 35.54 -16.34
CA ILE A 407 -2.57 34.27 -16.99
C ILE A 407 -1.57 33.94 -18.10
N PRO A 408 -1.22 32.66 -18.31
CA PRO A 408 -0.39 32.27 -19.46
C PRO A 408 -1.04 32.68 -20.79
N ASN A 409 -0.36 33.53 -21.56
CA ASN A 409 -0.84 34.05 -22.88
C ASN A 409 -0.88 32.90 -23.89
N LYS A 410 -1.72 33.03 -24.92
CA LYS A 410 -1.90 32.03 -26.00
C LYS A 410 -0.80 32.19 -27.05
N CYS A 411 -0.10 31.10 -27.41
CA CYS A 411 0.92 31.07 -28.49
C CYS A 411 0.43 30.18 -29.65
N ARG A 412 1.15 30.21 -30.77
CA ARG A 412 0.91 29.34 -31.95
C ARG A 412 2.05 28.33 -32.09
N VAL A 413 1.92 27.37 -33.01
CA VAL A 413 2.92 26.28 -33.26
C VAL A 413 4.25 26.94 -33.66
N ALA A 414 5.37 26.32 -33.28
CA ALA A 414 6.75 26.77 -33.60
C ALA A 414 7.61 25.58 -34.02
N ALA A 415 8.33 25.72 -35.14
CA ALA A 415 9.10 24.65 -35.81
C ALA A 415 10.29 24.21 -34.93
N TRP A 416 10.82 25.11 -34.09
CA TRP A 416 12.03 24.86 -33.26
C TRP A 416 11.77 23.70 -32.29
N VAL A 417 10.52 23.45 -31.91
CA VAL A 417 10.12 22.34 -30.99
C VAL A 417 10.30 21.01 -31.74
N GLN A 418 9.70 20.92 -32.94
CA GLN A 418 9.92 19.82 -33.91
C GLN A 418 11.42 19.62 -34.11
N THR A 419 12.12 20.70 -34.48
CA THR A 419 13.58 20.71 -34.78
C THR A 419 14.35 20.14 -33.58
N GLU A 420 13.99 20.59 -32.36
CA GLU A 420 14.57 20.10 -31.08
C GLU A 420 14.36 18.58 -31.00
N MET A 421 13.11 18.14 -31.19
CA MET A 421 12.71 16.70 -31.20
C MET A 421 13.61 15.92 -32.16
N ASN A 422 13.64 16.34 -33.43
CA ASN A 422 14.34 15.66 -34.55
C ASN A 422 15.84 15.53 -34.24
N LEU A 423 16.43 16.56 -33.62
CA LEU A 423 17.89 16.65 -33.35
C LEU A 423 18.25 15.87 -32.08
N LEU A 424 17.48 16.05 -31.00
CA LEU A 424 17.70 15.39 -29.67
C LEU A 424 17.62 13.87 -29.83
N SER A 425 16.78 13.40 -30.76
CA SER A 425 16.58 11.97 -31.13
C SER A 425 17.84 11.39 -31.77
N THR A 426 18.50 12.17 -32.65
CA THR A 426 19.64 11.78 -33.52
C THR A 426 20.78 11.16 -32.72
N LEU A 427 21.60 10.34 -33.38
CA LEU A 427 22.81 9.68 -32.80
C LEU A 427 24.01 10.64 -32.86
N THR A 428 24.97 10.46 -31.95
CA THR A 428 26.27 11.17 -31.90
C THR A 428 27.38 10.14 -31.64
N SER A 429 28.62 10.59 -31.48
CA SER A 429 29.81 9.74 -31.18
C SER A 429 30.23 9.90 -29.70
N LYS A 430 29.40 10.57 -28.91
CA LYS A 430 29.74 11.02 -27.53
C LYS A 430 28.78 10.36 -26.51
N ARG A 431 29.34 9.57 -25.59
CA ARG A 431 28.62 8.96 -24.44
C ARG A 431 28.78 9.85 -23.22
N ALA A 432 27.66 10.23 -22.59
CA ALA A 432 27.61 11.15 -21.42
C ALA A 432 27.33 10.36 -20.14
N LEU A 433 26.32 9.47 -20.15
CA LEU A 433 25.74 8.79 -18.96
C LEU A 433 26.84 8.26 -18.04
N ASP A 434 26.68 8.44 -16.73
CA ASP A 434 27.68 8.13 -15.68
C ASP A 434 27.27 6.84 -14.94
N LEU A 435 26.73 5.86 -15.68
CA LEU A 435 26.14 4.62 -15.11
C LEU A 435 27.20 3.86 -14.33
N PRO A 436 27.05 3.73 -12.99
CA PRO A 436 28.08 3.12 -12.14
C PRO A 436 28.16 1.60 -12.29
N GLU A 437 29.07 0.97 -11.52
CA GLU A 437 29.33 -0.49 -11.56
C GLU A 437 28.12 -1.24 -10.97
N ILE A 438 28.11 -2.57 -11.12
CA ILE A 438 27.02 -3.50 -10.69
C ILE A 438 27.67 -4.79 -10.19
N GLY A 439 26.95 -5.58 -9.39
CA GLY A 439 27.38 -6.91 -8.93
C GLY A 439 27.65 -7.85 -10.10
N PRO A 440 28.52 -8.88 -9.92
CA PRO A 440 28.81 -9.82 -11.01
C PRO A 440 27.59 -10.71 -11.33
N ASP A 441 27.44 -11.10 -12.60
CA ASP A 441 26.34 -11.94 -13.11
C ASP A 441 26.58 -13.39 -12.70
N VAL A 442 25.55 -14.05 -12.15
CA VAL A 442 25.52 -15.50 -11.80
C VAL A 442 24.32 -16.15 -12.48
N ALA A 443 23.11 -15.71 -12.11
CA ALA A 443 21.82 -16.20 -12.65
C ALA A 443 21.73 -15.87 -14.14
N PRO A 444 21.42 -16.85 -15.01
CA PRO A 444 21.25 -16.60 -16.45
C PRO A 444 20.33 -15.42 -16.81
N VAL A 445 19.43 -15.02 -15.91
CA VAL A 445 18.53 -13.84 -16.08
C VAL A 445 19.38 -12.58 -16.11
N GLU A 446 20.38 -12.50 -15.22
CA GLU A 446 21.32 -11.36 -15.08
C GLU A 446 22.23 -11.27 -16.32
N HIS A 447 22.62 -12.41 -16.88
CA HIS A 447 23.45 -12.53 -18.11
C HIS A 447 22.66 -12.02 -19.32
N VAL A 448 21.36 -12.34 -19.41
CA VAL A 448 20.43 -11.82 -20.45
C VAL A 448 20.24 -10.31 -20.21
N GLY A 449 19.99 -9.94 -18.95
CA GLY A 449 19.84 -8.54 -18.50
C GLY A 449 21.03 -7.69 -18.90
N SER A 450 22.25 -8.23 -18.77
CA SER A 450 23.52 -7.57 -19.16
C SER A 450 23.54 -7.33 -20.68
N GLU A 451 23.37 -8.38 -21.47
CA GLU A 451 23.35 -8.31 -22.95
C GLU A 451 22.29 -7.30 -23.40
N ARG A 452 21.04 -7.46 -22.94
CA ARG A 452 19.90 -6.58 -23.29
C ARG A 452 20.32 -5.11 -23.15
N ARG A 453 21.04 -4.77 -22.08
CA ARG A 453 21.53 -3.38 -21.81
C ARG A 453 22.51 -2.96 -22.92
N LYS A 454 23.48 -3.82 -23.26
CA LYS A 454 24.56 -3.50 -24.24
C LYS A 454 23.94 -2.89 -25.50
N TYR A 455 22.70 -3.26 -25.82
CA TYR A 455 21.94 -2.73 -26.98
C TYR A 455 21.08 -1.53 -26.56
N PHE A 456 20.36 -1.66 -25.43
CA PHE A 456 19.31 -0.70 -24.96
C PHE A 456 19.96 0.62 -24.50
N VAL A 457 20.90 0.54 -23.55
CA VAL A 457 21.62 1.68 -22.93
C VAL A 457 22.36 2.46 -24.02
N ASN A 458 23.27 1.79 -24.75
CA ASN A 458 24.19 2.42 -25.74
C ASN A 458 23.39 3.13 -26.84
N GLU A 459 22.18 2.64 -27.17
CA GLU A 459 21.26 3.28 -28.15
C GLU A 459 20.88 4.69 -27.64
N ILE A 460 20.70 4.85 -26.33
CA ILE A 460 20.43 6.16 -25.67
C ILE A 460 21.75 6.93 -25.53
N ASN A 461 22.73 6.30 -24.86
CA ASN A 461 24.05 6.88 -24.50
C ASN A 461 24.64 7.64 -25.70
N TYR A 462 24.63 7.03 -26.89
CA TYR A 462 25.20 7.57 -28.15
C TYR A 462 24.18 8.46 -28.87
N CYS A 463 23.32 9.18 -28.16
CA CYS A 463 22.33 10.12 -28.75
C CYS A 463 22.45 11.50 -28.09
N LYS A 464 21.84 12.52 -28.70
CA LYS A 464 21.95 13.95 -28.28
C LYS A 464 21.23 14.15 -26.95
N ALA A 465 19.96 13.72 -26.86
CA ALA A 465 19.09 13.85 -25.66
C ALA A 465 19.83 13.36 -24.40
N SER A 466 20.56 12.26 -24.50
CA SER A 466 21.30 11.59 -23.39
C SER A 466 22.27 12.57 -22.72
N THR A 467 23.01 13.34 -23.52
CA THR A 467 24.02 14.34 -23.07
C THR A 467 23.29 15.54 -22.44
N VAL A 468 22.31 16.10 -23.16
CA VAL A 468 21.44 17.21 -22.68
C VAL A 468 20.88 16.85 -21.31
N MET A 469 20.33 15.64 -21.16
CA MET A 469 19.80 15.13 -19.86
C MET A 469 20.91 15.18 -18.79
N MET A 470 22.04 14.55 -19.07
CA MET A 470 23.20 14.45 -18.12
C MET A 470 23.71 15.83 -17.74
N LYS A 471 23.60 16.82 -18.64
CA LYS A 471 23.95 18.24 -18.36
C LYS A 471 23.01 18.76 -17.27
N TYR A 472 21.70 18.84 -17.56
CA TYR A 472 20.64 19.31 -16.64
C TYR A 472 20.84 18.72 -15.23
N VAL A 473 20.98 17.40 -15.15
CA VAL A 473 21.19 16.64 -13.88
C VAL A 473 22.39 17.26 -13.14
N LEU A 474 23.57 17.17 -13.75
CA LEU A 474 24.88 17.57 -13.14
C LEU A 474 24.87 19.06 -12.79
N PHE A 475 24.20 19.90 -13.58
CA PHE A 475 24.06 21.36 -13.30
C PHE A 475 23.14 21.55 -12.09
N HIS A 476 21.91 21.05 -12.17
CA HIS A 476 20.88 21.15 -11.08
C HIS A 476 21.43 20.56 -9.78
N THR A 477 22.31 19.55 -9.86
CA THR A 477 23.00 18.93 -8.68
C THR A 477 23.84 20.01 -7.98
N SER A 478 24.80 20.60 -8.70
CA SER A 478 25.78 21.60 -8.17
C SER A 478 25.06 22.90 -7.79
N LEU A 479 24.06 23.31 -8.58
CA LEU A 479 23.26 24.54 -8.37
C LEU A 479 22.54 24.47 -7.02
N LEU A 480 21.95 23.32 -6.69
CA LEU A 480 21.24 23.10 -5.41
C LEU A 480 22.26 23.08 -4.26
N ASN A 481 23.44 22.50 -4.49
CA ASN A 481 24.51 22.39 -3.46
C ASN A 481 24.95 23.79 -3.04
N GLU A 482 25.20 24.70 -4.00
CA GLU A 482 25.57 26.11 -3.72
C GLU A 482 24.41 26.80 -2.99
N SER A 483 23.18 26.62 -3.47
CA SER A 483 21.95 27.31 -3.00
C SER A 483 21.76 27.17 -1.48
N ASN A 484 22.24 26.06 -0.88
CA ASN A 484 22.11 25.78 0.57
C ASN A 484 23.41 26.18 1.28
N ALA A 485 24.55 25.75 0.75
CA ALA A 485 25.90 25.97 1.35
C ALA A 485 26.19 27.48 1.42
N SER A 486 26.22 28.15 0.27
CA SER A 486 26.56 29.59 0.10
C SER A 486 25.29 30.40 -0.18
N MET A 487 24.41 30.50 0.82
CA MET A 487 23.08 31.17 0.72
C MET A 487 23.26 32.65 0.33
N GLY A 488 24.06 33.38 1.10
CA GLY A 488 24.21 34.84 1.01
C GLY A 488 25.11 35.28 -0.13
N LYS A 489 25.99 34.40 -0.62
CA LYS A 489 27.05 34.73 -1.60
C LYS A 489 26.51 34.54 -3.03
N TYR A 490 26.86 35.46 -3.94
CA TYR A 490 26.71 35.31 -5.41
C TYR A 490 27.86 34.42 -5.90
N LYS A 491 27.58 33.35 -6.65
CA LYS A 491 28.60 32.36 -7.07
C LYS A 491 28.50 32.08 -8.58
N VAL A 492 29.66 31.99 -9.24
CA VAL A 492 29.81 31.68 -10.69
C VAL A 492 29.94 30.17 -10.83
N ILE A 493 28.85 29.49 -11.22
CA ILE A 493 28.77 28.02 -11.40
C ILE A 493 28.96 27.70 -12.89
N PRO A 494 29.91 26.81 -13.24
CA PRO A 494 30.10 26.38 -14.63
C PRO A 494 29.11 25.29 -15.04
N ILE A 495 28.79 25.23 -16.34
CA ILE A 495 27.90 24.20 -16.96
C ILE A 495 28.77 23.04 -17.44
N THR A 496 29.21 22.20 -16.50
CA THR A 496 30.16 21.07 -16.72
C THR A 496 29.41 19.87 -17.31
N ASN A 497 30.15 18.95 -17.94
CA ASN A 497 29.66 17.64 -18.45
C ASN A 497 30.86 16.83 -18.93
N ARG A 498 31.09 15.63 -18.35
CA ARG A 498 32.15 14.69 -18.79
C ARG A 498 31.57 13.78 -19.88
N VAL A 499 32.29 13.66 -20.99
CA VAL A 499 31.85 12.91 -22.21
C VAL A 499 32.99 11.97 -22.64
N VAL A 500 32.64 10.82 -23.24
CA VAL A 500 33.61 9.80 -23.76
C VAL A 500 33.30 9.54 -25.24
N ASN A 501 34.34 9.56 -26.09
CA ASN A 501 34.23 9.39 -27.56
C ASN A 501 34.31 7.91 -27.92
N GLU A 502 34.23 7.58 -29.22
CA GLU A 502 34.31 6.19 -29.75
C GLU A 502 35.63 5.54 -29.34
N LYS A 503 36.73 6.28 -29.40
CA LYS A 503 38.11 5.81 -29.09
C LYS A 503 38.26 5.57 -27.58
N GLY A 504 37.51 6.31 -26.76
CA GLY A 504 37.47 6.16 -25.29
C GLY A 504 38.41 7.13 -24.58
N GLU A 505 38.11 8.42 -24.65
CA GLU A 505 38.90 9.53 -24.04
C GLU A 505 37.95 10.49 -23.32
N SER A 506 38.22 10.83 -22.06
CA SER A 506 37.39 11.72 -21.22
C SER A 506 37.56 13.17 -21.67
N PHE A 507 36.61 13.67 -22.47
CA PHE A 507 36.52 15.08 -22.94
C PHE A 507 35.58 15.86 -22.02
N ASP A 508 36.14 16.63 -21.08
CA ASP A 508 35.37 17.55 -20.20
C ASP A 508 34.84 18.73 -21.03
N MET A 509 33.51 18.92 -21.04
CA MET A 509 32.82 19.95 -21.84
C MET A 509 32.47 21.15 -20.96
N LEU A 510 32.32 22.33 -21.57
CA LEU A 510 31.85 23.59 -20.95
C LEU A 510 30.90 24.29 -21.93
N TYR A 511 29.59 24.30 -21.63
CA TYR A 511 28.51 24.85 -22.50
C TYR A 511 28.29 26.33 -22.16
N GLY A 512 28.93 26.83 -21.10
CA GLY A 512 28.85 28.24 -20.67
C GLY A 512 29.06 28.38 -19.17
N LEU A 513 28.82 29.59 -18.65
CA LEU A 513 28.91 29.95 -17.20
C LEU A 513 27.56 30.49 -16.74
N ALA A 514 27.19 30.19 -15.49
CA ALA A 514 25.92 30.63 -14.86
C ALA A 514 26.23 31.32 -13.52
N VAL A 515 25.30 32.16 -13.05
CA VAL A 515 25.43 32.96 -11.80
C VAL A 515 24.18 32.76 -10.94
N LYS A 516 24.35 32.21 -9.73
CA LYS A 516 23.27 31.99 -8.75
C LYS A 516 23.26 33.17 -7.77
N GLY A 517 22.12 33.84 -7.61
CA GLY A 517 21.95 35.00 -6.70
C GLY A 517 21.86 34.57 -5.25
N GLN A 518 21.30 35.41 -4.38
CA GLN A 518 21.04 35.05 -2.96
C GLN A 518 20.02 33.91 -2.94
N SER A 519 20.26 32.89 -2.12
CA SER A 519 19.43 31.65 -2.03
C SER A 519 19.07 31.38 -0.57
N HIS A 520 18.30 32.27 0.04
CA HIS A 520 17.67 32.11 1.38
C HIS A 520 16.32 31.42 1.21
N LEU A 521 16.33 30.22 0.64
CA LEU A 521 15.12 29.48 0.18
C LEU A 521 14.47 28.77 1.37
N ARG A 522 13.43 29.40 1.94
CA ARG A 522 12.65 28.85 3.08
C ARG A 522 11.61 27.86 2.51
N GLY A 523 10.53 28.36 1.93
CA GLY A 523 9.51 27.54 1.23
C GLY A 523 10.14 26.79 0.06
N ASP A 524 9.48 25.71 -0.38
CA ASP A 524 9.97 24.84 -1.49
C ASP A 524 9.86 25.62 -2.81
N THR A 525 8.85 26.47 -2.96
CA THR A 525 8.50 27.22 -4.19
C THR A 525 9.28 28.54 -4.28
N ASP A 526 9.94 28.95 -3.19
CA ASP A 526 10.78 30.18 -3.13
C ASP A 526 11.81 30.12 -4.27
N VAL A 527 11.97 31.23 -4.99
CA VAL A 527 12.75 31.30 -6.27
C VAL A 527 14.16 31.83 -5.98
N VAL A 528 15.17 31.24 -6.63
CA VAL A 528 16.58 31.75 -6.66
C VAL A 528 16.91 32.07 -8.12
N THR A 529 17.07 33.35 -8.45
CA THR A 529 17.37 33.84 -9.82
C THR A 529 18.77 33.37 -10.23
N VAL A 530 18.85 32.63 -11.34
CA VAL A 530 20.10 32.16 -11.97
C VAL A 530 20.23 32.86 -13.33
N VAL A 531 21.42 33.39 -13.64
CA VAL A 531 21.73 34.12 -14.91
C VAL A 531 22.66 33.23 -15.74
N THR A 532 22.20 32.83 -16.93
CA THR A 532 22.88 31.85 -17.83
C THR A 532 23.59 32.59 -18.97
N PHE A 533 24.88 32.29 -19.15
CA PHE A 533 25.70 32.66 -20.34
C PHE A 533 26.14 31.36 -21.02
N GLU A 534 25.59 31.07 -22.21
CA GLU A 534 25.73 29.74 -22.88
C GLU A 534 26.28 29.92 -24.30
N PHE A 535 27.30 29.13 -24.67
CA PHE A 535 27.89 29.07 -26.02
C PHE A 535 26.89 28.41 -26.98
N SER A 536 27.05 28.68 -28.29
CA SER A 536 26.14 28.20 -29.37
C SER A 536 26.73 28.54 -30.74
N SER A 537 26.52 27.64 -31.72
CA SER A 537 26.85 27.83 -33.16
C SER A 537 25.64 28.40 -33.91
N THR A 538 24.50 28.52 -33.23
CA THR A 538 23.20 28.94 -33.83
C THR A 538 23.11 30.47 -33.88
N ASP A 539 22.89 31.02 -35.07
CA ASP A 539 22.62 32.46 -35.31
C ASP A 539 21.18 32.75 -34.90
N PRO A 540 20.93 33.61 -33.88
CA PRO A 540 19.57 33.84 -33.39
C PRO A 540 18.66 34.60 -34.36
N ARG A 541 19.24 35.29 -35.35
CA ARG A 541 18.50 36.07 -36.39
C ARG A 541 17.70 35.12 -37.28
N VAL A 542 18.21 33.89 -37.50
CA VAL A 542 17.58 32.83 -38.35
C VAL A 542 16.12 32.66 -37.93
N ASP A 543 15.89 32.15 -36.71
CA ASP A 543 14.54 32.02 -36.08
C ASP A 543 14.45 33.03 -34.93
N SER A 544 14.13 34.28 -35.25
CA SER A 544 14.07 35.43 -34.32
C SER A 544 13.05 35.18 -33.20
N GLY A 545 11.87 34.65 -33.57
CA GLY A 545 10.71 34.45 -32.67
C GLY A 545 10.94 33.36 -31.61
N LYS A 546 12.05 32.64 -31.69
CA LYS A 546 12.44 31.58 -30.72
C LYS A 546 13.05 32.21 -29.46
N TRP A 547 13.74 33.35 -29.60
CA TRP A 547 14.64 33.93 -28.56
C TRP A 547 14.18 35.31 -28.09
N PRO A 548 12.87 35.61 -27.88
CA PRO A 548 12.47 36.85 -27.22
C PRO A 548 13.10 37.05 -25.82
N LYS A 549 13.35 35.96 -25.10
CA LYS A 549 13.81 35.96 -23.68
C LYS A 549 15.35 36.13 -23.61
N TYR A 550 16.06 35.82 -24.69
CA TYR A 550 17.55 35.71 -24.72
C TYR A 550 18.19 36.99 -25.26
N THR A 551 19.44 37.25 -24.85
CA THR A 551 20.30 38.40 -25.26
C THR A 551 21.65 37.84 -25.72
N VAL A 552 22.00 38.03 -27.00
CA VAL A 552 23.11 37.30 -27.68
C VAL A 552 24.21 38.26 -28.13
N PHE A 553 25.47 37.87 -27.92
CA PHE A 553 26.70 38.57 -28.41
C PHE A 553 27.52 37.60 -29.27
N ARG A 554 28.09 38.09 -30.38
CA ARG A 554 29.17 37.40 -31.14
C ARG A 554 30.46 37.51 -30.32
N ILE A 555 31.14 36.38 -30.08
CA ILE A 555 32.33 36.33 -29.17
C ILE A 555 33.49 35.57 -29.82
N GLY A 556 33.50 35.44 -31.16
CA GLY A 556 34.60 34.83 -31.93
C GLY A 556 34.10 33.90 -33.02
N SER A 557 34.81 32.79 -33.25
CA SER A 557 34.51 31.77 -34.31
C SER A 557 35.29 30.49 -34.04
N LEU A 558 34.85 29.37 -34.64
CA LEU A 558 35.51 28.05 -34.58
C LEU A 558 35.36 27.31 -35.91
N PHE A 559 36.36 26.50 -36.28
CA PHE A 559 36.43 25.70 -37.54
C PHE A 559 36.20 24.22 -37.20
N VAL A 560 35.07 23.92 -36.54
CA VAL A 560 34.71 22.57 -36.02
C VAL A 560 34.62 21.57 -37.19
N SER A 561 33.99 21.98 -38.29
CA SER A 561 33.80 21.16 -39.52
C SER A 561 34.86 21.50 -40.57
N GLY A 562 35.07 22.80 -40.81
CA GLY A 562 35.95 23.33 -41.88
C GLY A 562 35.53 24.74 -42.25
N ARG A 563 34.22 24.96 -42.41
CA ARG A 563 33.59 26.31 -42.55
C ARG A 563 33.74 27.05 -41.21
N GLU A 564 34.09 28.35 -41.26
CA GLU A 564 34.26 29.22 -40.08
C GLU A 564 32.90 29.42 -39.41
N LYS A 565 32.53 28.50 -38.50
CA LYS A 565 31.25 28.54 -37.74
C LYS A 565 31.40 29.54 -36.58
N SER A 566 30.61 30.61 -36.61
CA SER A 566 30.65 31.74 -35.65
C SER A 566 30.08 31.29 -34.29
N VAL A 567 30.85 31.50 -33.22
CA VAL A 567 30.45 31.20 -31.81
C VAL A 567 29.69 32.40 -31.25
N TYR A 568 28.48 32.18 -30.75
CA TYR A 568 27.63 33.21 -30.09
C TYR A 568 27.64 32.97 -28.58
N LEU A 569 27.07 33.90 -27.81
CA LEU A 569 26.86 33.77 -26.34
C LEU A 569 25.43 34.18 -26.00
N TYR A 570 24.56 33.19 -25.78
CA TYR A 570 23.15 33.36 -25.35
C TYR A 570 23.13 33.64 -23.83
N CYS A 571 22.74 34.86 -23.48
CA CYS A 571 22.67 35.38 -22.08
C CYS A 571 21.20 35.56 -21.69
N ARG A 572 20.79 35.01 -20.53
CA ARG A 572 19.38 35.05 -20.06
C ARG A 572 19.30 35.09 -18.54
N VAL A 573 18.43 35.95 -18.01
CA VAL A 573 17.99 35.98 -16.58
C VAL A 573 16.87 34.94 -16.42
N ASN A 574 17.15 33.85 -15.68
CA ASN A 574 16.21 32.71 -15.47
C ASN A 574 15.93 32.58 -13.97
N GLY A 575 15.20 31.53 -13.57
CA GLY A 575 14.84 31.27 -12.17
C GLY A 575 14.44 29.82 -11.93
N THR A 576 14.87 29.25 -10.80
CA THR A 576 14.53 27.87 -10.36
C THR A 576 14.14 27.92 -8.87
N ASN A 577 13.76 26.77 -8.30
CA ASN A 577 13.41 26.62 -6.85
C ASN A 577 13.86 25.23 -6.36
N LYS A 578 13.76 25.00 -5.05
CA LYS A 578 14.27 23.77 -4.37
C LYS A 578 13.72 22.52 -5.06
N ILE A 579 12.44 22.53 -5.44
CA ILE A 579 11.70 21.37 -6.02
C ILE A 579 12.33 21.02 -7.37
N GLN A 580 12.30 21.98 -8.30
CA GLN A 580 12.79 21.83 -9.70
C GLN A 580 14.24 21.34 -9.70
N MET A 581 15.06 21.89 -8.79
CA MET A 581 16.50 21.53 -8.64
C MET A 581 16.64 20.07 -8.21
N LYS A 582 15.75 19.60 -7.32
CA LYS A 582 15.72 18.18 -6.85
C LYS A 582 15.24 17.29 -8.00
N TRP A 583 14.06 17.59 -8.56
CA TRP A 583 13.48 16.83 -9.69
C TRP A 583 14.47 16.79 -10.88
N GLY A 584 15.32 17.83 -10.99
CA GLY A 584 16.43 17.87 -11.96
C GLY A 584 17.48 16.80 -11.69
N MET A 585 17.85 16.61 -10.42
CA MET A 585 18.88 15.62 -10.00
C MET A 585 18.37 14.20 -10.27
N GLU A 586 17.04 14.01 -10.27
CA GLU A 586 16.36 12.71 -10.52
C GLU A 586 15.74 12.73 -11.93
N ALA A 587 16.51 13.13 -12.94
CA ALA A 587 16.10 13.16 -14.37
C ALA A 587 16.79 12.00 -15.12
N ARG A 588 17.62 11.22 -14.44
CA ARG A 588 18.23 9.98 -14.98
C ARG A 588 17.13 8.93 -15.20
N ARG A 589 16.05 8.99 -14.41
CA ARG A 589 14.90 8.05 -14.44
C ARG A 589 14.10 8.22 -15.75
N CYS A 590 14.54 9.10 -16.65
CA CYS A 590 14.05 9.19 -18.06
C CYS A 590 14.42 7.91 -18.81
N LEU A 591 15.59 7.34 -18.51
CA LEU A 591 16.05 6.03 -19.06
C LEU A 591 14.98 4.96 -18.80
N LEU A 592 14.61 4.76 -17.53
CA LEU A 592 13.75 3.63 -17.07
C LEU A 592 12.39 3.67 -17.80
N GLN A 593 11.74 4.83 -17.84
CA GLN A 593 10.39 5.00 -18.45
C GLN A 593 10.40 4.54 -19.91
N SER A 594 11.51 4.78 -20.62
CA SER A 594 11.70 4.47 -22.06
C SER A 594 12.17 3.02 -22.26
N MET A 595 13.13 2.59 -21.44
CA MET A 595 13.84 1.28 -21.55
C MET A 595 12.86 0.13 -21.26
N GLN A 596 12.08 0.24 -20.18
CA GLN A 596 11.03 -0.75 -19.80
C GLN A 596 10.05 -0.93 -20.95
N GLN A 597 9.49 0.17 -21.47
CA GLN A 597 8.44 0.22 -22.52
C GLN A 597 8.87 -0.61 -23.73
N MET A 598 10.17 -0.61 -24.06
CA MET A 598 10.74 -1.28 -25.25
C MET A 598 11.27 -2.68 -24.87
N GLU A 599 11.77 -2.87 -23.65
CA GLU A 599 12.16 -4.21 -23.12
C GLU A 599 10.90 -5.10 -23.07
N ALA A 600 9.74 -4.51 -22.77
CA ALA A 600 8.42 -5.16 -22.79
C ALA A 600 8.17 -5.76 -24.18
N ILE A 601 8.38 -4.97 -25.23
CA ILE A 601 8.19 -5.38 -26.65
C ILE A 601 9.22 -6.44 -27.01
N VAL A 602 10.45 -6.34 -26.51
CA VAL A 602 11.52 -7.37 -26.69
C VAL A 602 11.06 -8.69 -26.06
N GLU A 603 10.53 -8.63 -24.82
CA GLU A 603 10.02 -9.81 -24.07
C GLU A 603 8.83 -10.43 -24.83
N GLN A 604 7.84 -9.60 -25.16
CA GLN A 604 6.63 -9.97 -25.95
C GLN A 604 7.03 -10.80 -27.17
N GLU A 605 8.04 -10.33 -27.92
CA GLU A 605 8.51 -10.98 -29.17
C GLU A 605 9.38 -12.19 -28.83
N SER A 606 10.17 -12.12 -27.75
CA SER A 606 11.02 -13.23 -27.25
C SER A 606 10.15 -14.43 -26.87
N SER A 607 8.96 -14.18 -26.31
CA SER A 607 7.92 -15.21 -26.01
C SER A 607 7.58 -16.00 -27.28
N ILE A 608 7.30 -15.30 -28.38
CA ILE A 608 6.73 -15.86 -29.64
C ILE A 608 7.78 -16.73 -30.34
N GLN A 609 9.03 -16.26 -30.46
CA GLN A 609 10.13 -16.96 -31.16
C GLN A 609 10.84 -17.93 -30.21
N GLY A 610 10.69 -17.73 -28.90
CA GLY A 610 11.23 -18.62 -27.86
C GLY A 610 12.74 -18.50 -27.71
N TYR A 611 13.28 -17.30 -27.91
CA TYR A 611 14.70 -16.94 -27.63
C TYR A 611 14.82 -15.42 -27.50
N ASP A 612 15.95 -14.93 -26.97
CA ASP A 612 16.20 -13.49 -26.70
C ASP A 612 16.17 -12.73 -28.04
N MET A 613 15.07 -12.01 -28.31
CA MET A 613 14.79 -11.33 -29.61
C MET A 613 15.34 -9.90 -29.58
N THR A 614 16.17 -9.55 -28.60
CA THR A 614 16.84 -8.22 -28.49
C THR A 614 17.69 -8.00 -29.75
N LYS A 615 18.73 -8.81 -29.92
CA LYS A 615 19.69 -8.74 -31.06
C LYS A 615 18.91 -8.71 -32.38
N ALA A 616 17.82 -9.47 -32.47
CA ALA A 616 16.98 -9.64 -33.68
C ALA A 616 16.14 -8.39 -33.92
N CYS A 617 15.60 -7.77 -32.87
CA CYS A 617 14.68 -6.59 -32.96
C CYS A 617 15.45 -5.37 -33.52
N PHE A 618 16.65 -5.11 -32.99
CA PHE A 618 17.51 -3.96 -33.35
C PHE A 618 17.99 -4.09 -34.80
N LYS A 619 18.82 -5.11 -35.07
CA LYS A 619 19.58 -5.28 -36.34
C LYS A 619 19.03 -6.45 -37.16
N GLY A 620 18.73 -7.59 -36.52
CA GLY A 620 18.23 -8.81 -37.18
C GLY A 620 19.26 -9.93 -37.15
N ASP A 621 18.81 -11.17 -37.36
CA ASP A 621 19.67 -12.40 -37.28
C ASP A 621 19.29 -13.35 -38.42
N ARG A 622 19.80 -14.60 -38.38
CA ARG A 622 19.58 -15.66 -39.40
C ARG A 622 18.12 -15.68 -39.84
N VAL A 623 17.20 -15.98 -38.90
CA VAL A 623 15.75 -16.20 -39.17
C VAL A 623 15.06 -14.84 -39.30
N ASN A 624 15.14 -14.01 -38.25
CA ASN A 624 14.29 -12.82 -38.06
C ASN A 624 14.99 -11.56 -38.60
N SER A 625 14.23 -10.71 -39.28
CA SER A 625 14.63 -9.37 -39.77
C SER A 625 14.44 -8.34 -38.65
N PRO A 626 15.01 -7.12 -38.76
CA PRO A 626 14.84 -6.10 -37.73
C PRO A 626 13.39 -5.58 -37.60
N LYS A 627 12.98 -5.25 -36.38
CA LYS A 627 11.69 -4.58 -36.07
C LYS A 627 11.72 -3.15 -36.65
N THR A 628 10.58 -2.68 -37.16
CA THR A 628 10.41 -1.30 -37.71
C THR A 628 9.11 -0.70 -37.20
N PHE A 629 9.09 0.60 -36.94
CA PHE A 629 7.93 1.36 -36.40
C PHE A 629 7.65 2.57 -37.29
N SER A 630 6.36 2.93 -37.45
CA SER A 630 5.91 4.26 -37.93
C SER A 630 6.48 5.31 -36.98
N ILE A 631 7.27 6.26 -37.51
CA ILE A 631 8.16 7.14 -36.70
C ILE A 631 7.93 8.63 -37.01
N GLY A 632 7.71 8.99 -38.29
CA GLY A 632 7.53 10.39 -38.72
C GLY A 632 6.93 10.50 -40.12
N THR A 633 6.84 11.73 -40.65
CA THR A 633 6.22 12.07 -41.95
C THR A 633 7.29 12.63 -42.92
N GLN A 634 6.97 12.62 -44.22
CA GLN A 634 7.80 13.16 -45.34
C GLN A 634 6.86 13.86 -46.34
N GLU A 635 6.72 15.17 -46.23
CA GLU A 635 5.74 16.02 -46.96
C GLU A 635 4.39 15.30 -47.05
N GLY A 636 3.84 14.92 -45.90
CA GLY A 636 2.46 14.40 -45.74
C GLY A 636 2.34 12.92 -46.09
N LYS A 637 3.45 12.17 -46.03
CA LYS A 637 3.50 10.71 -46.33
C LYS A 637 4.38 10.00 -45.30
N LEU A 638 3.82 8.98 -44.63
CA LEU A 638 4.42 8.29 -43.46
C LEU A 638 5.80 7.72 -43.80
N VAL A 639 6.68 7.60 -42.80
CA VAL A 639 8.03 6.98 -42.91
C VAL A 639 8.20 5.98 -41.76
N LYS A 640 8.93 4.89 -42.02
CA LYS A 640 9.25 3.85 -41.01
C LYS A 640 10.68 4.04 -40.51
N GLY A 641 10.95 3.63 -39.27
CA GLY A 641 12.27 3.75 -38.61
C GLY A 641 12.55 2.55 -37.70
N SER A 642 13.82 2.36 -37.36
CA SER A 642 14.35 1.24 -36.52
C SER A 642 13.67 1.21 -35.14
N PHE A 643 13.88 0.11 -34.41
CA PHE A 643 13.54 -0.08 -32.98
C PHE A 643 14.42 0.87 -32.14
N GLY A 644 15.70 0.96 -32.52
CA GLY A 644 16.70 1.85 -31.91
C GLY A 644 16.29 3.32 -31.90
N LYS A 645 15.65 3.78 -32.98
CA LYS A 645 15.14 5.17 -33.13
C LYS A 645 13.88 5.33 -32.27
N ALA A 646 12.91 4.43 -32.47
CA ALA A 646 11.62 4.38 -31.74
C ALA A 646 11.87 4.37 -30.23
N LEU A 647 12.95 3.73 -29.78
CA LEU A 647 13.43 3.79 -28.37
C LEU A 647 13.75 5.25 -28.00
N ARG A 648 14.63 5.88 -28.78
CA ARG A 648 15.20 7.23 -28.52
C ARG A 648 14.09 8.30 -28.58
N VAL A 649 13.14 8.17 -29.51
CA VAL A 649 12.00 9.12 -29.69
C VAL A 649 11.19 9.19 -28.38
N ILE A 650 11.01 8.06 -27.68
CA ILE A 650 10.27 8.00 -26.38
C ILE A 650 11.16 8.59 -25.29
N PHE A 651 12.43 8.19 -25.22
CA PHE A 651 13.43 8.68 -24.24
C PHE A 651 13.49 10.21 -24.29
N THR A 652 13.56 10.77 -25.50
CA THR A 652 13.51 12.24 -25.78
C THR A 652 12.21 12.81 -25.17
N LYS A 653 11.07 12.23 -25.53
CA LYS A 653 9.72 12.64 -25.03
C LYS A 653 9.74 12.70 -23.50
N CYS A 654 10.29 11.66 -22.85
CA CYS A 654 10.36 11.52 -21.37
C CYS A 654 11.25 12.63 -20.77
N LEU A 655 12.30 13.04 -21.48
CA LEU A 655 13.17 14.18 -21.09
C LEU A 655 12.40 15.49 -21.26
N MET A 656 11.69 15.65 -22.39
CA MET A 656 10.88 16.87 -22.69
C MET A 656 9.75 17.00 -21.65
N HIS A 657 9.21 15.88 -21.17
CA HIS A 657 8.18 15.84 -20.09
C HIS A 657 8.69 16.59 -18.86
N TYR A 658 9.98 16.45 -18.54
CA TYR A 658 10.65 17.19 -17.43
C TYR A 658 10.94 18.63 -17.86
N VAL A 659 11.68 18.79 -18.96
CA VAL A 659 12.20 20.11 -19.45
C VAL A 659 11.05 21.09 -19.64
N PHE A 660 9.86 20.62 -20.04
CA PHE A 660 8.65 21.46 -20.20
C PHE A 660 7.55 21.00 -19.22
N GLY A 661 7.95 20.44 -18.08
CA GLY A 661 7.04 19.91 -17.04
C GLY A 661 6.45 21.02 -16.20
N ASN A 662 5.12 21.05 -16.08
CA ASN A 662 4.36 22.07 -15.29
C ASN A 662 2.89 21.65 -15.21
N ALA A 663 2.01 22.53 -14.75
CA ALA A 663 0.55 22.33 -14.60
C ALA A 663 -0.10 22.21 -15.97
N GLN A 664 0.42 22.94 -16.97
CA GLN A 664 -0.12 22.96 -18.36
C GLN A 664 0.03 21.56 -18.98
N LEU A 665 1.19 20.92 -18.81
CA LEU A 665 1.49 19.58 -19.38
C LEU A 665 0.62 18.52 -18.69
N GLU A 666 0.62 18.48 -17.36
CA GLU A 666 -0.16 17.52 -16.52
C GLU A 666 -1.62 17.52 -17.00
N GLY A 667 -2.27 18.68 -16.91
CA GLY A 667 -3.69 18.89 -17.29
C GLY A 667 -3.98 18.38 -18.68
N PHE A 668 -3.08 18.63 -19.65
CA PHE A 668 -3.22 18.20 -21.06
C PHE A 668 -3.08 16.67 -21.13
N SER A 669 -1.93 16.15 -20.68
CA SER A 669 -1.59 14.70 -20.62
C SER A 669 -2.78 13.90 -20.06
N ALA A 670 -3.35 14.36 -18.95
CA ALA A 670 -4.48 13.72 -18.24
C ALA A 670 -5.70 13.63 -19.18
N GLU A 671 -6.20 14.78 -19.63
CA GLU A 671 -7.48 14.91 -20.40
C GLU A 671 -7.34 14.32 -21.81
N SER A 672 -6.14 14.37 -22.39
CA SER A 672 -5.85 13.90 -23.77
C SER A 672 -5.88 12.37 -23.85
N ARG A 673 -5.66 11.67 -22.73
CA ARG A 673 -5.73 10.17 -22.65
C ARG A 673 -7.16 9.73 -22.97
N ARG A 674 -8.16 10.33 -22.32
CA ARG A 674 -9.60 10.09 -22.57
C ARG A 674 -9.86 9.99 -24.07
N LEU A 675 -9.28 10.91 -24.85
CA LEU A 675 -9.44 10.98 -26.34
C LEU A 675 -8.59 9.86 -26.99
N LEU A 676 -7.37 9.63 -26.50
CA LEU A 676 -6.44 8.58 -27.01
C LEU A 676 -7.09 7.19 -26.90
N LEU A 677 -7.88 6.97 -25.84
CA LEU A 677 -8.57 5.69 -25.56
C LEU A 677 -9.78 5.55 -26.50
N LEU A 678 -10.63 6.58 -26.55
CA LEU A 678 -11.81 6.66 -27.47
C LEU A 678 -11.35 6.35 -28.90
N ILE A 679 -10.15 6.79 -29.29
CA ILE A 679 -9.54 6.52 -30.63
C ILE A 679 -9.19 5.02 -30.72
N GLN A 680 -8.61 4.45 -29.66
CA GLN A 680 -8.21 3.03 -29.60
C GLN A 680 -9.46 2.15 -29.69
N ALA A 681 -10.57 2.58 -29.10
CA ALA A 681 -11.90 1.90 -29.16
C ALA A 681 -12.34 1.76 -30.63
N LEU A 682 -12.25 2.84 -31.40
CA LEU A 682 -12.59 2.87 -32.85
C LEU A 682 -11.62 1.99 -33.64
N LYS A 683 -10.33 1.99 -33.27
CA LYS A 683 -9.27 1.16 -33.91
C LYS A 683 -9.52 -0.32 -33.62
N ASP A 684 -10.07 -0.63 -32.44
CA ASP A 684 -10.44 -2.01 -32.00
C ASP A 684 -11.85 -2.36 -32.50
N ARG A 685 -12.62 -1.36 -32.97
CA ARG A 685 -14.02 -1.48 -33.45
C ARG A 685 -14.92 -1.92 -32.30
N LYS A 686 -14.79 -1.26 -31.15
CA LYS A 686 -15.59 -1.53 -29.91
C LYS A 686 -16.66 -0.44 -29.76
N GLY A 687 -17.28 -0.02 -30.87
CA GLY A 687 -18.38 0.96 -30.94
C GLY A 687 -18.44 1.86 -29.70
N PRO A 688 -17.51 2.82 -29.55
CA PRO A 688 -17.49 3.70 -28.38
C PRO A 688 -18.59 4.77 -28.43
N TRP A 689 -19.20 5.07 -27.27
CA TRP A 689 -20.25 6.10 -27.08
C TRP A 689 -19.72 7.20 -26.14
N VAL A 690 -20.20 8.44 -26.31
CA VAL A 690 -19.81 9.62 -25.49
C VAL A 690 -21.09 10.37 -25.09
N PHE A 691 -21.03 11.08 -23.96
CA PHE A 691 -22.17 11.77 -23.30
C PHE A 691 -22.06 13.29 -23.47
N ASP A 692 -20.83 13.84 -23.46
CA ASP A 692 -20.56 15.27 -23.77
C ASP A 692 -19.12 15.40 -24.27
N LEU A 693 -18.92 15.41 -25.58
CA LEU A 693 -17.59 15.44 -26.24
C LEU A 693 -17.01 16.85 -26.15
N GLU A 694 -17.80 17.86 -26.53
CA GLU A 694 -17.39 19.30 -26.58
C GLU A 694 -16.90 19.74 -25.19
N GLY A 695 -17.58 19.28 -24.12
CA GLY A 695 -17.14 19.50 -22.73
C GLY A 695 -15.81 18.82 -22.45
N MET A 696 -15.63 17.59 -22.94
CA MET A 696 -14.40 16.78 -22.75
C MET A 696 -13.24 17.43 -23.52
N TYR A 697 -13.54 18.13 -24.61
CA TYR A 697 -12.57 18.89 -25.45
C TYR A 697 -12.09 20.13 -24.68
N SER A 698 -13.02 20.91 -24.14
CA SER A 698 -12.74 22.16 -23.37
C SER A 698 -11.75 21.87 -22.25
N GLY A 699 -11.82 20.67 -21.65
CA GLY A 699 -10.86 20.19 -20.64
C GLY A 699 -9.45 20.07 -21.20
N ILE A 700 -9.32 19.53 -22.43
CA ILE A 700 -8.01 19.31 -23.13
C ILE A 700 -7.47 20.65 -23.63
N GLU A 701 -8.34 21.50 -24.20
CA GLU A 701 -7.96 22.70 -24.99
C GLU A 701 -7.54 23.85 -24.06
N GLU A 702 -8.04 23.89 -22.82
CA GLU A 702 -7.73 24.96 -21.84
C GLU A 702 -6.36 24.70 -21.19
N CYS A 703 -5.70 23.58 -21.53
CA CYS A 703 -4.34 23.22 -21.05
C CYS A 703 -3.28 23.66 -22.07
N ILE A 704 -3.70 24.17 -23.23
CA ILE A 704 -2.81 24.67 -24.33
C ILE A 704 -2.77 26.20 -24.25
N SER A 705 -1.62 26.77 -23.83
CA SER A 705 -1.41 28.23 -23.65
C SER A 705 -0.04 28.65 -24.21
N ASN A 706 1.04 28.38 -23.47
CA ASN A 706 2.43 28.79 -23.84
C ASN A 706 3.44 27.74 -23.36
N ASN A 707 3.08 26.45 -23.38
CA ASN A 707 4.04 25.33 -23.19
C ASN A 707 4.43 24.81 -24.57
N PRO A 708 5.71 24.95 -24.99
CA PRO A 708 6.16 24.48 -26.30
C PRO A 708 5.74 23.02 -26.59
N TRP A 709 5.94 22.13 -25.63
CA TRP A 709 5.71 20.67 -25.78
C TRP A 709 4.21 20.37 -25.93
N VAL A 710 3.37 21.04 -25.14
CA VAL A 710 1.88 20.93 -25.21
C VAL A 710 1.42 21.35 -26.61
N ILE A 711 1.86 22.52 -27.06
CA ILE A 711 1.44 23.16 -28.35
C ILE A 711 1.86 22.26 -29.52
N GLN A 712 3.06 21.67 -29.45
CA GLN A 712 3.60 20.77 -30.51
C GLN A 712 2.89 19.41 -30.44
N SER A 713 2.63 18.91 -29.22
CA SER A 713 1.91 17.64 -28.96
C SER A 713 0.48 17.75 -29.49
N ALA A 714 -0.16 18.93 -29.35
CA ALA A 714 -1.50 19.24 -29.91
C ALA A 714 -1.47 19.07 -31.43
N TYR A 715 -0.42 19.58 -32.09
CA TYR A 715 -0.18 19.50 -33.55
C TYR A 715 0.03 18.02 -33.94
N TRP A 716 1.05 17.39 -33.33
CA TRP A 716 1.41 15.96 -33.56
C TRP A 716 0.18 15.06 -33.40
N PHE A 717 -0.64 15.30 -32.37
CA PHE A 717 -1.90 14.57 -32.08
C PHE A 717 -2.85 14.72 -33.26
N ASN A 718 -3.02 15.95 -33.76
CA ASN A 718 -3.92 16.27 -34.91
C ASN A 718 -3.37 15.60 -36.18
N GLU A 719 -2.04 15.58 -36.33
CA GLU A 719 -1.33 14.91 -37.47
C GLU A 719 -1.61 13.41 -37.42
N TRP A 720 -1.35 12.77 -36.27
CA TRP A 720 -1.54 11.32 -36.02
C TRP A 720 -3.02 10.94 -36.17
N LEU A 721 -3.94 11.75 -35.65
CA LEU A 721 -5.41 11.56 -35.76
C LEU A 721 -5.81 11.46 -37.24
N GLY A 722 -5.28 12.36 -38.06
CA GLY A 722 -5.53 12.41 -39.52
C GLY A 722 -5.12 11.13 -40.22
N PHE A 723 -3.96 10.57 -39.85
CA PHE A 723 -3.39 9.32 -40.42
C PHE A 723 -4.23 8.12 -40.00
N GLU A 724 -4.64 8.06 -38.74
CA GLU A 724 -5.52 6.99 -38.19
C GLU A 724 -6.92 7.10 -38.81
N LYS A 725 -7.36 8.34 -39.10
CA LYS A 725 -8.68 8.65 -39.71
C LYS A 725 -8.72 8.14 -41.16
N GLU A 726 -7.56 8.08 -41.83
CA GLU A 726 -7.42 7.58 -43.23
C GLU A 726 -7.45 6.04 -43.21
N GLY A 727 -6.73 5.42 -42.25
CA GLY A 727 -6.65 3.96 -42.08
C GLY A 727 -8.01 3.33 -41.81
N SER A 728 -8.94 4.07 -41.20
CA SER A 728 -10.32 3.63 -40.87
C SER A 728 -11.06 3.18 -42.13
N LYS A 729 -10.83 3.87 -43.26
CA LYS A 729 -11.52 3.63 -44.55
C LYS A 729 -11.30 2.19 -45.03
N VAL A 730 -10.21 1.55 -44.61
CA VAL A 730 -9.84 0.14 -44.97
C VAL A 730 -10.81 -0.83 -44.28
N LEU A 731 -11.32 -0.49 -43.09
CA LEU A 731 -12.14 -1.39 -42.23
C LEU A 731 -13.63 -1.27 -42.59
N GLU A 732 -14.15 -0.04 -42.73
CA GLU A 732 -15.60 0.23 -42.98
C GLU A 732 -16.08 -0.58 -44.19
N SER A 733 -15.18 -0.93 -45.12
CA SER A 733 -15.43 -1.79 -46.30
C SER A 733 -14.90 -3.21 -46.04
N VAL A 734 -15.32 -3.84 -44.93
CA VAL A 734 -15.00 -5.26 -44.58
C VAL A 734 -16.30 -5.96 -44.17
N ASP A 735 -16.55 -7.15 -44.74
CA ASP A 735 -17.73 -8.02 -44.44
C ASP A 735 -19.02 -7.26 -44.80
N GLU A 736 -19.11 -6.78 -46.05
CA GLU A 736 -20.29 -6.04 -46.59
C GLU A 736 -20.45 -6.33 -48.09
N ILE A 737 -20.34 -7.60 -48.50
CA ILE A 737 -20.58 -8.06 -49.89
C ILE A 737 -21.98 -8.69 -49.98
N GLY B 9 13.19 17.22 -45.19
CA GLY B 9 13.64 16.74 -43.85
C GLY B 9 12.64 15.78 -43.23
N MET B 10 13.13 14.76 -42.53
CA MET B 10 12.30 13.69 -41.88
C MET B 10 11.79 14.22 -40.53
N ASN B 11 10.47 14.45 -40.44
CA ASN B 11 9.80 15.08 -39.26
C ASN B 11 9.25 14.00 -38.34
N ILE B 12 9.98 13.70 -37.25
CA ILE B 12 9.61 12.69 -36.22
C ILE B 12 8.33 13.15 -35.49
N ASN B 13 7.37 12.24 -35.35
CA ASN B 13 6.13 12.39 -34.54
C ASN B 13 6.11 11.27 -33.50
N PRO B 14 6.05 11.58 -32.18
CA PRO B 14 6.10 10.54 -31.15
C PRO B 14 4.84 9.68 -31.07
N TYR B 15 3.67 10.25 -31.35
CA TYR B 15 2.33 9.59 -31.33
C TYR B 15 2.29 8.41 -32.29
N PHE B 16 3.12 8.43 -33.35
CA PHE B 16 3.17 7.42 -34.44
C PHE B 16 3.53 6.02 -33.89
N LEU B 17 4.02 5.92 -32.65
CA LEU B 17 4.20 4.62 -31.95
C LEU B 17 2.83 3.94 -31.79
N PHE B 18 1.77 4.73 -31.56
CA PHE B 18 0.39 4.23 -31.31
C PHE B 18 -0.18 3.55 -32.56
N ILE B 19 0.41 3.79 -33.74
CA ILE B 19 0.06 3.10 -35.01
C ILE B 19 0.48 1.63 -34.91
N ASP B 20 1.67 1.37 -34.32
CA ASP B 20 2.25 0.01 -34.19
C ASP B 20 1.76 -0.65 -32.90
N VAL B 21 1.90 0.04 -31.76
CA VAL B 21 1.53 -0.47 -30.40
C VAL B 21 0.23 0.19 -29.97
N PRO B 22 -0.74 -0.54 -29.38
CA PRO B 22 -1.98 0.08 -28.90
C PRO B 22 -1.79 0.89 -27.61
N ILE B 23 -2.70 1.86 -27.39
CA ILE B 23 -2.60 2.88 -26.30
C ILE B 23 -2.32 2.19 -24.96
N GLN B 24 -3.13 1.18 -24.60
CA GLN B 24 -3.06 0.48 -23.29
C GLN B 24 -1.68 -0.18 -23.14
N ALA B 25 -1.23 -0.91 -24.16
CA ALA B 25 0.06 -1.65 -24.15
C ALA B 25 1.19 -0.68 -23.77
N ALA B 26 1.18 0.54 -24.29
CA ALA B 26 2.21 1.59 -24.09
C ALA B 26 1.59 2.83 -23.45
N ILE B 27 0.74 2.64 -22.43
CA ILE B 27 0.07 3.74 -21.68
C ILE B 27 1.10 4.50 -20.85
N SER B 28 2.15 3.80 -20.39
CA SER B 28 3.28 4.33 -19.57
C SER B 28 3.82 5.63 -20.18
N THR B 29 3.80 5.75 -21.51
CA THR B 29 4.37 6.90 -22.29
C THR B 29 3.37 8.07 -22.37
N THR B 30 2.21 7.96 -21.70
CA THR B 30 1.18 9.05 -21.63
C THR B 30 1.16 9.64 -20.22
N PHE B 31 2.18 9.36 -19.41
CA PHE B 31 2.31 9.83 -17.99
C PHE B 31 3.65 10.55 -17.84
N PRO B 32 3.66 11.89 -17.71
CA PRO B 32 4.90 12.66 -17.55
C PRO B 32 5.34 12.75 -16.09
N TYR B 33 5.89 11.65 -15.55
CA TYR B 33 6.24 11.49 -14.11
C TYR B 33 7.75 11.61 -13.90
N THR B 34 8.49 11.99 -14.95
CA THR B 34 9.91 12.46 -14.88
C THR B 34 9.91 13.97 -14.58
N GLY B 35 8.77 14.63 -14.84
CA GLY B 35 8.59 16.09 -14.67
C GLY B 35 8.18 16.45 -13.25
N VAL B 36 7.95 17.75 -13.02
CA VAL B 36 7.66 18.34 -11.68
C VAL B 36 6.14 18.41 -11.49
N PRO B 37 5.61 18.00 -10.33
CA PRO B 37 4.17 18.07 -10.06
C PRO B 37 3.75 19.49 -9.71
N PRO B 38 2.48 19.89 -9.98
CA PRO B 38 2.02 21.25 -9.66
C PRO B 38 1.99 21.51 -8.15
N TYR B 39 2.52 22.65 -7.73
CA TYR B 39 2.50 23.14 -6.31
C TYR B 39 1.69 24.44 -6.23
N SER B 40 1.19 24.75 -5.03
CA SER B 40 0.40 25.96 -4.71
C SER B 40 1.32 27.02 -4.11
N HIS B 41 1.10 28.29 -4.47
CA HIS B 41 1.83 29.47 -3.93
C HIS B 41 0.87 30.36 -3.13
N GLY B 42 1.37 30.94 -2.03
CA GLY B 42 0.64 31.92 -1.19
C GLY B 42 -0.60 31.31 -0.56
N THR B 43 -1.72 32.07 -0.57
CA THR B 43 -2.98 31.75 0.15
C THR B 43 -3.78 30.69 -0.61
N GLY B 44 -4.74 30.07 0.08
CA GLY B 44 -5.73 29.13 -0.49
C GLY B 44 -7.15 29.54 -0.16
N THR B 45 -7.34 30.82 0.21
CA THR B 45 -8.65 31.40 0.63
C THR B 45 -9.59 31.47 -0.58
N GLY B 46 -9.08 31.92 -1.72
CA GLY B 46 -9.83 32.02 -2.99
C GLY B 46 -10.29 30.66 -3.49
N TYR B 47 -9.50 29.62 -3.24
CA TYR B 47 -9.82 28.20 -3.57
C TYR B 47 -10.87 27.66 -2.59
N THR B 48 -10.74 28.00 -1.31
CA THR B 48 -11.67 27.56 -0.22
C THR B 48 -13.05 28.21 -0.43
N ILE B 49 -13.07 29.54 -0.56
CA ILE B 49 -14.32 30.35 -0.76
C ILE B 49 -15.06 29.82 -1.99
N ASP B 50 -14.33 29.49 -3.06
CA ASP B 50 -14.89 28.90 -4.31
C ASP B 50 -15.68 27.64 -3.94
N THR B 51 -15.04 26.71 -3.22
CA THR B 51 -15.65 25.46 -2.68
C THR B 51 -16.88 25.81 -1.84
N VAL B 52 -16.74 26.78 -0.93
CA VAL B 52 -17.83 27.23 -0.02
C VAL B 52 -19.04 27.69 -0.86
N ILE B 53 -18.80 28.49 -1.90
CA ILE B 53 -19.87 29.02 -2.82
C ILE B 53 -20.47 27.85 -3.60
N ARG B 54 -19.62 27.05 -4.26
CA ARG B 54 -20.03 25.94 -5.16
C ARG B 54 -20.82 24.88 -4.39
N THR B 55 -20.47 24.63 -3.11
CA THR B 55 -21.18 23.68 -2.22
C THR B 55 -22.64 24.13 -2.04
N HIS B 56 -22.86 25.44 -1.87
CA HIS B 56 -24.20 26.06 -1.66
C HIS B 56 -24.91 26.29 -3.01
N GLU B 57 -24.14 26.42 -4.10
CA GLU B 57 -24.65 26.60 -5.48
C GLU B 57 -25.50 25.39 -5.88
N TYR B 58 -25.13 24.19 -5.42
CA TYR B 58 -25.79 22.90 -5.74
C TYR B 58 -26.91 22.60 -4.73
N SER B 59 -27.01 23.38 -3.65
CA SER B 59 -27.97 23.19 -2.53
C SER B 59 -28.85 24.43 -2.33
N ASN B 60 -28.78 25.41 -3.23
CA ASN B 60 -29.43 26.75 -3.08
C ASN B 60 -30.95 26.63 -3.18
N LYS B 61 -31.48 25.60 -3.88
CA LYS B 61 -32.93 25.40 -4.08
C LYS B 61 -33.51 24.52 -2.96
N GLY B 62 -32.71 24.17 -1.95
CA GLY B 62 -33.13 23.38 -0.77
C GLY B 62 -33.88 24.23 0.24
N LYS B 63 -33.69 23.95 1.53
CA LYS B 63 -34.31 24.70 2.67
C LYS B 63 -33.21 25.41 3.46
N GLN B 64 -33.28 26.75 3.56
CA GLN B 64 -32.32 27.60 4.32
C GLN B 64 -32.95 27.97 5.66
N TYR B 65 -32.23 27.71 6.76
CA TYR B 65 -32.65 28.03 8.15
C TYR B 65 -31.44 28.49 8.97
N ILE B 66 -31.71 29.07 10.14
CA ILE B 66 -30.69 29.61 11.09
C ILE B 66 -30.57 28.62 12.26
N SER B 67 -29.36 28.12 12.51
CA SER B 67 -29.02 27.21 13.64
C SER B 67 -29.22 27.96 14.97
N ASP B 68 -30.10 27.45 15.84
CA ASP B 68 -30.38 28.04 17.17
C ASP B 68 -29.17 27.80 18.09
N VAL B 69 -28.36 26.78 17.82
CA VAL B 69 -27.14 26.43 18.60
C VAL B 69 -26.04 27.45 18.30
N THR B 70 -25.52 27.44 17.08
CA THR B 70 -24.35 28.24 16.63
C THR B 70 -24.77 29.68 16.33
N GLY B 71 -25.95 29.87 15.72
CA GLY B 71 -26.44 31.17 15.23
C GLY B 71 -26.01 31.43 13.79
N CYS B 72 -25.64 30.37 13.07
CA CYS B 72 -25.08 30.41 11.69
C CYS B 72 -26.19 30.25 10.66
N THR B 73 -25.89 30.51 9.38
CA THR B 73 -26.79 30.32 8.22
C THR B 73 -26.60 28.91 7.64
N MET B 74 -27.59 28.03 7.81
CA MET B 74 -27.52 26.61 7.39
C MET B 74 -28.36 26.39 6.13
N VAL B 75 -27.98 25.40 5.31
CA VAL B 75 -28.68 25.01 4.04
C VAL B 75 -28.86 23.48 4.03
N ASP B 76 -30.09 23.03 3.77
CA ASP B 76 -30.51 21.61 3.77
C ASP B 76 -31.10 21.25 2.41
N PRO B 77 -30.35 20.54 1.53
CA PRO B 77 -30.87 20.13 0.23
C PRO B 77 -31.74 18.86 0.28
N THR B 78 -31.39 17.91 1.15
CA THR B 78 -32.04 16.58 1.29
C THR B 78 -33.56 16.73 1.27
N ASN B 79 -34.23 15.88 0.48
CA ASN B 79 -35.71 15.91 0.26
C ASN B 79 -36.11 17.28 -0.30
N GLY B 80 -35.26 17.87 -1.15
CA GLY B 80 -35.56 19.10 -1.90
C GLY B 80 -36.21 18.78 -3.24
N PRO B 81 -36.57 19.80 -4.06
CA PRO B 81 -37.15 19.55 -5.39
C PRO B 81 -36.12 18.98 -6.36
N LEU B 82 -36.52 17.99 -7.17
CA LEU B 82 -35.63 17.23 -8.09
C LEU B 82 -35.15 18.14 -9.20
N PRO B 83 -33.92 17.93 -9.75
CA PRO B 83 -33.35 18.82 -10.75
C PRO B 83 -34.02 18.70 -12.12
N GLU B 84 -34.00 19.79 -12.90
CA GLU B 84 -34.57 19.88 -14.27
C GLU B 84 -33.43 20.17 -15.27
N ASP B 85 -32.18 19.92 -14.87
CA ASP B 85 -30.96 20.20 -15.68
C ASP B 85 -29.86 19.21 -15.27
N ASN B 86 -28.72 19.24 -15.96
CA ASN B 86 -27.58 18.31 -15.78
C ASN B 86 -26.52 18.93 -14.85
N GLU B 87 -26.81 20.09 -14.25
CA GLU B 87 -25.93 20.77 -13.26
C GLU B 87 -25.85 19.93 -12.00
N PRO B 88 -24.70 19.87 -11.30
CA PRO B 88 -24.57 19.12 -10.06
C PRO B 88 -25.73 19.39 -9.07
N SER B 89 -26.14 18.35 -8.34
CA SER B 89 -27.34 18.34 -7.47
C SER B 89 -27.04 17.58 -6.18
N ALA B 90 -27.26 18.22 -5.02
CA ALA B 90 -27.18 17.61 -3.67
C ALA B 90 -28.59 17.18 -3.22
N TYR B 91 -29.60 17.38 -4.08
CA TYR B 91 -31.03 17.11 -3.79
C TYR B 91 -31.28 15.60 -3.90
N ALA B 92 -30.87 14.88 -2.86
CA ALA B 92 -31.01 13.41 -2.71
C ALA B 92 -32.24 13.12 -1.83
N GLN B 93 -33.14 12.25 -2.32
CA GLN B 93 -34.41 11.89 -1.63
C GLN B 93 -34.15 10.71 -0.68
N LEU B 94 -34.55 10.85 0.58
CA LEU B 94 -34.25 9.91 1.70
C LEU B 94 -34.74 8.50 1.34
N ASP B 95 -35.95 8.39 0.79
CA ASP B 95 -36.63 7.09 0.49
C ASP B 95 -35.78 6.30 -0.51
N CYS B 96 -35.30 6.95 -1.57
CA CYS B 96 -34.52 6.36 -2.69
C CYS B 96 -33.18 5.80 -2.17
N VAL B 97 -32.62 6.39 -1.11
CA VAL B 97 -31.39 5.90 -0.43
C VAL B 97 -31.76 4.65 0.38
N LEU B 98 -32.81 4.75 1.22
CA LEU B 98 -33.29 3.68 2.12
C LEU B 98 -33.67 2.44 1.31
N GLU B 99 -34.30 2.63 0.15
CA GLU B 99 -34.68 1.53 -0.79
C GLU B 99 -33.41 0.82 -1.30
N ALA B 100 -32.44 1.60 -1.78
CA ALA B 100 -31.14 1.11 -2.31
C ALA B 100 -30.37 0.38 -1.20
N LEU B 101 -30.47 0.88 0.05
CA LEU B 101 -29.85 0.25 1.25
C LEU B 101 -30.58 -1.07 1.57
N ASP B 102 -31.92 -1.05 1.57
CA ASP B 102 -32.78 -2.26 1.74
C ASP B 102 -32.37 -3.32 0.71
N ARG B 103 -32.26 -2.91 -0.56
CA ARG B 103 -31.88 -3.79 -1.70
C ARG B 103 -30.53 -4.45 -1.44
N MET B 104 -29.62 -3.76 -0.74
CA MET B 104 -28.27 -4.26 -0.38
C MET B 104 -28.38 -5.34 0.70
N ASP B 105 -29.26 -5.13 1.70
CA ASP B 105 -29.50 -6.06 2.83
C ASP B 105 -30.16 -7.35 2.31
N GLU B 106 -31.04 -7.22 1.30
CA GLU B 106 -31.71 -8.37 0.64
C GLU B 106 -30.66 -9.20 -0.11
N GLU B 107 -29.80 -8.55 -0.89
CA GLU B 107 -28.79 -9.20 -1.77
C GLU B 107 -27.66 -9.79 -0.92
N HIS B 108 -27.27 -9.10 0.17
CA HIS B 108 -26.26 -9.54 1.15
C HIS B 108 -26.93 -9.73 2.52
N PRO B 109 -27.32 -10.96 2.88
CA PRO B 109 -28.15 -11.20 4.06
C PRO B 109 -27.39 -11.06 5.39
N GLY B 110 -27.93 -10.26 6.31
CA GLY B 110 -27.42 -10.07 7.69
C GLY B 110 -25.96 -9.62 7.70
N LEU B 111 -25.61 -8.65 6.84
CA LEU B 111 -24.26 -8.05 6.74
C LEU B 111 -24.16 -6.84 7.66
N PHE B 112 -25.24 -6.08 7.79
CA PHE B 112 -25.32 -4.80 8.54
C PHE B 112 -25.08 -5.06 10.03
N GLN B 113 -25.91 -5.94 10.63
CA GLN B 113 -25.85 -6.32 12.06
C GLN B 113 -24.51 -7.03 12.35
N ALA B 114 -23.99 -7.77 11.38
CA ALA B 114 -22.69 -8.50 11.46
C ALA B 114 -21.53 -7.49 11.50
N ALA B 115 -21.55 -6.50 10.59
CA ALA B 115 -20.54 -5.43 10.50
C ALA B 115 -20.62 -4.52 11.73
N SER B 116 -21.84 -4.20 12.19
CA SER B 116 -22.11 -3.37 13.39
C SER B 116 -21.48 -4.02 14.63
N GLN B 117 -21.72 -5.32 14.81
CA GLN B 117 -21.15 -6.14 15.92
C GLN B 117 -19.62 -5.99 15.94
N ASN B 118 -18.96 -6.32 14.83
CA ASN B 118 -17.48 -6.33 14.70
C ASN B 118 -16.91 -4.97 15.11
N ALA B 119 -17.51 -3.88 14.61
CA ALA B 119 -17.12 -2.47 14.89
C ALA B 119 -17.35 -2.15 16.38
N MET B 120 -18.57 -2.44 16.87
CA MET B 120 -18.99 -2.19 18.28
C MET B 120 -18.04 -2.89 19.25
N GLU B 121 -17.72 -4.17 18.99
CA GLU B 121 -16.81 -4.99 19.82
C GLU B 121 -15.40 -4.41 19.78
N THR B 122 -14.98 -3.87 18.63
CA THR B 122 -13.65 -3.22 18.42
C THR B 122 -13.60 -1.91 19.21
N LEU B 123 -14.66 -1.10 19.14
CA LEU B 123 -14.79 0.20 19.86
C LEU B 123 -14.46 0.00 21.34
N MET B 124 -15.03 -1.05 21.96
CA MET B 124 -14.82 -1.39 23.39
C MET B 124 -13.33 -1.59 23.68
N VAL B 125 -12.62 -2.28 22.79
CA VAL B 125 -11.17 -2.65 22.94
C VAL B 125 -10.28 -1.45 22.59
N THR B 126 -10.76 -0.56 21.71
CA THR B 126 -10.01 0.63 21.21
C THR B 126 -9.58 1.52 22.39
N THR B 127 -8.29 1.80 22.52
CA THR B 127 -7.69 2.70 23.54
C THR B 127 -7.74 4.15 23.04
N VAL B 128 -7.45 5.12 23.92
CA VAL B 128 -7.47 6.58 23.60
C VAL B 128 -6.29 6.91 22.69
N ASP B 129 -5.16 6.21 22.86
CA ASP B 129 -3.88 6.45 22.13
C ASP B 129 -4.05 6.13 20.63
N LYS B 130 -5.18 5.53 20.23
CA LYS B 130 -5.53 5.27 18.80
C LYS B 130 -5.66 6.59 18.04
N LEU B 131 -5.91 7.71 18.74
CA LEU B 131 -6.03 9.07 18.15
C LEU B 131 -4.67 9.73 17.98
N THR B 132 -3.57 9.07 18.38
CA THR B 132 -2.18 9.58 18.23
C THR B 132 -1.70 9.29 16.80
N GLN B 133 -2.01 8.10 16.28
CA GLN B 133 -1.65 7.67 14.90
C GLN B 133 -2.54 8.41 13.90
N GLY B 134 -2.24 9.70 13.66
CA GLY B 134 -2.90 10.56 12.67
C GLY B 134 -1.92 11.57 12.11
N ARG B 135 -2.34 12.37 11.14
CA ARG B 135 -1.53 13.46 10.52
C ARG B 135 -1.86 14.77 11.24
N GLN B 136 -1.32 15.89 10.75
CA GLN B 136 -1.58 17.26 11.27
C GLN B 136 -3.08 17.40 11.57
N THR B 137 -3.43 17.64 12.83
CA THR B 137 -4.82 17.79 13.36
C THR B 137 -5.03 19.23 13.84
N PHE B 138 -6.25 19.75 13.69
CA PHE B 138 -6.66 21.09 14.18
C PHE B 138 -6.77 21.05 15.71
N ASP B 139 -6.03 21.92 16.40
CA ASP B 139 -6.03 22.05 17.88
C ASP B 139 -6.84 23.30 18.26
N TRP B 140 -8.03 23.08 18.82
CA TRP B 140 -9.03 24.12 19.18
C TRP B 140 -8.45 25.13 20.19
N THR B 141 -7.54 24.67 21.05
CA THR B 141 -6.94 25.48 22.15
C THR B 141 -6.15 26.66 21.58
N VAL B 142 -5.21 26.39 20.66
CA VAL B 142 -4.29 27.40 20.07
C VAL B 142 -4.82 27.87 18.71
N CYS B 143 -5.81 27.16 18.15
CA CYS B 143 -6.47 27.45 16.83
C CYS B 143 -5.44 27.42 15.70
N ARG B 144 -4.56 26.41 15.72
CA ARG B 144 -3.56 26.11 14.65
C ARG B 144 -3.45 24.60 14.51
N ASN B 145 -3.09 24.11 13.32
CA ASN B 145 -2.82 22.68 13.06
C ASN B 145 -1.55 22.27 13.85
N GLN B 146 -1.58 21.10 14.48
CA GLN B 146 -0.43 20.50 15.21
C GLN B 146 -0.48 18.98 15.07
N PRO B 147 0.63 18.26 15.31
CA PRO B 147 0.60 16.79 15.33
C PRO B 147 -0.51 16.22 16.23
N ALA B 148 -1.15 15.15 15.76
CA ALA B 148 -2.29 14.48 16.42
C ALA B 148 -1.95 14.14 17.88
N ALA B 149 -0.74 13.61 18.12
CA ALA B 149 -0.22 13.20 19.44
C ALA B 149 -0.23 14.38 20.42
N THR B 150 0.15 15.58 19.95
CA THR B 150 0.17 16.84 20.75
C THR B 150 -1.26 17.36 20.87
N ALA B 151 -1.95 17.50 19.73
CA ALA B 151 -3.35 18.01 19.63
C ALA B 151 -4.26 17.23 20.58
N LEU B 152 -4.00 15.93 20.76
CA LEU B 152 -4.69 15.04 21.74
C LEU B 152 -4.30 15.45 23.16
N ASN B 153 -3.00 15.58 23.43
CA ASN B 153 -2.43 15.86 24.78
C ASN B 153 -2.98 17.20 25.28
N THR B 154 -3.00 18.23 24.43
CA THR B 154 -3.48 19.60 24.75
C THR B 154 -4.96 19.56 25.17
N THR B 155 -5.76 18.68 24.54
CA THR B 155 -7.21 18.50 24.82
C THR B 155 -7.40 17.79 26.16
N ILE B 156 -6.63 16.73 26.42
CA ILE B 156 -6.68 15.94 27.68
C ILE B 156 -6.35 16.86 28.87
N THR B 157 -5.27 17.63 28.77
CA THR B 157 -4.79 18.58 29.82
C THR B 157 -5.82 19.70 30.02
N SER B 158 -6.47 20.14 28.95
CA SER B 158 -7.51 21.20 28.97
C SER B 158 -8.80 20.66 29.61
N PHE B 159 -9.17 19.41 29.30
CA PHE B 159 -10.39 18.72 29.80
C PHE B 159 -10.27 18.48 31.32
N ARG B 160 -9.05 18.23 31.80
CA ARG B 160 -8.74 18.01 33.24
C ARG B 160 -9.09 19.27 34.06
N LEU B 161 -8.93 20.46 33.47
CA LEU B 161 -9.23 21.76 34.13
C LEU B 161 -10.75 21.94 34.23
N ASN B 162 -11.48 21.63 33.14
CA ASN B 162 -12.96 21.73 33.07
C ASN B 162 -13.60 20.50 33.73
N ASP B 163 -12.78 19.54 34.18
CA ASP B 163 -13.16 18.41 35.05
C ASP B 163 -13.83 17.32 34.19
N LEU B 164 -13.08 16.75 33.26
CA LEU B 164 -13.52 15.62 32.37
C LEU B 164 -12.37 14.62 32.24
N ASN B 165 -12.34 13.63 33.14
CA ASN B 165 -11.22 12.65 33.28
C ASN B 165 -11.66 11.28 32.75
N GLY B 166 -12.41 11.25 31.64
CA GLY B 166 -12.77 10.01 30.93
C GLY B 166 -11.58 9.42 30.19
N ALA B 167 -10.63 10.27 29.82
CA ALA B 167 -9.37 9.92 29.11
C ALA B 167 -8.52 8.98 29.99
N ASP B 168 -8.54 9.19 31.31
CA ASP B 168 -7.69 8.47 32.30
C ASP B 168 -8.09 6.98 32.35
N LYS B 169 -9.36 6.67 32.09
CA LYS B 169 -9.93 5.31 32.19
C LYS B 169 -9.28 4.35 31.17
N GLY B 170 -8.78 4.88 30.05
CA GLY B 170 -7.98 4.14 29.06
C GLY B 170 -8.75 3.88 27.77
N GLY B 171 -10.07 3.64 27.87
CA GLY B 171 -10.95 3.39 26.71
C GLY B 171 -11.30 4.67 25.98
N LEU B 172 -11.63 4.56 24.69
CA LEU B 172 -11.99 5.71 23.81
C LEU B 172 -13.46 6.12 24.07
N ILE B 173 -14.30 5.17 24.49
CA ILE B 173 -15.76 5.37 24.73
C ILE B 173 -15.96 6.48 25.78
N PRO B 174 -15.37 6.37 27.00
CA PRO B 174 -15.53 7.42 28.01
C PRO B 174 -14.94 8.77 27.60
N PHE B 175 -13.86 8.76 26.81
CA PHE B 175 -13.20 9.99 26.26
C PHE B 175 -14.14 10.65 25.25
N CYS B 176 -14.81 9.85 24.40
CA CYS B 176 -15.85 10.32 23.45
C CYS B 176 -17.07 10.82 24.22
N GLN B 177 -17.43 10.15 25.32
CA GLN B 177 -18.53 10.57 26.24
C GLN B 177 -18.20 11.95 26.82
N ASP B 178 -16.91 12.23 27.09
CA ASP B 178 -16.45 13.54 27.64
C ASP B 178 -16.60 14.62 26.57
N ILE B 179 -16.27 14.31 25.30
CA ILE B 179 -16.22 15.29 24.18
C ILE B 179 -17.63 15.89 23.96
N ILE B 180 -18.65 15.05 23.86
CA ILE B 180 -20.07 15.48 23.64
C ILE B 180 -20.57 16.23 24.88
N ASP B 181 -20.06 15.87 26.08
CA ASP B 181 -20.44 16.51 27.37
C ASP B 181 -19.79 17.89 27.46
N SER B 182 -18.58 18.04 26.93
CA SER B 182 -17.74 19.28 26.99
C SER B 182 -18.46 20.44 26.28
N LEU B 183 -19.39 20.13 25.38
CA LEU B 183 -20.26 21.12 24.69
C LEU B 183 -21.22 21.76 25.71
N ASP B 184 -21.63 20.99 26.72
CA ASP B 184 -22.64 21.40 27.73
C ASP B 184 -22.02 22.37 28.75
N ARG B 185 -20.72 22.24 29.03
CA ARG B 185 -19.97 23.13 29.95
C ARG B 185 -20.22 24.58 29.56
N PRO B 186 -20.55 25.49 30.52
CA PRO B 186 -20.85 26.88 30.20
C PRO B 186 -19.60 27.68 29.82
N GLU B 187 -18.45 27.36 30.42
CA GLU B 187 -17.12 27.95 30.11
C GLU B 187 -16.09 26.82 30.00
N MET B 188 -15.22 26.89 28.99
CA MET B 188 -14.11 25.91 28.77
C MET B 188 -12.77 26.63 28.95
N THR B 189 -12.10 26.39 30.09
CA THR B 189 -10.76 26.92 30.44
C THR B 189 -9.69 26.09 29.75
N PHE B 190 -8.56 26.71 29.36
CA PHE B 190 -7.39 26.04 28.74
C PHE B 190 -6.12 26.84 29.06
N PHE B 191 -5.01 26.13 29.32
CA PHE B 191 -3.67 26.71 29.57
C PHE B 191 -3.21 27.49 28.33
N SER B 192 -2.64 28.67 28.54
CA SER B 192 -2.00 29.51 27.48
C SER B 192 -0.69 30.10 28.02
N VAL B 193 0.42 29.39 27.83
CA VAL B 193 1.78 29.75 28.35
C VAL B 193 2.08 31.22 27.99
N LYS B 194 2.56 32.00 28.97
CA LYS B 194 2.96 33.42 28.81
C LYS B 194 4.29 33.65 29.54
N ASN B 195 5.24 34.33 28.89
CA ASN B 195 6.64 34.51 29.34
C ASN B 195 6.68 35.41 30.59
N ILE B 196 7.61 35.12 31.52
CA ILE B 196 7.91 35.94 32.73
C ILE B 196 9.43 36.05 32.87
N LYS B 197 9.93 37.26 33.18
CA LYS B 197 11.38 37.52 33.42
C LYS B 197 11.74 36.97 34.81
N LYS B 198 13.01 36.59 34.98
CA LYS B 198 13.54 36.03 36.26
C LYS B 198 15.06 36.21 36.31
N LYS B 199 15.56 37.01 37.25
CA LYS B 199 17.00 37.20 37.51
C LYS B 199 17.60 35.89 37.99
N LEU B 200 18.76 35.50 37.44
CA LEU B 200 19.53 34.29 37.87
C LEU B 200 20.99 34.67 38.04
N PRO B 201 21.68 34.18 39.09
CA PRO B 201 23.07 34.55 39.34
C PRO B 201 24.00 34.02 38.22
N ALA B 202 24.97 34.84 37.82
CA ALA B 202 25.94 34.54 36.73
C ALA B 202 27.27 35.25 37.03
N LYS B 203 28.25 35.11 36.12
CA LYS B 203 29.58 35.78 36.20
C LYS B 203 29.59 36.94 35.20
N ASN B 204 28.62 37.84 35.32
CA ASN B 204 28.50 39.12 34.55
C ASN B 204 29.14 40.25 35.35
N ARG B 205 29.27 41.43 34.74
CA ARG B 205 29.69 42.68 35.41
C ARG B 205 28.75 42.92 36.60
N LYS B 206 27.45 42.98 36.34
CA LYS B 206 26.37 42.87 37.35
C LYS B 206 26.00 41.39 37.46
N GLY B 207 26.66 40.66 38.36
CA GLY B 207 26.63 39.19 38.48
C GLY B 207 25.22 38.62 38.49
N PHE B 208 24.55 38.60 37.33
CA PHE B 208 23.24 37.94 37.09
C PHE B 208 22.92 37.95 35.60
N LEU B 209 21.79 37.34 35.22
CA LEU B 209 21.26 37.31 33.83
C LEU B 209 19.74 37.07 33.89
N ILE B 210 19.01 37.57 32.89
CA ILE B 210 17.53 37.43 32.75
C ILE B 210 17.24 36.27 31.80
N LYS B 211 16.44 35.29 32.24
CA LYS B 211 15.97 34.13 31.45
C LYS B 211 14.44 34.14 31.43
N ARG B 212 13.84 34.31 30.25
CA ARG B 212 12.36 34.42 30.08
C ARG B 212 11.73 33.04 30.28
N ILE B 213 11.25 32.76 31.51
CA ILE B 213 10.61 31.49 31.93
C ILE B 213 9.17 31.45 31.43
N PRO B 214 8.69 30.30 30.88
CA PRO B 214 7.28 30.15 30.55
C PRO B 214 6.43 29.91 31.81
N MET B 215 5.22 30.46 31.85
CA MET B 215 4.25 30.31 32.96
C MET B 215 2.85 30.11 32.37
N LYS B 216 2.18 29.02 32.74
CA LYS B 216 0.85 28.62 32.21
C LYS B 216 -0.23 29.50 32.85
N VAL B 217 -1.10 30.10 32.02
CA VAL B 217 -2.20 31.01 32.43
C VAL B 217 -3.53 30.36 32.03
N LYS B 218 -4.53 30.42 32.93
CA LYS B 218 -5.89 29.85 32.73
C LYS B 218 -6.73 30.85 31.95
N ASP B 219 -6.89 30.62 30.63
CA ASP B 219 -7.71 31.43 29.71
C ASP B 219 -9.02 30.69 29.43
N LYS B 220 -10.15 31.41 29.50
CA LYS B 220 -11.53 30.85 29.33
C LYS B 220 -12.10 31.31 27.98
N ILE B 221 -13.10 30.56 27.49
CA ILE B 221 -13.95 30.93 26.31
C ILE B 221 -15.39 30.50 26.61
N THR B 222 -16.37 31.18 25.99
CA THR B 222 -17.82 30.99 26.22
C THR B 222 -18.27 29.63 25.68
N LYS B 223 -19.52 29.25 25.95
CA LYS B 223 -20.15 27.98 25.51
C LYS B 223 -20.19 27.94 23.98
N VAL B 224 -20.66 29.02 23.36
CA VAL B 224 -20.87 29.15 21.88
C VAL B 224 -19.51 29.01 21.17
N GLU B 225 -18.51 29.81 21.57
CA GLU B 225 -17.16 29.85 20.96
C GLU B 225 -16.59 28.42 20.85
N TYR B 226 -16.60 27.67 21.95
CA TYR B 226 -16.06 26.29 22.03
C TYR B 226 -16.83 25.37 21.07
N ILE B 227 -18.16 25.47 21.07
CA ILE B 227 -19.06 24.66 20.18
C ILE B 227 -18.64 24.85 18.73
N LYS B 228 -18.38 26.11 18.31
CA LYS B 228 -17.95 26.45 16.94
C LYS B 228 -16.55 25.87 16.69
N ARG B 229 -15.59 26.17 17.57
CA ARG B 229 -14.19 25.66 17.49
C ARG B 229 -14.20 24.13 17.34
N ALA B 230 -15.10 23.45 18.04
CA ALA B 230 -15.24 21.97 18.02
C ALA B 230 -15.76 21.50 16.65
N LEU B 231 -16.55 22.34 15.97
CA LEU B 231 -17.18 22.05 14.66
C LEU B 231 -16.38 22.70 13.52
N SER B 232 -15.27 23.36 13.83
CA SER B 232 -14.41 24.10 12.85
C SER B 232 -13.53 23.12 12.06
N LEU B 233 -13.30 23.42 10.77
CA LEU B 233 -12.38 22.70 9.85
C LEU B 233 -11.38 23.70 9.27
N ASN B 234 -10.07 23.39 9.35
CA ASN B 234 -8.97 24.27 8.90
C ASN B 234 -8.59 23.89 7.46
N THR B 235 -8.62 24.85 6.53
CA THR B 235 -8.50 24.62 5.06
C THR B 235 -7.10 25.01 4.55
N MET B 236 -6.61 24.27 3.56
CA MET B 236 -5.34 24.51 2.83
C MET B 236 -5.60 24.38 1.32
N THR B 237 -4.58 24.04 0.53
CA THR B 237 -4.69 23.65 -0.90
C THR B 237 -3.87 22.38 -1.15
N LYS B 238 -4.34 21.53 -2.07
CA LYS B 238 -3.72 20.22 -2.39
C LYS B 238 -2.46 20.47 -3.24
N ASP B 239 -1.29 20.28 -2.63
CA ASP B 239 0.04 20.40 -3.29
C ASP B 239 0.46 19.03 -3.83
N ALA B 240 1.23 19.03 -4.93
CA ALA B 240 1.82 17.83 -5.57
C ALA B 240 0.72 16.92 -6.14
N GLU B 241 -0.44 17.48 -6.48
CA GLU B 241 -1.59 16.75 -7.08
C GLU B 241 -1.35 16.66 -8.60
N ARG B 242 -1.17 15.45 -9.12
CA ARG B 242 -0.76 15.18 -10.52
C ARG B 242 -1.95 15.36 -11.46
N GLY B 243 -1.69 15.39 -12.77
CA GLY B 243 -2.70 15.39 -13.85
C GLY B 243 -3.85 16.35 -13.59
N LYS B 244 -3.54 17.59 -13.23
CA LYS B 244 -4.53 18.67 -12.94
C LYS B 244 -3.90 20.02 -13.31
N LEU B 245 -4.62 20.84 -14.09
CA LEU B 245 -4.18 22.21 -14.47
C LEU B 245 -4.35 23.13 -13.25
N LYS B 246 -5.59 23.53 -12.95
CA LYS B 246 -5.93 24.45 -11.82
C LYS B 246 -5.88 23.66 -10.51
N ARG B 247 -5.71 24.37 -9.39
CA ARG B 247 -5.56 23.78 -8.02
C ARG B 247 -6.95 23.62 -7.40
N ARG B 248 -7.02 22.94 -6.25
CA ARG B 248 -8.27 22.77 -5.45
C ARG B 248 -7.93 22.72 -3.96
N ALA B 249 -8.91 23.03 -3.11
CA ALA B 249 -8.77 23.18 -1.64
C ALA B 249 -9.10 21.85 -0.94
N ILE B 250 -8.50 21.64 0.24
CA ILE B 250 -8.77 20.49 1.16
C ILE B 250 -8.88 21.04 2.59
N ALA B 251 -9.25 20.19 3.55
CA ALA B 251 -9.52 20.59 4.95
C ALA B 251 -9.03 19.51 5.93
N THR B 252 -8.63 19.95 7.13
CA THR B 252 -8.23 19.11 8.29
C THR B 252 -9.32 19.19 9.36
N ALA B 253 -9.51 18.10 10.11
CA ALA B 253 -10.56 17.93 11.14
C ALA B 253 -9.97 18.17 12.54
N GLY B 254 -10.85 18.42 13.52
CA GLY B 254 -10.48 18.60 14.94
C GLY B 254 -10.35 17.27 15.66
N ILE B 255 -9.87 17.29 16.91
CA ILE B 255 -9.64 16.08 17.75
C ILE B 255 -10.99 15.52 18.22
N GLN B 256 -12.00 16.38 18.36
CA GLN B 256 -13.38 16.00 18.80
C GLN B 256 -13.98 15.03 17.78
N ILE B 257 -14.15 15.51 16.53
CA ILE B 257 -14.82 14.76 15.41
C ILE B 257 -14.04 13.48 15.09
N ARG B 258 -12.70 13.53 15.12
CA ARG B 258 -11.80 12.42 14.69
C ARG B 258 -12.12 11.12 15.44
N GLY B 259 -12.55 11.23 16.71
CA GLY B 259 -12.94 10.08 17.55
C GLY B 259 -14.06 9.26 16.94
N PHE B 260 -15.11 9.93 16.46
CA PHE B 260 -16.39 9.31 16.01
C PHE B 260 -16.29 8.83 14.56
N VAL B 261 -15.47 9.50 13.74
CA VAL B 261 -15.23 9.15 12.32
C VAL B 261 -14.60 7.75 12.24
N LEU B 262 -13.61 7.50 13.10
CA LEU B 262 -12.82 6.24 13.15
C LEU B 262 -13.76 5.03 13.22
N VAL B 263 -14.81 5.12 14.04
CA VAL B 263 -15.80 4.03 14.27
C VAL B 263 -16.68 3.85 13.02
N VAL B 264 -17.29 4.95 12.54
CA VAL B 264 -18.24 4.96 11.40
C VAL B 264 -17.51 4.46 10.15
N GLU B 265 -16.25 4.88 9.94
CA GLU B 265 -15.41 4.43 8.80
C GLU B 265 -15.11 2.94 8.94
N ASN B 266 -14.73 2.50 10.15
CA ASN B 266 -14.46 1.07 10.48
C ASN B 266 -15.72 0.24 10.21
N LEU B 267 -16.90 0.80 10.49
CA LEU B 267 -18.23 0.16 10.26
C LEU B 267 -18.44 -0.08 8.77
N ALA B 268 -18.30 0.97 7.95
CA ALA B 268 -18.45 0.92 6.48
C ALA B 268 -17.37 0.01 5.87
N LYS B 269 -16.16 0.05 6.43
CA LYS B 269 -15.00 -0.77 6.00
C LYS B 269 -15.36 -2.26 6.10
N ASN B 270 -16.06 -2.65 7.18
CA ASN B 270 -16.53 -4.05 7.42
C ASN B 270 -17.52 -4.45 6.32
N ILE B 271 -18.43 -3.55 5.94
CA ILE B 271 -19.43 -3.77 4.86
C ILE B 271 -18.70 -3.90 3.52
N CYS B 272 -17.82 -2.94 3.21
CA CYS B 272 -17.09 -2.83 1.92
C CYS B 272 -16.28 -4.10 1.63
N GLU B 273 -15.53 -4.60 2.62
CA GLU B 273 -14.73 -5.85 2.53
C GLU B 273 -15.58 -6.98 1.95
N ASN B 274 -16.83 -7.11 2.44
CA ASN B 274 -17.75 -8.23 2.13
C ASN B 274 -18.52 -7.93 0.83
N LEU B 275 -18.74 -6.66 0.50
CA LEU B 275 -19.36 -6.25 -0.80
C LEU B 275 -18.44 -6.70 -1.94
N GLU B 276 -19.03 -7.26 -3.02
CA GLU B 276 -18.30 -7.80 -4.20
C GLU B 276 -17.86 -6.64 -5.10
N GLN B 277 -18.73 -5.64 -5.29
CA GLN B 277 -18.57 -4.55 -6.30
C GLN B 277 -17.93 -3.32 -5.64
N SER B 278 -16.81 -3.51 -4.93
CA SER B 278 -16.04 -2.43 -4.26
C SER B 278 -14.54 -2.64 -4.48
N GLY B 279 -13.83 -1.58 -4.88
CA GLY B 279 -12.37 -1.56 -5.06
C GLY B 279 -11.65 -1.30 -3.75
N LEU B 280 -12.36 -0.82 -2.73
CA LEU B 280 -11.85 -0.55 -1.36
C LEU B 280 -12.53 -1.49 -0.38
N PRO B 281 -11.88 -1.87 0.75
CA PRO B 281 -10.54 -1.38 1.10
C PRO B 281 -9.37 -2.25 0.59
N VAL B 282 -9.64 -3.14 -0.38
CA VAL B 282 -8.61 -4.04 -0.98
C VAL B 282 -7.63 -3.19 -1.80
N GLY B 283 -6.40 -3.68 -2.00
CA GLY B 283 -5.33 -2.96 -2.69
C GLY B 283 -4.29 -3.88 -3.29
N GLY B 284 -3.42 -3.34 -4.15
CA GLY B 284 -2.29 -4.04 -4.78
C GLY B 284 -2.76 -5.18 -5.67
N ASN B 285 -2.19 -6.37 -5.49
CA ASN B 285 -2.52 -7.60 -6.26
C ASN B 285 -3.93 -8.07 -5.89
N GLU B 286 -4.30 -7.99 -4.61
CA GLU B 286 -5.63 -8.40 -4.09
C GLU B 286 -6.73 -7.65 -4.86
N LYS B 287 -6.52 -6.35 -5.12
CA LYS B 287 -7.46 -5.48 -5.87
C LYS B 287 -7.63 -6.02 -7.29
N LYS B 288 -6.51 -6.21 -8.01
CA LYS B 288 -6.46 -6.73 -9.40
C LYS B 288 -7.16 -8.10 -9.45
N ALA B 289 -6.78 -9.02 -8.56
CA ALA B 289 -7.33 -10.39 -8.44
C ALA B 289 -8.85 -10.33 -8.42
N LYS B 290 -9.43 -9.39 -7.66
CA LYS B 290 -10.91 -9.23 -7.50
C LYS B 290 -11.52 -8.72 -8.79
N LEU B 291 -11.01 -7.57 -9.28
CA LEU B 291 -11.55 -6.87 -10.48
C LEU B 291 -11.46 -7.79 -11.70
N SER B 292 -10.39 -8.57 -11.82
CA SER B 292 -10.18 -9.58 -12.91
C SER B 292 -11.33 -10.59 -12.91
N ASN B 293 -11.59 -11.24 -11.77
CA ASN B 293 -12.67 -12.25 -11.59
C ASN B 293 -14.01 -11.58 -11.85
N ALA B 294 -14.28 -10.44 -11.18
CA ALA B 294 -15.50 -9.63 -11.36
C ALA B 294 -15.74 -9.40 -12.86
N VAL B 295 -14.71 -8.95 -13.58
CA VAL B 295 -14.75 -8.64 -15.04
C VAL B 295 -15.02 -9.94 -15.82
N ALA B 296 -14.33 -11.03 -15.48
CA ALA B 296 -14.48 -12.37 -16.11
C ALA B 296 -15.95 -12.83 -16.00
N LYS B 297 -16.51 -12.78 -14.78
CA LYS B 297 -17.92 -13.18 -14.50
C LYS B 297 -18.88 -12.23 -15.23
N MET B 298 -18.73 -10.91 -15.00
CA MET B 298 -19.58 -9.84 -15.62
C MET B 298 -19.50 -9.93 -17.16
N LEU B 299 -18.41 -10.49 -17.69
CA LEU B 299 -18.22 -10.76 -19.14
C LEU B 299 -18.96 -12.03 -19.54
N SER B 300 -18.64 -13.16 -18.89
CA SER B 300 -19.06 -14.52 -19.34
C SER B 300 -20.50 -14.84 -18.90
N ASN B 301 -21.12 -14.03 -18.05
CA ASN B 301 -22.52 -14.26 -17.58
C ASN B 301 -23.53 -13.61 -18.57
N CYS B 302 -23.08 -12.65 -19.38
CA CYS B 302 -23.92 -11.84 -20.32
C CYS B 302 -24.73 -12.74 -21.24
N PRO B 303 -25.98 -12.35 -21.62
CA PRO B 303 -26.79 -13.13 -22.56
C PRO B 303 -26.10 -13.36 -23.91
N PRO B 304 -26.02 -14.62 -24.41
CA PRO B 304 -25.43 -14.90 -25.72
C PRO B 304 -26.19 -14.19 -26.85
N GLY B 305 -25.46 -13.79 -27.90
CA GLY B 305 -26.00 -13.04 -29.05
C GLY B 305 -26.51 -11.66 -28.65
N GLY B 306 -25.87 -11.04 -27.65
CA GLY B 306 -26.15 -9.68 -27.17
C GLY B 306 -24.90 -8.82 -27.20
N ILE B 307 -24.87 -7.74 -26.42
CA ILE B 307 -23.70 -6.81 -26.29
C ILE B 307 -23.50 -6.44 -24.83
N SER B 308 -22.30 -6.69 -24.29
CA SER B 308 -21.82 -6.24 -22.96
C SER B 308 -21.01 -4.95 -23.14
N MET B 309 -21.43 -3.86 -22.49
CA MET B 309 -20.78 -2.52 -22.61
C MET B 309 -20.23 -2.08 -21.25
N THR B 310 -18.98 -1.60 -21.23
CA THR B 310 -18.30 -1.06 -20.03
C THR B 310 -18.24 0.48 -20.12
N VAL B 311 -18.88 1.18 -19.18
CA VAL B 311 -18.82 2.66 -19.04
C VAL B 311 -17.61 3.01 -18.17
N THR B 312 -16.53 3.50 -18.79
CA THR B 312 -15.34 4.05 -18.09
C THR B 312 -15.77 5.39 -17.46
N GLY B 313 -16.17 5.36 -16.20
CA GLY B 313 -16.96 6.43 -15.54
C GLY B 313 -16.16 7.18 -14.49
N ASP B 314 -16.67 8.35 -14.10
CA ASP B 314 -16.12 9.22 -13.02
C ASP B 314 -17.20 10.23 -12.61
N ASN B 315 -17.31 10.51 -11.31
CA ASN B 315 -18.30 11.45 -10.73
C ASN B 315 -17.59 12.79 -10.45
N THR B 316 -18.11 13.89 -11.00
CA THR B 316 -17.63 15.29 -10.75
C THR B 316 -18.41 15.86 -9.57
N LYS B 317 -17.75 16.71 -8.77
CA LYS B 317 -18.32 17.38 -7.57
C LYS B 317 -18.86 16.32 -6.61
N TRP B 318 -18.00 15.35 -6.27
CA TRP B 318 -18.29 14.20 -5.36
C TRP B 318 -18.59 14.72 -3.96
N ASN B 319 -17.61 15.37 -3.33
CA ASN B 319 -17.67 15.87 -1.93
C ASN B 319 -18.64 17.05 -1.83
N GLU B 320 -18.71 17.89 -2.87
CA GLU B 320 -19.49 19.16 -2.87
C GLU B 320 -21.00 18.88 -2.81
N CYS B 321 -21.44 17.70 -3.27
CA CYS B 321 -22.88 17.30 -3.39
C CYS B 321 -23.30 16.45 -2.17
N LEU B 322 -22.66 15.29 -1.98
CA LEU B 322 -22.96 14.32 -0.90
C LEU B 322 -23.21 15.07 0.42
N ASN B 323 -24.37 14.87 1.04
CA ASN B 323 -24.80 15.57 2.29
C ASN B 323 -24.56 14.67 3.49
N PRO B 324 -24.15 15.24 4.67
CA PRO B 324 -24.03 14.46 5.89
C PRO B 324 -25.34 13.82 6.39
N ARG B 325 -26.48 14.49 6.14
CA ARG B 325 -27.82 14.08 6.62
C ARG B 325 -28.22 12.75 5.96
N ILE B 326 -27.74 12.49 4.75
CA ILE B 326 -27.90 11.19 4.03
C ILE B 326 -27.02 10.14 4.72
N PHE B 327 -25.79 10.50 5.06
CA PHE B 327 -24.80 9.63 5.76
C PHE B 327 -25.33 9.28 7.16
N LEU B 328 -26.06 10.19 7.79
CA LEU B 328 -26.73 9.97 9.11
C LEU B 328 -27.77 8.86 8.97
N ALA B 329 -28.62 8.97 7.93
CA ALA B 329 -29.68 7.99 7.59
C ALA B 329 -29.07 6.61 7.36
N MET B 330 -27.88 6.56 6.74
CA MET B 330 -27.17 5.29 6.40
C MET B 330 -26.81 4.51 7.67
N THR B 331 -26.28 5.19 8.69
CA THR B 331 -25.83 4.58 9.98
C THR B 331 -27.05 4.03 10.75
N GLU B 332 -28.12 4.83 10.80
CA GLU B 332 -29.39 4.49 11.50
C GLU B 332 -29.98 3.19 10.92
N ARG B 333 -29.84 2.98 9.62
CA ARG B 333 -30.32 1.76 8.91
C ARG B 333 -29.37 0.59 9.23
N ILE B 334 -28.06 0.83 9.22
CA ILE B 334 -27.00 -0.20 9.42
C ILE B 334 -26.99 -0.69 10.87
N THR B 335 -27.33 0.18 11.83
CA THR B 335 -27.26 -0.09 13.30
C THR B 335 -28.65 -0.42 13.86
N ARG B 336 -29.57 -0.92 13.03
CA ARG B 336 -31.00 -1.13 13.39
C ARG B 336 -31.13 -2.21 14.46
N ASP B 337 -30.35 -3.29 14.35
CA ASP B 337 -30.38 -4.46 15.27
C ASP B 337 -29.49 -4.19 16.49
N SER B 338 -28.39 -3.46 16.30
CA SER B 338 -27.39 -3.12 17.35
C SER B 338 -28.04 -2.31 18.47
N PRO B 339 -27.49 -2.35 19.71
CA PRO B 339 -28.09 -1.65 20.85
C PRO B 339 -28.13 -0.12 20.69
N ILE B 340 -28.87 0.55 21.58
CA ILE B 340 -29.29 1.98 21.44
C ILE B 340 -28.09 2.90 21.72
N TRP B 341 -27.15 2.46 22.56
CA TRP B 341 -25.93 3.24 22.92
C TRP B 341 -25.02 3.38 21.68
N PHE B 342 -24.93 2.33 20.87
CA PHE B 342 -24.08 2.26 19.65
C PHE B 342 -24.71 3.09 18.52
N ARG B 343 -26.04 3.00 18.38
CA ARG B 343 -26.84 3.80 17.41
C ARG B 343 -26.51 5.28 17.57
N ASP B 344 -26.58 5.78 18.81
CA ASP B 344 -26.36 7.21 19.18
C ASP B 344 -24.88 7.58 18.97
N PHE B 345 -23.96 6.63 19.17
CA PHE B 345 -22.49 6.79 19.00
C PHE B 345 -22.20 7.10 17.53
N CYS B 346 -22.66 6.23 16.62
CA CYS B 346 -22.44 6.32 15.16
C CYS B 346 -23.15 7.54 14.57
N SER B 347 -24.18 8.06 15.25
CA SER B 347 -25.01 9.20 14.78
C SER B 347 -24.29 10.53 14.96
N ILE B 348 -23.31 10.61 15.87
CA ILE B 348 -22.61 11.88 16.26
C ILE B 348 -21.79 12.40 15.08
N ALA B 349 -20.88 11.58 14.55
CA ALA B 349 -19.91 11.96 13.49
C ALA B 349 -20.65 12.70 12.37
N PRO B 350 -21.69 12.12 11.74
CA PRO B 350 -22.50 12.84 10.75
C PRO B 350 -23.15 14.12 11.27
N VAL B 351 -23.68 14.09 12.51
CA VAL B 351 -24.38 15.24 13.16
C VAL B 351 -23.39 16.42 13.27
N LEU B 352 -22.12 16.13 13.58
CA LEU B 352 -21.04 17.17 13.66
C LEU B 352 -20.78 17.75 12.27
N PHE B 353 -20.64 16.89 11.25
CA PHE B 353 -20.41 17.30 9.83
C PHE B 353 -21.63 18.06 9.30
N SER B 354 -22.83 17.79 9.82
CA SER B 354 -24.10 18.42 9.39
C SER B 354 -24.11 19.91 9.77
N ASN B 355 -23.44 20.29 10.86
CA ASN B 355 -23.37 21.68 11.39
C ASN B 355 -21.92 22.15 11.47
N LYS B 356 -21.05 21.65 10.58
CA LYS B 356 -19.59 21.99 10.54
C LYS B 356 -19.41 23.45 10.10
N ILE B 357 -18.28 24.04 10.49
CA ILE B 357 -17.85 25.43 10.13
C ILE B 357 -16.51 25.35 9.39
N ALA B 358 -16.33 26.18 8.36
CA ALA B 358 -15.12 26.21 7.50
C ALA B 358 -14.27 27.44 7.83
N ARG B 359 -13.00 27.23 8.19
CA ARG B 359 -12.00 28.30 8.38
C ARG B 359 -11.38 28.63 7.01
N LEU B 360 -11.34 29.92 6.64
CA LEU B 360 -11.04 30.38 5.26
C LEU B 360 -9.53 30.66 5.10
N GLY B 361 -8.68 29.79 5.62
CA GLY B 361 -7.22 29.84 5.45
C GLY B 361 -6.60 31.10 6.03
N LYS B 362 -5.63 31.69 5.33
CA LYS B 362 -4.85 32.88 5.76
C LYS B 362 -5.65 34.15 5.45
N GLY B 363 -6.00 34.35 4.18
CA GLY B 363 -6.74 35.53 3.69
C GLY B 363 -6.30 35.93 2.30
N PHE B 364 -6.22 37.24 2.02
CA PHE B 364 -5.81 37.83 0.72
C PHE B 364 -4.73 38.87 0.95
N MET B 365 -3.69 38.87 0.12
CA MET B 365 -2.55 39.83 0.15
C MET B 365 -2.84 40.97 -0.83
N ILE B 366 -2.75 42.22 -0.37
CA ILE B 366 -2.94 43.46 -1.17
C ILE B 366 -1.61 44.20 -1.26
N THR B 367 -1.32 44.83 -2.40
CA THR B 367 -0.01 45.45 -2.74
C THR B 367 -0.20 46.71 -3.59
N SER B 368 0.58 47.75 -3.32
CA SER B 368 0.79 48.92 -4.22
C SER B 368 2.09 48.70 -5.01
N LYS B 369 1.99 48.63 -6.35
CA LYS B 369 3.10 48.29 -7.26
C LYS B 369 4.11 49.46 -7.29
N THR B 370 3.61 50.70 -7.23
CA THR B 370 4.42 51.95 -7.25
C THR B 370 5.20 52.09 -5.95
N LYS B 371 4.50 52.02 -4.80
CA LYS B 371 5.09 52.11 -3.44
C LYS B 371 5.96 50.89 -3.15
N ARG B 372 5.63 49.74 -3.77
CA ARG B 372 6.33 48.43 -3.59
C ARG B 372 6.17 47.98 -2.13
N LEU B 373 4.92 47.78 -1.72
CA LEU B 373 4.53 47.30 -0.36
C LEU B 373 3.56 46.12 -0.50
N LYS B 374 3.47 45.28 0.54
CA LYS B 374 2.49 44.16 0.61
C LYS B 374 2.04 43.99 2.07
N ALA B 375 0.88 43.35 2.28
CA ALA B 375 0.28 43.11 3.60
C ALA B 375 -0.86 42.09 3.48
N GLN B 376 -0.83 41.04 4.31
CA GLN B 376 -1.90 40.01 4.41
C GLN B 376 -3.12 40.62 5.10
N ILE B 377 -4.32 40.36 4.57
CA ILE B 377 -5.63 40.77 5.14
C ILE B 377 -6.26 39.55 5.80
N PRO B 378 -6.22 39.43 7.15
CA PRO B 378 -6.87 38.32 7.85
C PRO B 378 -8.36 38.16 7.48
N CYS B 379 -8.84 36.91 7.54
CA CYS B 379 -10.20 36.50 7.11
C CYS B 379 -11.28 37.27 7.88
N PRO B 380 -11.11 37.57 9.19
CA PRO B 380 -12.05 38.44 9.91
C PRO B 380 -12.12 39.88 9.37
N ASP B 381 -11.07 40.34 8.68
CA ASP B 381 -10.95 41.73 8.14
C ASP B 381 -11.16 41.72 6.62
N LEU B 382 -11.95 40.77 6.09
CA LEU B 382 -12.18 40.62 4.62
C LEU B 382 -13.08 41.74 4.12
N PHE B 383 -14.05 42.18 4.92
CA PHE B 383 -15.06 43.22 4.57
C PHE B 383 -14.70 44.56 5.22
N SER B 384 -13.54 44.65 5.88
CA SER B 384 -12.95 45.91 6.40
C SER B 384 -12.58 46.82 5.23
N ILE B 385 -12.15 46.23 4.12
CA ILE B 385 -11.74 46.91 2.85
C ILE B 385 -12.96 47.00 1.93
N PRO B 386 -13.25 48.16 1.31
CA PRO B 386 -14.23 48.24 0.23
C PRO B 386 -13.83 47.31 -0.93
N LEU B 387 -14.79 46.57 -1.48
CA LEU B 387 -14.56 45.40 -2.37
C LEU B 387 -14.09 45.85 -3.76
N GLU B 388 -13.90 47.16 -3.97
CA GLU B 388 -13.39 47.75 -5.24
C GLU B 388 -11.88 47.49 -5.36
N ARG B 389 -11.21 47.23 -4.23
CA ARG B 389 -9.73 47.04 -4.15
C ARG B 389 -9.37 45.58 -4.40
N TYR B 390 -10.29 44.64 -4.13
CA TYR B 390 -10.17 43.22 -4.56
C TYR B 390 -10.40 43.14 -6.08
N ASN B 391 -9.76 42.18 -6.74
CA ASN B 391 -9.89 41.96 -8.21
C ASN B 391 -11.23 41.29 -8.51
N GLU B 392 -11.69 41.39 -9.76
CA GLU B 392 -13.01 40.87 -10.24
C GLU B 392 -13.28 39.49 -9.63
N GLU B 393 -12.37 38.54 -9.86
CA GLU B 393 -12.48 37.12 -9.44
C GLU B 393 -12.90 37.05 -7.97
N THR B 394 -12.14 37.72 -7.08
CA THR B 394 -12.30 37.68 -5.60
C THR B 394 -13.54 38.49 -5.19
N ARG B 395 -13.76 39.63 -5.86
CA ARG B 395 -14.89 40.56 -5.59
C ARG B 395 -16.22 39.80 -5.69
N ALA B 396 -16.41 39.06 -6.79
CA ALA B 396 -17.62 38.24 -7.07
C ALA B 396 -17.80 37.19 -5.97
N LYS B 397 -16.73 36.44 -5.67
CA LYS B 397 -16.69 35.38 -4.63
C LYS B 397 -17.11 35.96 -3.27
N LEU B 398 -16.48 37.06 -2.86
CA LEU B 398 -16.69 37.66 -1.50
C LEU B 398 -18.15 38.09 -1.32
N LYS B 399 -18.81 38.56 -2.39
CA LYS B 399 -20.25 38.97 -2.38
C LYS B 399 -21.13 37.73 -2.20
N LYS B 400 -20.82 36.64 -2.91
CA LYS B 400 -21.54 35.34 -2.85
C LYS B 400 -21.31 34.66 -1.49
N LEU B 401 -20.15 34.88 -0.86
CA LEU B 401 -19.82 34.33 0.48
C LEU B 401 -20.64 35.02 1.57
N LYS B 402 -21.01 36.29 1.36
CA LYS B 402 -21.54 37.23 2.38
C LYS B 402 -22.64 36.58 3.22
N PRO B 403 -23.70 35.97 2.64
CA PRO B 403 -24.79 35.40 3.45
C PRO B 403 -24.41 34.15 4.27
N PHE B 404 -23.19 33.63 4.12
CA PHE B 404 -22.66 32.46 4.87
C PHE B 404 -21.52 32.87 5.82
N PHE B 405 -21.00 34.09 5.66
CA PHE B 405 -19.80 34.60 6.35
C PHE B 405 -20.12 34.94 7.81
N ASN B 406 -19.26 34.49 8.75
CA ASN B 406 -19.33 34.79 10.20
C ASN B 406 -18.33 35.91 10.52
N GLU B 407 -18.58 36.67 11.59
CA GLU B 407 -17.80 37.88 11.97
C GLU B 407 -16.36 37.49 12.36
N GLU B 408 -16.17 36.30 12.93
CA GLU B 408 -14.86 35.80 13.43
C GLU B 408 -13.97 35.37 12.24
N GLY B 409 -14.51 35.32 11.02
CA GLY B 409 -13.76 35.05 9.78
C GLY B 409 -13.84 33.59 9.36
N THR B 410 -15.02 32.99 9.44
CA THR B 410 -15.32 31.59 9.04
C THR B 410 -16.59 31.57 8.18
N ALA B 411 -16.88 30.43 7.56
CA ALA B 411 -18.06 30.23 6.68
C ALA B 411 -18.84 28.99 7.13
N SER B 412 -20.14 29.15 7.38
CA SER B 412 -21.07 28.04 7.74
C SER B 412 -21.31 27.16 6.51
N LEU B 413 -20.75 25.94 6.52
CA LEU B 413 -20.78 24.99 5.39
C LEU B 413 -21.55 23.73 5.82
N SER B 414 -22.87 23.87 6.02
CA SER B 414 -23.79 22.79 6.46
C SER B 414 -23.82 21.66 5.44
N PRO B 415 -23.94 21.94 4.12
CA PRO B 415 -23.92 20.89 3.10
C PRO B 415 -22.50 20.37 2.82
N GLY B 416 -22.38 19.39 1.93
CA GLY B 416 -21.11 18.88 1.38
C GLY B 416 -20.27 18.15 2.40
N MET B 417 -19.11 17.63 1.96
CA MET B 417 -18.10 16.92 2.77
C MET B 417 -16.72 17.51 2.47
N MET B 418 -16.56 18.81 2.73
CA MET B 418 -15.34 19.61 2.47
C MET B 418 -14.10 18.71 2.57
N MET B 419 -13.90 18.08 3.74
CA MET B 419 -12.69 17.30 4.09
C MET B 419 -12.74 15.90 3.47
N GLY B 420 -13.94 15.30 3.41
CA GLY B 420 -14.16 13.91 2.98
C GLY B 420 -14.19 12.96 4.18
N MET B 421 -13.08 12.25 4.41
CA MET B 421 -12.86 11.31 5.56
C MET B 421 -13.75 10.06 5.41
N PHE B 422 -15.04 10.22 5.14
CA PHE B 422 -15.98 9.12 4.79
C PHE B 422 -15.73 8.67 3.34
N ASN B 423 -14.78 7.75 3.15
CA ASN B 423 -14.46 7.11 1.84
C ASN B 423 -15.21 5.77 1.75
N MET B 424 -15.05 4.93 2.76
CA MET B 424 -15.67 3.58 2.86
C MET B 424 -17.20 3.73 2.81
N LEU B 425 -17.75 4.65 3.61
CA LEU B 425 -19.21 4.89 3.74
C LEU B 425 -19.76 5.53 2.47
N SER B 426 -18.95 6.35 1.79
CA SER B 426 -19.30 7.00 0.50
C SER B 426 -19.25 5.98 -0.64
N THR B 427 -18.34 5.00 -0.57
CA THR B 427 -18.28 3.86 -1.54
C THR B 427 -19.59 3.07 -1.47
N VAL B 428 -20.01 2.68 -0.26
CA VAL B 428 -21.23 1.87 0.02
C VAL B 428 -22.45 2.51 -0.66
N LEU B 429 -22.64 3.82 -0.49
CA LEU B 429 -23.75 4.58 -1.11
C LEU B 429 -23.68 4.44 -2.63
N GLY B 430 -22.46 4.38 -3.19
CA GLY B 430 -22.23 4.12 -4.62
C GLY B 430 -22.61 2.70 -5.00
N VAL B 431 -22.16 1.72 -4.20
CA VAL B 431 -22.46 0.27 -4.39
C VAL B 431 -23.98 0.07 -4.38
N ALA B 432 -24.68 0.75 -3.47
CA ALA B 432 -26.16 0.69 -3.30
C ALA B 432 -26.86 1.01 -4.64
N ALA B 433 -26.30 1.92 -5.43
CA ALA B 433 -26.77 2.29 -6.78
C ALA B 433 -26.51 1.13 -7.74
N LEU B 434 -25.34 0.49 -7.64
CA LEU B 434 -24.90 -0.65 -8.50
C LEU B 434 -25.68 -1.91 -8.13
N GLY B 435 -26.31 -1.94 -6.94
CA GLY B 435 -27.11 -3.07 -6.45
C GLY B 435 -28.49 -3.14 -7.08
N ILE B 436 -29.04 -2.00 -7.51
CA ILE B 436 -30.41 -1.88 -8.07
C ILE B 436 -30.52 -2.71 -9.35
N LYS B 437 -29.57 -2.55 -10.28
CA LYS B 437 -29.34 -3.44 -11.46
C LYS B 437 -30.39 -3.26 -12.56
N ASN B 438 -31.56 -2.68 -12.26
CA ASN B 438 -32.66 -2.52 -13.24
C ASN B 438 -33.72 -1.56 -12.70
N ILE B 439 -34.45 -0.89 -13.60
CA ILE B 439 -35.61 0.00 -13.29
C ILE B 439 -36.72 -0.25 -14.31
N GLY B 440 -37.93 -0.58 -13.82
CA GLY B 440 -39.14 -0.78 -14.64
C GLY B 440 -39.13 -2.09 -15.42
N ASN B 441 -38.39 -3.08 -14.92
CA ASN B 441 -38.27 -4.46 -15.50
C ASN B 441 -37.94 -4.37 -17.00
N LYS B 442 -37.08 -3.42 -17.39
CA LYS B 442 -36.67 -3.19 -18.80
C LYS B 442 -35.64 -4.26 -19.20
N GLU B 443 -35.28 -4.32 -20.49
CA GLU B 443 -34.49 -5.41 -21.10
C GLU B 443 -32.98 -5.10 -21.03
N TYR B 444 -32.50 -4.66 -19.87
CA TYR B 444 -31.05 -4.42 -19.59
C TYR B 444 -30.72 -4.91 -18.17
N LEU B 445 -29.42 -5.12 -17.91
CA LEU B 445 -28.88 -5.52 -16.59
C LEU B 445 -27.53 -4.81 -16.38
N TRP B 446 -27.48 -3.84 -15.46
CA TRP B 446 -26.24 -3.09 -15.11
C TRP B 446 -25.66 -3.65 -13.79
N ASP B 447 -24.34 -3.50 -13.63
CA ASP B 447 -23.57 -3.85 -12.40
C ASP B 447 -22.14 -3.32 -12.60
N GLY B 448 -21.57 -2.69 -11.58
CA GLY B 448 -20.29 -1.95 -11.70
C GLY B 448 -19.34 -2.19 -10.54
N LEU B 449 -18.33 -1.33 -10.43
CA LEU B 449 -17.30 -1.30 -9.35
C LEU B 449 -17.24 0.12 -8.78
N GLN B 450 -16.81 0.27 -7.52
CA GLN B 450 -16.80 1.58 -6.82
C GLN B 450 -15.53 1.71 -5.97
N SER B 451 -14.78 2.80 -6.20
CA SER B 451 -13.62 3.24 -5.37
C SER B 451 -13.84 4.72 -5.01
N SER B 452 -14.66 4.99 -3.99
CA SER B 452 -15.11 6.33 -3.56
C SER B 452 -15.78 7.04 -4.75
N ASP B 453 -15.13 8.08 -5.32
CA ASP B 453 -15.68 8.90 -6.43
C ASP B 453 -15.57 8.14 -7.75
N ASP B 454 -14.58 7.24 -7.88
CA ASP B 454 -14.25 6.52 -9.14
C ASP B 454 -15.16 5.30 -9.26
N PHE B 455 -15.67 5.01 -10.46
CA PHE B 455 -16.58 3.87 -10.75
C PHE B 455 -16.41 3.39 -12.20
N ALA B 456 -16.81 2.13 -12.45
CA ALA B 456 -16.83 1.47 -13.78
C ALA B 456 -18.06 0.57 -13.88
N LEU B 457 -19.08 1.01 -14.64
CA LEU B 457 -20.42 0.36 -14.75
C LEU B 457 -20.46 -0.56 -15.99
N PHE B 458 -20.67 -1.87 -15.78
CA PHE B 458 -20.91 -2.86 -16.86
C PHE B 458 -22.43 -2.95 -17.11
N VAL B 459 -22.84 -3.07 -18.37
CA VAL B 459 -24.26 -3.15 -18.82
C VAL B 459 -24.40 -4.27 -19.86
N ASN B 460 -25.25 -5.26 -19.57
CA ASN B 460 -25.59 -6.41 -20.46
C ASN B 460 -27.05 -6.27 -20.89
N ALA B 461 -27.31 -6.23 -22.21
CA ALA B 461 -28.65 -5.97 -22.79
C ALA B 461 -28.75 -6.58 -24.20
N LYS B 462 -29.90 -6.39 -24.85
CA LYS B 462 -30.24 -6.89 -26.21
C LYS B 462 -29.27 -6.28 -27.23
N ASP B 463 -29.37 -4.95 -27.43
CA ASP B 463 -28.55 -4.17 -28.40
C ASP B 463 -28.03 -2.91 -27.68
N GLU B 464 -27.12 -2.17 -28.32
CA GLU B 464 -26.45 -0.99 -27.74
C GLU B 464 -27.48 0.11 -27.47
N GLU B 465 -28.48 0.27 -28.36
CA GLU B 465 -29.62 1.20 -28.19
C GLU B 465 -30.24 1.01 -26.80
N THR B 466 -30.39 -0.25 -26.37
CA THR B 466 -30.95 -0.64 -25.05
C THR B 466 -29.95 -0.31 -23.94
N CYS B 467 -28.67 -0.65 -24.13
CA CYS B 467 -27.55 -0.40 -23.18
C CYS B 467 -27.56 1.07 -22.75
N MET B 468 -27.50 2.00 -23.71
CA MET B 468 -27.41 3.46 -23.45
C MET B 468 -28.62 3.92 -22.64
N GLU B 469 -29.82 3.43 -23.01
CA GLU B 469 -31.08 3.67 -22.26
C GLU B 469 -30.92 3.15 -20.83
N GLY B 470 -30.21 2.02 -20.66
CA GLY B 470 -29.89 1.42 -19.35
C GLY B 470 -28.92 2.28 -18.54
N ILE B 471 -27.92 2.87 -19.20
CA ILE B 471 -26.93 3.81 -18.59
C ILE B 471 -27.67 5.08 -18.17
N ASN B 472 -28.54 5.61 -19.04
CA ASN B 472 -29.36 6.82 -18.79
C ASN B 472 -30.13 6.64 -17.47
N ASP B 473 -30.60 5.43 -17.16
CA ASP B 473 -31.36 5.12 -15.92
C ASP B 473 -30.44 5.22 -14.71
N PHE B 474 -29.22 4.66 -14.78
CA PHE B 474 -28.19 4.70 -13.70
C PHE B 474 -27.89 6.15 -13.33
N TYR B 475 -27.64 6.99 -14.34
CA TYR B 475 -27.39 8.45 -14.22
C TYR B 475 -28.51 9.10 -13.38
N ARG B 476 -29.76 8.79 -13.72
CA ARG B 476 -30.98 9.38 -13.10
C ARG B 476 -31.21 8.78 -11.71
N THR B 477 -30.77 7.54 -11.49
CA THR B 477 -30.81 6.82 -10.20
C THR B 477 -29.82 7.47 -9.23
N CYS B 478 -28.59 7.72 -9.69
CA CYS B 478 -27.47 8.29 -8.89
C CYS B 478 -27.81 9.72 -8.44
N LYS B 479 -28.60 10.45 -9.23
CA LYS B 479 -29.03 11.86 -8.95
C LYS B 479 -29.88 11.91 -7.66
N LEU B 480 -30.57 10.82 -7.33
CA LEU B 480 -31.49 10.72 -6.15
C LEU B 480 -30.70 10.35 -4.89
N LEU B 481 -29.47 9.87 -5.04
CA LEU B 481 -28.54 9.52 -3.91
C LEU B 481 -27.59 10.71 -3.64
N GLY B 482 -27.42 11.60 -4.62
CA GLY B 482 -26.51 12.76 -4.55
C GLY B 482 -25.21 12.52 -5.30
N ILE B 483 -25.19 11.51 -6.18
CA ILE B 483 -24.01 11.10 -7.00
C ILE B 483 -24.21 11.62 -8.43
N ASN B 484 -23.41 12.59 -8.85
CA ASN B 484 -23.48 13.22 -10.20
C ASN B 484 -22.36 12.66 -11.08
N MET B 485 -22.74 11.83 -12.06
CA MET B 485 -21.82 11.25 -13.08
C MET B 485 -21.33 12.36 -14.01
N SER B 486 -20.02 12.39 -14.30
CA SER B 486 -19.36 13.43 -15.13
C SER B 486 -19.56 13.11 -16.62
N LYS B 487 -20.53 13.78 -17.27
CA LYS B 487 -20.81 13.66 -18.73
C LYS B 487 -19.53 13.95 -19.52
N LYS B 488 -18.70 14.87 -19.02
CA LYS B 488 -17.41 15.29 -19.65
C LYS B 488 -16.41 14.12 -19.61
N LYS B 489 -15.94 13.76 -18.40
CA LYS B 489 -14.82 12.81 -18.19
C LYS B 489 -15.27 11.37 -18.47
N SER B 490 -16.51 11.01 -18.13
CA SER B 490 -17.07 9.65 -18.32
C SER B 490 -17.31 9.38 -19.81
N TYR B 491 -17.01 8.16 -20.26
CA TYR B 491 -17.27 7.67 -21.65
C TYR B 491 -17.58 6.16 -21.60
N CYS B 492 -18.11 5.63 -22.69
CA CYS B 492 -18.62 4.23 -22.82
C CYS B 492 -18.02 3.53 -24.04
N ASN B 493 -17.98 2.20 -24.00
CA ASN B 493 -17.47 1.32 -25.09
C ASN B 493 -17.88 -0.13 -24.83
N GLU B 494 -17.83 -0.97 -25.87
CA GLU B 494 -18.10 -2.43 -25.77
C GLU B 494 -17.01 -3.06 -24.90
N THR B 495 -17.41 -3.97 -23.99
CA THR B 495 -16.55 -4.59 -22.95
C THR B 495 -15.34 -5.27 -23.59
N GLY B 496 -14.19 -5.24 -22.91
CA GLY B 496 -12.89 -5.73 -23.41
C GLY B 496 -11.74 -4.87 -22.92
N MET B 497 -11.95 -3.55 -22.85
CA MET B 497 -10.97 -2.56 -22.32
C MET B 497 -11.73 -1.42 -21.61
N PHE B 498 -11.17 -0.95 -20.48
CA PHE B 498 -11.73 0.14 -19.65
C PHE B 498 -10.65 0.67 -18.69
N GLU B 499 -10.96 1.77 -17.99
CA GLU B 499 -10.08 2.43 -16.98
C GLU B 499 -10.84 2.57 -15.66
N PHE B 500 -10.18 2.25 -14.54
CA PHE B 500 -10.74 2.30 -13.16
C PHE B 500 -9.60 2.56 -12.16
N THR B 501 -9.52 3.80 -11.65
CA THR B 501 -8.54 4.28 -10.64
C THR B 501 -7.12 4.17 -11.21
N SER B 502 -6.89 4.71 -12.41
CA SER B 502 -5.57 4.78 -13.11
C SER B 502 -5.05 3.38 -13.44
N MET B 503 -5.90 2.34 -13.31
CA MET B 503 -5.60 0.96 -13.77
C MET B 503 -6.30 0.75 -15.12
N PHE B 504 -5.52 0.39 -16.15
CA PHE B 504 -5.98 0.25 -17.56
C PHE B 504 -6.13 -1.23 -17.90
N TYR B 505 -7.33 -1.61 -18.37
CA TYR B 505 -7.69 -3.01 -18.73
C TYR B 505 -7.73 -3.13 -20.26
N ARG B 506 -7.31 -4.30 -20.77
CA ARG B 506 -7.34 -4.66 -22.21
C ARG B 506 -7.22 -6.18 -22.33
N ASP B 507 -8.33 -6.90 -22.12
CA ASP B 507 -8.37 -8.38 -22.02
C ASP B 507 -7.42 -8.81 -20.90
N GLY B 508 -7.34 -8.00 -19.84
CA GLY B 508 -6.41 -8.14 -18.70
C GLY B 508 -5.77 -6.81 -18.37
N PHE B 509 -5.62 -6.49 -17.07
CA PHE B 509 -5.00 -5.24 -16.57
C PHE B 509 -3.57 -5.13 -17.10
N VAL B 510 -3.27 -4.05 -17.84
CA VAL B 510 -1.96 -3.83 -18.52
C VAL B 510 -0.99 -3.14 -17.55
N SER B 511 0.31 -3.42 -17.71
CA SER B 511 1.42 -2.86 -16.89
C SER B 511 1.53 -1.35 -17.15
N ASN B 512 1.72 -0.56 -16.08
CA ASN B 512 1.82 0.93 -16.12
C ASN B 512 2.97 1.37 -15.20
N PHE B 513 4.20 1.34 -15.72
CA PHE B 513 5.47 1.50 -14.98
C PHE B 513 5.64 2.96 -14.49
N ALA B 514 5.06 3.92 -15.22
CA ALA B 514 5.25 5.38 -15.01
C ALA B 514 4.62 5.84 -13.69
N MET B 515 3.60 5.12 -13.19
CA MET B 515 2.85 5.48 -11.95
C MET B 515 3.77 5.34 -10.73
N GLU B 516 4.66 4.34 -10.73
CA GLU B 516 5.52 3.96 -9.58
C GLU B 516 6.94 4.52 -9.77
N LEU B 517 7.19 5.27 -10.84
CA LEU B 517 8.53 5.73 -11.27
C LEU B 517 9.14 6.69 -10.25
N PRO B 518 8.39 7.70 -9.74
CA PRO B 518 8.94 8.63 -8.74
C PRO B 518 9.54 7.98 -7.49
N SER B 519 9.08 6.77 -7.13
CA SER B 519 9.46 6.05 -5.88
C SER B 519 10.88 5.47 -5.98
N PHE B 520 11.45 5.37 -7.19
CA PHE B 520 12.75 4.71 -7.46
C PHE B 520 13.92 5.50 -6.88
N GLY B 521 13.76 6.82 -6.73
CA GLY B 521 14.81 7.74 -6.21
C GLY B 521 15.11 7.52 -4.74
N VAL B 522 15.99 8.35 -4.17
CA VAL B 522 16.36 8.33 -2.72
C VAL B 522 15.17 8.87 -1.92
N ALA B 523 14.55 8.01 -1.10
CA ALA B 523 13.31 8.30 -0.35
C ALA B 523 13.55 9.38 0.71
N GLY B 524 14.75 9.40 1.30
CA GLY B 524 15.21 10.46 2.23
C GLY B 524 14.87 10.15 3.68
N VAL B 525 15.19 8.93 4.15
CA VAL B 525 15.11 8.52 5.58
C VAL B 525 16.52 8.62 6.16
N ASN B 526 17.46 7.84 5.63
CA ASN B 526 18.92 7.92 5.92
C ASN B 526 19.66 6.94 5.00
N GLU B 527 20.99 6.95 5.03
CA GLU B 527 21.86 6.18 4.11
C GLU B 527 21.54 4.68 4.15
N SER B 528 21.51 4.09 5.36
CA SER B 528 21.33 2.63 5.59
C SER B 528 19.90 2.20 5.24
N ALA B 529 18.91 3.03 5.53
CA ALA B 529 17.47 2.77 5.30
C ALA B 529 17.14 2.93 3.81
N ASP B 530 17.61 4.01 3.18
CA ASP B 530 17.30 4.39 1.77
C ASP B 530 17.85 3.33 0.82
N MET B 531 18.98 2.69 1.15
CA MET B 531 19.60 1.63 0.32
C MET B 531 18.65 0.44 0.20
N ALA B 532 18.20 -0.09 1.35
CA ALA B 532 17.20 -1.18 1.46
C ALA B 532 15.95 -0.81 0.66
N ILE B 533 15.33 0.33 1.00
CA ILE B 533 14.10 0.87 0.33
C ILE B 533 14.34 0.87 -1.18
N GLY B 534 15.48 1.43 -1.63
CA GLY B 534 15.85 1.59 -3.04
C GLY B 534 15.79 0.27 -3.80
N MET B 535 16.42 -0.77 -3.27
CA MET B 535 16.47 -2.13 -3.89
C MET B 535 15.10 -2.82 -3.75
N THR B 536 14.48 -2.71 -2.57
CA THR B 536 13.14 -3.30 -2.28
C THR B 536 12.11 -2.72 -3.25
N ILE B 537 12.24 -1.46 -3.67
CA ILE B 537 11.33 -0.82 -4.68
C ILE B 537 11.63 -1.45 -6.05
N ILE B 538 12.90 -1.66 -6.38
CA ILE B 538 13.35 -2.25 -7.69
C ILE B 538 12.81 -3.68 -7.79
N LYS B 539 13.05 -4.52 -6.78
CA LYS B 539 12.68 -5.96 -6.81
C LYS B 539 11.16 -6.10 -6.85
N ASN B 540 10.42 -5.24 -6.13
CA ASN B 540 8.94 -5.28 -6.06
C ASN B 540 8.32 -4.83 -7.39
N ASN B 541 9.04 -4.04 -8.19
CA ASN B 541 8.56 -3.53 -9.51
C ASN B 541 8.81 -4.59 -10.59
N MET B 542 9.89 -5.37 -10.47
CA MET B 542 10.17 -6.55 -11.34
C MET B 542 8.99 -7.53 -11.23
N ILE B 543 8.46 -7.71 -10.01
CA ILE B 543 7.33 -8.63 -9.70
C ILE B 543 6.02 -8.03 -10.24
N ASN B 544 5.58 -6.90 -9.69
CA ASN B 544 4.18 -6.40 -9.81
C ASN B 544 3.98 -5.57 -11.09
N ASN B 545 4.93 -4.67 -11.42
CA ASN B 545 4.74 -3.64 -12.48
C ASN B 545 5.56 -3.99 -13.73
N GLY B 546 5.99 -5.25 -13.86
CA GLY B 546 6.63 -5.80 -15.07
C GLY B 546 7.81 -4.94 -15.55
N MET B 547 8.90 -4.94 -14.79
CA MET B 547 10.20 -4.33 -15.17
C MET B 547 11.17 -5.47 -15.53
N GLY B 548 11.59 -5.53 -16.80
CA GLY B 548 12.53 -6.55 -17.31
C GLY B 548 13.89 -6.45 -16.61
N PRO B 549 14.72 -7.52 -16.66
CA PRO B 549 15.99 -7.56 -15.94
C PRO B 549 16.98 -6.47 -16.38
N ALA B 550 16.93 -6.08 -17.67
CA ALA B 550 17.80 -5.04 -18.26
C ALA B 550 17.48 -3.68 -17.63
N THR B 551 16.20 -3.28 -17.66
CA THR B 551 15.69 -2.03 -17.04
C THR B 551 15.90 -2.11 -15.52
N ALA B 552 15.66 -3.27 -14.91
CA ALA B 552 15.84 -3.54 -13.47
C ALA B 552 17.31 -3.29 -13.09
N GLN B 553 18.25 -3.85 -13.86
CA GLN B 553 19.72 -3.71 -13.61
C GLN B 553 20.11 -2.23 -13.74
N THR B 554 19.51 -1.51 -14.69
CA THR B 554 19.73 -0.06 -14.93
C THR B 554 19.17 0.74 -13.75
N ALA B 555 18.00 0.35 -13.23
CA ALA B 555 17.35 0.97 -12.05
C ALA B 555 18.27 0.90 -10.84
N ILE B 556 19.09 -0.16 -10.73
CA ILE B 556 20.12 -0.32 -9.65
C ILE B 556 21.24 0.68 -9.90
N GLN B 557 21.75 0.76 -11.14
CA GLN B 557 22.77 1.74 -11.59
C GLN B 557 22.32 3.14 -11.19
N LEU B 558 21.16 3.57 -11.71
CA LEU B 558 20.61 4.95 -11.58
C LEU B 558 20.34 5.28 -10.11
N PHE B 559 20.05 4.29 -9.27
CA PHE B 559 19.90 4.51 -7.81
C PHE B 559 21.25 4.92 -7.23
N ILE B 560 22.25 4.04 -7.27
CA ILE B 560 23.62 4.27 -6.69
C ILE B 560 24.11 5.66 -7.10
N ALA B 561 23.83 6.09 -8.33
CA ALA B 561 24.14 7.46 -8.84
C ALA B 561 23.51 8.50 -7.91
N ASP B 562 22.17 8.52 -7.86
CA ASP B 562 21.36 9.47 -7.04
C ASP B 562 21.78 9.39 -5.58
N TYR B 563 22.11 8.18 -5.11
CA TYR B 563 22.52 7.85 -3.72
C TYR B 563 23.87 8.50 -3.41
N ARG B 564 24.85 8.33 -4.32
CA ARG B 564 26.26 8.75 -4.13
C ARG B 564 26.34 10.29 -4.15
N TYR B 565 25.55 10.95 -5.01
CA TYR B 565 25.50 12.43 -5.13
C TYR B 565 24.72 13.03 -3.96
N THR B 566 23.59 12.41 -3.57
CA THR B 566 22.72 12.89 -2.47
C THR B 566 23.49 12.83 -1.14
N TYR B 567 24.15 11.71 -0.85
CA TYR B 567 24.90 11.47 0.41
C TYR B 567 26.40 11.72 0.21
N LYS B 568 26.80 12.25 -0.96
CA LYS B 568 28.19 12.70 -1.25
C LYS B 568 29.17 11.61 -0.81
N CYS B 569 28.94 10.37 -1.26
CA CYS B 569 29.68 9.15 -0.84
C CYS B 569 30.09 8.34 -2.07
N HIS B 570 30.87 8.95 -2.97
CA HIS B 570 31.43 8.31 -4.19
C HIS B 570 32.51 7.31 -3.78
N ARG B 571 32.91 6.42 -4.70
CA ARG B 571 33.93 5.37 -4.46
C ARG B 571 35.22 6.00 -3.92
N GLY B 572 35.97 5.24 -3.12
CA GLY B 572 37.24 5.67 -2.52
C GLY B 572 38.32 5.91 -3.55
N ASP B 573 38.41 5.06 -4.58
CA ASP B 573 39.44 5.12 -5.65
C ASP B 573 39.14 6.30 -6.58
N SER B 574 37.85 6.60 -6.82
CA SER B 574 37.38 7.80 -7.58
C SER B 574 37.89 9.06 -6.87
N LYS B 575 38.31 10.07 -7.64
CA LYS B 575 39.03 11.26 -7.10
C LYS B 575 38.09 12.48 -7.13
N VAL B 576 36.79 12.27 -6.94
CA VAL B 576 35.76 13.35 -6.84
C VAL B 576 35.95 14.07 -5.51
N GLU B 577 36.09 15.39 -5.54
CA GLU B 577 36.47 16.24 -4.37
C GLU B 577 35.21 16.62 -3.58
N GLY B 578 35.33 16.65 -2.25
CA GLY B 578 34.25 16.95 -1.29
C GLY B 578 34.72 16.82 0.14
N LYS B 579 34.06 17.51 1.08
CA LYS B 579 34.44 17.55 2.52
C LYS B 579 34.51 16.11 3.06
N ARG B 580 33.44 15.32 2.85
CA ARG B 580 33.34 13.91 3.30
C ARG B 580 34.30 13.04 2.49
N MET B 581 34.29 13.19 1.16
CA MET B 581 35.09 12.37 0.21
C MET B 581 36.56 12.33 0.64
N LYS B 582 37.04 13.37 1.34
CA LYS B 582 38.44 13.46 1.83
C LYS B 582 38.71 12.35 2.86
N ILE B 583 37.75 12.07 3.76
CA ILE B 583 37.89 11.02 4.81
C ILE B 583 37.61 9.64 4.18
N ILE B 584 36.71 9.59 3.19
CA ILE B 584 36.37 8.36 2.41
C ILE B 584 37.63 7.84 1.69
N LYS B 585 38.43 8.75 1.13
CA LYS B 585 39.67 8.43 0.38
C LYS B 585 40.72 7.84 1.33
N GLU B 586 40.75 8.28 2.59
CA GLU B 586 41.69 7.78 3.63
C GLU B 586 41.24 6.38 4.06
N LEU B 587 39.93 6.18 4.26
CA LEU B 587 39.31 4.87 4.64
C LEU B 587 39.64 3.82 3.57
N TRP B 588 39.55 4.19 2.29
CA TRP B 588 39.87 3.32 1.13
C TRP B 588 41.33 2.86 1.21
N GLU B 589 42.24 3.76 1.59
CA GLU B 589 43.71 3.50 1.71
C GLU B 589 43.97 2.66 2.96
N ASN B 590 43.31 2.97 4.08
CA ASN B 590 43.49 2.30 5.40
C ASN B 590 42.95 0.87 5.34
N THR B 591 41.75 0.68 4.78
CA THR B 591 41.01 -0.62 4.74
C THR B 591 41.68 -1.55 3.72
N LYS B 592 41.82 -2.84 4.08
CA LYS B 592 42.35 -3.92 3.21
C LYS B 592 41.18 -4.55 2.44
N GLY B 593 40.15 -5.00 3.16
CA GLY B 593 38.90 -5.55 2.61
C GLY B 593 37.98 -4.44 2.14
N ARG B 594 38.29 -3.85 0.98
CA ARG B 594 37.60 -2.66 0.40
C ARG B 594 36.23 -3.09 -0.16
N ASP B 595 36.09 -4.35 -0.55
CA ASP B 595 34.81 -4.95 -1.02
C ASP B 595 33.83 -5.05 0.17
N GLY B 596 34.35 -5.10 1.40
CA GLY B 596 33.57 -5.13 2.64
C GLY B 596 32.94 -3.79 2.97
N LEU B 597 33.54 -2.68 2.50
CA LEU B 597 33.06 -1.29 2.75
C LEU B 597 31.67 -1.12 2.10
N LEU B 598 30.76 -0.42 2.78
CA LEU B 598 29.42 -0.07 2.26
C LEU B 598 29.58 1.03 1.21
N VAL B 599 28.54 1.26 0.39
CA VAL B 599 28.53 2.30 -0.68
C VAL B 599 28.60 3.69 -0.04
N ALA B 600 28.01 3.84 1.15
CA ALA B 600 27.95 5.12 1.93
C ALA B 600 29.33 5.47 2.49
N ASP B 601 30.25 4.51 2.54
CA ASP B 601 31.67 4.72 3.00
C ASP B 601 32.62 4.62 1.79
N GLY B 602 32.10 4.89 0.59
CA GLY B 602 32.87 4.88 -0.68
C GLY B 602 33.35 3.49 -1.05
N GLY B 603 32.59 2.46 -0.68
CA GLY B 603 32.84 1.06 -1.07
C GLY B 603 32.15 0.75 -2.39
N PRO B 604 32.41 -0.44 -3.00
CA PRO B 604 31.80 -0.80 -4.28
C PRO B 604 30.35 -1.28 -4.13
N ASN B 605 29.54 -1.05 -5.16
CA ASN B 605 28.14 -1.55 -5.27
C ASN B 605 28.16 -2.98 -5.81
N ILE B 606 27.72 -3.96 -5.00
CA ILE B 606 27.79 -5.42 -5.30
C ILE B 606 26.39 -5.98 -5.54
N TYR B 607 25.36 -5.13 -5.52
CA TYR B 607 23.94 -5.52 -5.72
C TYR B 607 23.71 -5.93 -7.18
N ASN B 608 22.82 -6.90 -7.39
CA ASN B 608 22.31 -7.35 -8.72
C ASN B 608 20.88 -7.86 -8.52
N LEU B 609 20.27 -8.39 -9.59
CA LEU B 609 18.84 -8.82 -9.62
C LEU B 609 18.55 -9.80 -8.47
N ARG B 610 19.47 -10.75 -8.22
CA ARG B 610 19.25 -11.89 -7.30
C ARG B 610 19.22 -11.43 -5.84
N ASN B 611 20.17 -10.57 -5.42
CA ASN B 611 20.46 -10.28 -3.99
C ASN B 611 19.88 -8.93 -3.57
N LEU B 612 18.81 -8.46 -4.22
CA LEU B 612 18.09 -7.21 -3.85
C LEU B 612 17.45 -7.36 -2.47
N HIS B 613 17.01 -8.57 -2.11
CA HIS B 613 16.21 -8.85 -0.89
C HIS B 613 17.12 -8.90 0.36
N ILE B 614 18.44 -8.98 0.18
CA ILE B 614 19.43 -9.09 1.31
C ILE B 614 19.95 -7.69 1.65
N PRO B 615 20.02 -7.32 2.95
CA PRO B 615 20.63 -6.05 3.36
C PRO B 615 22.12 -5.93 3.00
N GLU B 616 22.56 -4.70 2.72
CA GLU B 616 23.95 -4.37 2.27
C GLU B 616 24.96 -4.77 3.36
N ILE B 617 24.61 -4.57 4.63
CA ILE B 617 25.51 -4.78 5.81
C ILE B 617 25.74 -6.30 5.96
N VAL B 618 24.72 -7.10 5.66
CA VAL B 618 24.76 -8.59 5.80
C VAL B 618 25.56 -9.18 4.63
N LEU B 619 25.34 -8.68 3.41
CA LEU B 619 26.02 -9.14 2.17
C LEU B 619 27.54 -9.05 2.32
N LYS B 620 28.04 -8.00 2.99
CA LYS B 620 29.47 -7.61 3.02
C LYS B 620 30.13 -8.00 4.36
N TYR B 621 29.36 -8.43 5.36
CA TYR B 621 29.82 -8.64 6.76
C TYR B 621 31.10 -9.49 6.79
N ASN B 622 31.13 -10.59 6.03
CA ASN B 622 32.25 -11.56 5.98
C ASN B 622 33.49 -10.91 5.33
N LEU B 623 33.26 -9.95 4.42
CA LEU B 623 34.32 -9.28 3.61
C LEU B 623 34.90 -8.07 4.36
N MET B 624 34.24 -7.62 5.43
CA MET B 624 34.66 -6.45 6.24
C MET B 624 35.92 -6.79 7.03
N ASP B 625 36.73 -5.77 7.35
CA ASP B 625 37.87 -5.85 8.30
C ASP B 625 37.31 -5.98 9.71
N PRO B 626 38.07 -6.58 10.67
CA PRO B 626 37.56 -6.76 12.04
C PRO B 626 37.41 -5.44 12.79
N GLU B 627 38.25 -4.45 12.47
CA GLU B 627 38.24 -3.09 13.07
C GLU B 627 37.07 -2.29 12.52
N TYR B 628 36.87 -2.31 11.19
CA TYR B 628 35.85 -1.51 10.46
C TYR B 628 34.45 -1.92 10.92
N LYS B 629 34.16 -3.23 10.96
CA LYS B 629 32.83 -3.77 11.33
C LYS B 629 32.53 -3.41 12.79
N GLY B 630 33.56 -3.39 13.64
CA GLY B 630 33.48 -2.93 15.04
C GLY B 630 33.01 -1.48 15.13
N ARG B 631 33.60 -0.60 14.33
CA ARG B 631 33.27 0.84 14.27
C ARG B 631 31.87 1.02 13.68
N LEU B 632 31.63 0.45 12.50
CA LEU B 632 30.35 0.54 11.73
C LEU B 632 29.16 0.13 12.60
N LEU B 633 29.32 -0.93 13.40
CA LEU B 633 28.25 -1.59 14.20
C LEU B 633 28.57 -1.51 15.69
N HIS B 634 29.16 -0.40 16.16
CA HIS B 634 29.46 -0.16 17.60
C HIS B 634 28.15 -0.09 18.37
N PRO B 635 27.93 -0.97 19.39
CA PRO B 635 26.65 -1.02 20.09
C PRO B 635 26.22 0.33 20.69
N GLN B 636 27.14 0.99 21.40
CA GLN B 636 26.94 2.33 22.02
C GLN B 636 27.60 3.39 21.14
N ASN B 637 27.13 3.55 19.90
CA ASN B 637 27.53 4.66 18.99
C ASN B 637 26.56 5.81 19.19
N PRO B 638 26.99 7.08 18.95
CA PRO B 638 26.16 8.24 19.26
C PRO B 638 25.14 8.63 18.17
N PHE B 639 25.19 7.99 17.00
CA PHE B 639 24.49 8.41 15.77
C PHE B 639 23.02 7.94 15.77
N VAL B 640 22.76 6.74 16.28
CA VAL B 640 21.48 5.98 16.07
C VAL B 640 20.37 6.55 16.98
N GLY B 641 20.59 6.58 18.29
CA GLY B 641 19.63 7.13 19.28
C GLY B 641 18.61 6.10 19.74
N HIS B 642 17.59 6.55 20.49
CA HIS B 642 16.51 5.71 21.08
C HIS B 642 15.55 5.25 19.97
N LEU B 643 15.75 4.02 19.48
CA LEU B 643 15.00 3.43 18.32
C LEU B 643 13.58 3.08 18.76
N SER B 644 12.58 3.55 18.00
CA SER B 644 11.15 3.20 18.15
C SER B 644 10.82 2.03 17.21
N ILE B 645 9.99 1.09 17.67
CA ILE B 645 9.63 -0.18 16.94
C ILE B 645 9.30 0.14 15.47
N GLU B 646 8.65 1.28 15.21
CA GLU B 646 8.32 1.78 13.84
C GLU B 646 9.58 2.39 13.19
N GLY B 647 10.45 3.01 14.00
CA GLY B 647 11.63 3.75 13.54
C GLY B 647 12.65 2.89 12.82
N ILE B 648 12.68 1.57 13.09
CA ILE B 648 13.69 0.62 12.55
C ILE B 648 13.21 0.04 11.21
N LYS B 649 11.99 -0.52 11.17
CA LYS B 649 11.49 -1.38 10.07
C LYS B 649 10.72 -0.55 9.04
N GLU B 650 9.84 0.36 9.48
CA GLU B 650 8.86 1.08 8.62
C GLU B 650 9.41 2.46 8.21
N ALA B 651 8.83 3.04 7.15
CA ALA B 651 9.14 4.40 6.65
C ALA B 651 8.06 4.84 5.64
N ASP B 652 7.79 6.14 5.55
CA ASP B 652 6.73 6.74 4.69
C ASP B 652 7.09 6.59 3.21
N ILE B 653 6.08 6.40 2.36
CA ILE B 653 6.18 6.47 0.87
C ILE B 653 4.90 7.14 0.34
N THR B 654 5.05 8.04 -0.65
CA THR B 654 3.96 8.87 -1.22
C THR B 654 3.77 8.52 -2.69
N PRO B 655 2.94 7.50 -3.02
CA PRO B 655 2.60 7.20 -4.41
C PRO B 655 1.51 8.13 -4.94
N ALA B 656 1.58 8.49 -6.23
CA ALA B 656 0.69 9.47 -6.90
C ALA B 656 -0.68 8.85 -7.17
N HIS B 657 -1.48 8.65 -6.11
CA HIS B 657 -2.90 8.19 -6.16
C HIS B 657 -3.53 8.26 -4.76
N GLY B 658 -3.23 7.28 -3.89
CA GLY B 658 -3.92 7.06 -2.60
C GLY B 658 -3.20 7.76 -1.45
N PRO B 659 -3.72 7.63 -0.19
CA PRO B 659 -3.08 8.24 0.98
C PRO B 659 -1.66 7.72 1.23
N VAL B 660 -0.88 8.44 2.05
CA VAL B 660 0.55 8.14 2.36
C VAL B 660 0.60 6.90 3.25
N LYS B 661 0.88 5.73 2.65
CA LYS B 661 1.00 4.42 3.35
C LYS B 661 2.49 4.14 3.65
N LYS B 662 2.79 3.71 4.87
CA LYS B 662 4.16 3.42 5.37
C LYS B 662 4.52 1.97 5.02
N MET B 663 5.48 1.76 4.11
CA MET B 663 6.03 0.42 3.77
C MET B 663 7.15 0.08 4.77
N ASP B 664 7.49 -1.21 4.85
CA ASP B 664 8.54 -1.75 5.76
C ASP B 664 9.69 -2.33 4.92
N TYR B 665 10.93 -2.17 5.39
CA TYR B 665 12.17 -2.63 4.73
C TYR B 665 12.99 -3.46 5.72
N ASP B 666 14.11 -4.04 5.26
CA ASP B 666 15.06 -4.83 6.08
C ASP B 666 16.45 -4.21 5.97
N ALA B 667 16.95 -3.63 7.07
CA ALA B 667 18.27 -2.98 7.19
C ALA B 667 18.85 -3.21 8.60
N VAL B 668 20.16 -3.38 8.69
CA VAL B 668 20.91 -3.57 9.97
C VAL B 668 21.17 -2.20 10.60
N SER B 669 20.96 -2.07 11.91
CA SER B 669 21.13 -0.82 12.71
C SER B 669 22.63 -0.57 12.96
N GLY B 670 23.23 0.35 12.19
CA GLY B 670 24.64 0.74 12.30
C GLY B 670 24.82 2.25 12.25
N THR B 671 26.07 2.73 12.24
CA THR B 671 26.42 4.18 12.31
C THR B 671 25.66 4.99 11.26
N HIS B 672 25.42 4.42 10.08
CA HIS B 672 24.74 5.09 8.93
C HIS B 672 23.24 5.29 9.22
N SER B 673 22.66 4.52 10.15
CA SER B 673 21.23 4.59 10.53
C SER B 673 21.03 5.77 11.50
N TRP B 674 21.36 6.98 11.05
CA TRP B 674 21.36 8.22 11.90
C TRP B 674 20.04 8.97 11.73
N ARG B 675 19.87 10.06 12.50
CA ARG B 675 18.72 11.01 12.40
C ARG B 675 19.27 12.42 12.14
N THR B 676 18.43 13.27 11.55
CA THR B 676 18.76 14.67 11.15
C THR B 676 18.34 15.65 12.26
N LYS B 677 18.97 16.82 12.32
CA LYS B 677 18.71 17.88 13.34
C LYS B 677 17.27 18.39 13.19
N ARG B 678 16.67 18.83 14.30
CA ARG B 678 15.29 19.37 14.34
C ARG B 678 15.26 20.73 13.63
N ASN B 679 14.14 21.05 12.97
CA ASN B 679 13.84 22.38 12.37
C ASN B 679 13.96 23.44 13.48
N ARG B 680 14.85 24.42 13.30
CA ARG B 680 15.28 25.38 14.35
C ARG B 680 14.54 26.72 14.21
N SER B 681 13.60 26.83 13.25
CA SER B 681 12.75 28.02 13.03
C SER B 681 11.95 28.34 14.30
N ILE B 682 11.58 27.30 15.06
CA ILE B 682 10.78 27.39 16.33
C ILE B 682 11.49 28.31 17.33
N LEU B 683 12.83 28.35 17.33
CA LEU B 683 13.66 29.12 18.31
C LEU B 683 13.32 30.61 18.25
N ASN B 684 12.93 31.13 17.08
CA ASN B 684 12.72 32.58 16.83
C ASN B 684 11.26 32.98 17.15
N THR B 685 10.33 32.03 17.10
CA THR B 685 8.89 32.24 17.39
C THR B 685 8.65 32.10 18.90
N ASP B 686 7.42 32.38 19.35
CA ASP B 686 6.99 32.30 20.77
C ASP B 686 6.70 30.84 21.15
N GLN B 687 6.70 29.94 20.16
CA GLN B 687 6.45 28.48 20.34
C GLN B 687 7.58 27.84 21.15
N ARG B 688 8.74 28.49 21.25
CA ARG B 688 9.91 28.09 22.08
C ARG B 688 9.48 27.21 23.26
N ASN B 689 8.46 27.66 24.00
CA ASN B 689 8.01 27.07 25.29
C ASN B 689 7.73 25.56 25.16
N MET B 690 7.33 25.11 23.96
CA MET B 690 7.03 23.68 23.68
C MET B 690 8.30 22.82 23.75
N ILE B 691 9.47 23.41 23.47
CA ILE B 691 10.79 22.71 23.52
C ILE B 691 11.02 22.19 24.93
N LEU B 692 10.81 23.04 25.94
CA LEU B 692 10.91 22.69 27.39
C LEU B 692 9.87 21.60 27.71
N GLU B 693 8.63 21.83 27.28
CA GLU B 693 7.47 20.92 27.49
C GLU B 693 7.82 19.51 26.98
N GLU B 694 8.42 19.43 25.78
CA GLU B 694 8.86 18.16 25.15
C GLU B 694 9.92 17.49 26.05
N GLN B 695 11.04 18.17 26.27
CA GLN B 695 12.23 17.65 27.00
C GLN B 695 11.83 17.25 28.42
N CYS B 696 10.77 17.84 28.98
CA CYS B 696 10.18 17.45 30.29
C CYS B 696 9.58 16.04 30.19
N TYR B 697 8.64 15.83 29.26
CA TYR B 697 8.01 14.51 28.96
C TYR B 697 9.09 13.49 28.62
N ALA B 698 10.05 13.89 27.79
CA ALA B 698 11.20 13.08 27.34
C ALA B 698 11.90 12.46 28.55
N LYS B 699 12.30 13.28 29.53
CA LYS B 699 12.96 12.84 30.79
C LYS B 699 12.11 11.73 31.44
N CYS B 700 10.85 12.04 31.73
CA CYS B 700 9.85 11.14 32.40
C CYS B 700 9.77 9.81 31.65
N CYS B 701 9.48 9.86 30.35
CA CYS B 701 9.33 8.65 29.48
C CYS B 701 10.64 7.85 29.47
N ASN B 702 11.77 8.52 29.20
CA ASN B 702 13.13 7.91 29.12
C ASN B 702 13.48 7.26 30.46
N LEU B 703 13.06 7.84 31.59
CA LEU B 703 13.29 7.28 32.94
C LEU B 703 12.31 6.11 33.19
N PHE B 704 11.08 6.20 32.67
CA PHE B 704 10.08 5.11 32.74
C PHE B 704 10.58 3.89 31.97
N GLU B 705 11.18 4.11 30.79
CA GLU B 705 11.75 3.05 29.91
C GLU B 705 12.96 2.41 30.58
N ALA B 706 13.66 3.15 31.45
CA ALA B 706 14.81 2.68 32.25
C ALA B 706 14.33 1.72 33.34
N CYS B 707 13.11 1.91 33.83
CA CYS B 707 12.45 1.06 34.87
C CYS B 707 11.74 -0.13 34.21
N PHE B 708 11.08 0.10 33.06
CA PHE B 708 10.32 -0.91 32.28
C PHE B 708 10.82 -0.95 30.83
N ASN B 709 11.71 -1.89 30.52
CA ASN B 709 12.41 -2.00 29.21
C ASN B 709 11.42 -2.42 28.12
N SER B 710 10.36 -3.14 28.49
CA SER B 710 9.34 -3.69 27.56
C SER B 710 8.41 -2.57 27.04
N ALA B 711 8.47 -1.39 27.66
CA ALA B 711 7.65 -0.19 27.30
C ALA B 711 7.93 0.23 25.86
N SER B 712 9.20 0.12 25.43
CA SER B 712 9.66 0.41 24.04
C SER B 712 9.00 -0.56 23.06
N TYR B 713 8.90 -1.85 23.45
CA TYR B 713 8.35 -2.95 22.62
C TYR B 713 6.81 -2.90 22.62
N ARG B 714 6.18 -3.28 23.74
CA ARG B 714 4.70 -3.40 23.85
C ARG B 714 4.15 -2.29 24.76
N LYS B 715 3.04 -1.67 24.35
CA LYS B 715 2.39 -0.52 25.03
C LYS B 715 2.06 -0.88 26.47
N PRO B 716 2.66 -0.19 27.48
CA PRO B 716 2.28 -0.37 28.87
C PRO B 716 0.78 -0.12 29.13
N VAL B 717 0.16 -0.95 29.97
CA VAL B 717 -1.28 -0.88 30.36
C VAL B 717 -1.36 -0.56 31.86
N GLY B 718 -2.38 0.22 32.25
CA GLY B 718 -2.61 0.62 33.66
C GLY B 718 -3.32 1.97 33.74
N GLN B 719 -4.31 2.08 34.62
CA GLN B 719 -5.10 3.31 34.87
C GLN B 719 -4.56 4.02 36.12
N HIS B 720 -3.58 3.40 36.80
CA HIS B 720 -2.90 3.95 38.00
C HIS B 720 -1.84 4.98 37.59
N SER B 721 -1.18 5.60 38.57
CA SER B 721 -0.20 6.71 38.37
C SER B 721 1.10 6.17 37.77
N MET B 722 1.75 6.99 36.93
CA MET B 722 3.02 6.65 36.23
C MET B 722 4.17 6.59 37.23
N LEU B 723 4.08 7.38 38.32
CA LEU B 723 5.08 7.41 39.43
C LEU B 723 4.92 6.14 40.29
N GLU B 724 3.67 5.82 40.65
CA GLU B 724 3.29 4.64 41.48
C GLU B 724 3.96 3.38 40.91
N ALA B 725 3.91 3.21 39.59
CA ALA B 725 4.51 2.07 38.85
C ALA B 725 6.03 2.05 39.08
N MET B 726 6.69 3.19 38.82
CA MET B 726 8.17 3.35 38.91
C MET B 726 8.63 3.13 40.35
N ALA B 727 7.86 3.59 41.34
CA ALA B 727 8.14 3.45 42.79
C ALA B 727 8.22 1.96 43.16
N HIS B 728 7.13 1.22 42.97
CA HIS B 728 6.97 -0.20 43.38
C HIS B 728 8.03 -1.08 42.72
N ARG B 729 8.38 -0.82 41.46
CA ARG B 729 9.38 -1.59 40.68
C ARG B 729 10.76 -1.41 41.33
N LEU B 730 11.21 -0.16 41.45
CA LEU B 730 12.53 0.23 42.02
C LEU B 730 12.62 -0.21 43.49
N ARG B 731 11.49 -0.29 44.19
CA ARG B 731 11.41 -0.82 45.58
C ARG B 731 11.80 -2.31 45.57
N MET B 732 11.10 -3.11 44.75
CA MET B 732 11.33 -4.57 44.60
C MET B 732 12.77 -4.81 44.12
N ASP B 733 13.16 -4.16 43.02
CA ASP B 733 14.51 -4.30 42.39
C ASP B 733 15.60 -4.19 43.47
N ALA B 734 15.48 -3.19 44.36
CA ALA B 734 16.44 -2.91 45.47
C ALA B 734 16.38 -4.03 46.50
N ARG B 735 15.18 -4.43 46.91
CA ARG B 735 14.95 -5.48 47.94
C ARG B 735 15.54 -6.81 47.48
N LEU B 736 15.26 -7.22 46.23
CA LEU B 736 15.70 -8.52 45.66
C LEU B 736 17.22 -8.52 45.46
N ASP B 737 17.80 -7.39 45.01
CA ASP B 737 19.26 -7.23 44.78
C ASP B 737 20.01 -7.34 46.12
N TYR B 738 19.39 -6.89 47.22
CA TYR B 738 19.95 -6.94 48.60
C TYR B 738 19.95 -8.40 49.08
N GLU B 739 18.78 -9.04 49.06
CA GLU B 739 18.58 -10.44 49.54
C GLU B 739 19.40 -11.40 48.68
N SER B 740 19.50 -11.15 47.37
CA SER B 740 20.37 -11.91 46.42
C SER B 740 21.84 -11.58 46.69
N GLY B 741 22.13 -10.30 46.98
CA GLY B 741 23.47 -9.83 47.38
C GLY B 741 24.18 -9.05 46.30
N ARG B 742 23.42 -8.47 45.35
CA ARG B 742 23.92 -7.49 44.35
C ARG B 742 24.01 -6.11 45.01
N MET B 743 23.12 -5.83 45.97
CA MET B 743 23.06 -4.53 46.71
C MET B 743 23.67 -4.71 48.11
N SER B 744 24.46 -3.73 48.56
CA SER B 744 25.14 -3.71 49.89
C SER B 744 24.23 -3.04 50.92
N LYS B 745 24.63 -3.10 52.20
CA LYS B 745 23.90 -2.48 53.35
C LYS B 745 24.00 -0.96 53.27
N ASP B 746 25.11 -0.45 52.73
CA ASP B 746 25.37 1.01 52.52
C ASP B 746 24.35 1.58 51.53
N ASP B 747 24.09 0.85 50.44
CA ASP B 747 23.27 1.31 49.28
C ASP B 747 21.78 1.08 49.55
N PHE B 748 21.41 -0.03 50.19
CA PHE B 748 20.00 -0.45 50.44
C PHE B 748 19.28 0.61 51.29
N GLU B 749 19.90 1.02 52.40
CA GLU B 749 19.34 2.02 53.35
C GLU B 749 19.16 3.37 52.63
N LYS B 750 20.18 3.78 51.84
CA LYS B 750 20.15 5.00 50.99
C LYS B 750 18.99 4.90 49.98
N ALA B 751 18.83 3.73 49.35
CA ALA B 751 17.76 3.44 48.35
C ALA B 751 16.39 3.56 49.04
N MET B 752 16.19 2.86 50.16
CA MET B 752 14.93 2.87 50.94
C MET B 752 14.66 4.28 51.49
N ALA B 753 15.72 5.04 51.79
CA ALA B 753 15.64 6.44 52.28
C ALA B 753 15.08 7.35 51.19
N HIS B 754 15.66 7.30 49.98
CA HIS B 754 15.26 8.10 48.80
C HIS B 754 13.81 7.77 48.40
N LEU B 755 13.46 6.48 48.36
CA LEU B 755 12.10 5.98 48.04
C LEU B 755 11.14 6.32 49.18
N GLY B 756 11.64 6.38 50.41
CA GLY B 756 10.87 6.81 51.61
C GLY B 756 10.29 8.20 51.44
N GLU B 757 11.02 9.12 50.79
CA GLU B 757 10.61 10.51 50.51
C GLU B 757 9.42 10.52 49.53
N ILE B 758 9.29 9.47 48.71
CA ILE B 758 8.22 9.31 47.69
C ILE B 758 7.25 8.23 48.19
N GLY C 9 25.45 -1.73 40.53
CA GLY C 9 24.40 -1.04 41.33
C GLY C 9 23.55 -0.13 40.48
N MET C 10 22.81 -0.69 39.52
CA MET C 10 21.92 0.04 38.58
C MET C 10 20.72 0.62 39.33
N THR C 11 20.15 -0.16 40.27
CA THR C 11 18.93 0.19 41.05
C THR C 11 19.10 1.55 41.73
N LEU C 12 20.22 1.73 42.45
CA LEU C 12 20.56 2.96 43.21
C LEU C 12 20.52 4.18 42.28
N ALA C 13 21.19 4.08 41.12
CA ALA C 13 21.32 5.18 40.12
C ALA C 13 19.93 5.65 39.68
N LYS C 14 19.05 4.71 39.30
CA LYS C 14 17.67 4.98 38.79
C LYS C 14 16.88 5.76 39.85
N ILE C 15 16.98 5.36 41.12
CA ILE C 15 16.27 5.99 42.28
C ILE C 15 16.77 7.42 42.45
N GLU C 16 18.10 7.62 42.40
CA GLU C 16 18.76 8.95 42.56
C GLU C 16 18.42 9.84 41.35
N LEU C 17 18.30 9.26 40.16
CA LEU C 17 17.89 9.98 38.92
C LEU C 17 16.39 10.31 39.00
N LEU C 18 15.60 9.44 39.66
CA LEU C 18 14.15 9.68 39.95
C LEU C 18 14.01 10.81 40.99
N LYS C 19 14.93 10.87 41.97
CA LYS C 19 14.97 11.93 43.01
C LYS C 19 15.20 13.29 42.34
N GLN C 20 16.27 13.40 41.53
CA GLN C 20 16.67 14.64 40.80
C GLN C 20 15.50 15.15 39.94
N LEU C 21 14.76 14.24 39.30
CA LEU C 21 13.62 14.55 38.40
C LEU C 21 12.46 15.13 39.21
N LEU C 22 12.11 14.51 40.35
CA LEU C 22 10.93 14.85 41.18
C LEU C 22 11.12 16.21 41.88
N ARG C 23 12.37 16.71 41.96
CA ARG C 23 12.67 18.06 42.52
C ARG C 23 12.17 19.15 41.56
N ASP C 24 12.10 18.85 40.25
CA ASP C 24 11.45 19.72 39.25
C ASP C 24 9.93 19.66 39.45
N ASN C 25 9.27 20.82 39.46
CA ASN C 25 7.80 20.96 39.71
C ASN C 25 7.03 20.33 38.54
N GLU C 26 7.47 20.56 37.30
CA GLU C 26 6.77 20.14 36.06
C GLU C 26 6.78 18.61 35.95
N ALA C 27 7.96 18.00 36.07
CA ALA C 27 8.18 16.54 36.00
C ALA C 27 7.35 15.83 37.10
N LYS C 28 7.30 16.42 38.30
CA LYS C 28 6.57 15.89 39.49
C LYS C 28 5.09 15.73 39.15
N THR C 29 4.45 16.81 38.68
CA THR C 29 3.01 16.86 38.32
C THR C 29 2.72 15.88 37.18
N VAL C 30 3.55 15.88 36.14
CA VAL C 30 3.42 15.00 34.94
C VAL C 30 3.36 13.54 35.41
N LEU C 31 4.34 13.09 36.19
CA LEU C 31 4.47 11.69 36.68
C LEU C 31 3.28 11.32 37.59
N LYS C 32 2.67 12.30 38.25
CA LYS C 32 1.51 12.10 39.17
C LYS C 32 0.21 12.02 38.37
N GLN C 33 0.04 12.89 37.37
CA GLN C 33 -1.24 13.09 36.61
C GLN C 33 -1.33 12.11 35.44
N THR C 34 -0.22 11.84 34.75
CA THR C 34 -0.15 10.92 33.58
C THR C 34 -0.29 9.47 34.06
N THR C 35 -1.19 8.70 33.42
CA THR C 35 -1.39 7.25 33.68
C THR C 35 -0.41 6.44 32.83
N VAL C 36 -0.32 5.13 33.08
CA VAL C 36 0.56 4.18 32.34
C VAL C 36 0.01 3.98 30.92
N ASP C 37 -1.32 4.06 30.76
CA ASP C 37 -2.00 4.05 29.44
C ASP C 37 -1.55 5.29 28.67
N GLN C 38 -1.58 6.46 29.31
CA GLN C 38 -1.33 7.79 28.70
C GLN C 38 0.16 7.98 28.33
N TYR C 39 1.05 7.13 28.87
CA TYR C 39 2.49 7.09 28.51
C TYR C 39 2.64 7.13 26.98
N ASN C 40 1.77 6.42 26.27
CA ASN C 40 1.80 6.25 24.79
C ASN C 40 1.42 7.55 24.08
N ILE C 41 0.91 8.55 24.80
CA ILE C 41 0.47 9.87 24.25
C ILE C 41 1.59 10.90 24.46
N ILE C 42 2.22 10.92 25.63
CA ILE C 42 3.28 11.90 26.00
C ILE C 42 4.61 11.52 25.33
N ARG C 43 4.78 10.26 24.92
CA ARG C 43 6.00 9.77 24.22
C ARG C 43 5.99 10.33 22.79
N LYS C 44 4.82 10.32 22.15
CA LYS C 44 4.63 10.79 20.74
C LYS C 44 4.52 12.32 20.69
N PHE C 45 4.63 13.01 21.83
CA PHE C 45 4.62 14.50 21.91
C PHE C 45 5.99 15.05 21.51
N ASN C 46 6.01 16.03 20.61
CA ASN C 46 7.23 16.79 20.20
C ASN C 46 6.82 18.00 19.34
N THR C 47 7.80 18.85 18.98
CA THR C 47 7.63 20.04 18.11
C THR C 47 7.72 19.62 16.64
N SER C 48 8.28 18.43 16.37
CA SER C 48 8.55 17.89 15.02
C SER C 48 7.25 17.69 14.24
N ARG C 49 7.05 18.47 13.18
CA ARG C 49 6.00 18.26 12.14
C ARG C 49 6.42 17.08 11.25
N ILE C 50 5.45 16.46 10.57
CA ILE C 50 5.71 15.34 9.62
C ILE C 50 6.19 15.96 8.30
N GLU C 51 7.33 15.48 7.79
CA GLU C 51 7.96 15.98 6.53
C GLU C 51 7.29 15.28 5.34
N LYS C 52 6.44 16.01 4.59
CA LYS C 52 5.65 15.47 3.45
C LYS C 52 6.41 15.68 2.13
N ASN C 53 7.76 15.73 2.19
CA ASN C 53 8.64 15.69 1.00
C ASN C 53 10.05 15.30 1.47
N PRO C 54 10.22 14.10 2.07
CA PRO C 54 11.49 13.71 2.67
C PRO C 54 12.62 13.51 1.66
N SER C 55 12.27 13.18 0.40
CA SER C 55 13.21 12.99 -0.74
C SER C 55 13.97 14.29 -1.01
N LEU C 56 13.23 15.41 -1.12
CA LEU C 56 13.77 16.78 -1.29
C LEU C 56 14.56 17.17 -0.03
N ARG C 57 13.86 17.29 1.11
CA ARG C 57 14.39 17.83 2.39
C ARG C 57 15.75 17.19 2.70
N MET C 58 15.94 15.91 2.38
CA MET C 58 17.21 15.16 2.61
C MET C 58 18.29 15.71 1.69
N LYS C 59 18.04 15.74 0.37
CA LYS C 59 19.01 16.25 -0.65
C LYS C 59 19.45 17.67 -0.28
N TRP C 60 18.50 18.52 0.09
CA TRP C 60 18.75 19.89 0.60
C TRP C 60 19.62 19.82 1.86
N ALA C 61 19.11 19.15 2.91
CA ALA C 61 19.75 19.03 4.24
C ALA C 61 21.20 18.53 4.11
N MET C 62 21.49 17.68 3.13
CA MET C 62 22.84 17.10 2.92
C MET C 62 23.84 18.17 2.44
N CYS C 63 23.34 19.28 1.89
CA CYS C 63 24.16 20.41 1.37
C CYS C 63 24.34 21.48 2.45
N SER C 64 23.85 21.24 3.68
CA SER C 64 24.09 22.10 4.87
C SER C 64 25.37 21.65 5.58
N ASN C 65 25.80 22.39 6.60
CA ASN C 65 27.09 22.20 7.31
C ASN C 65 26.94 21.07 8.35
N PHE C 66 25.87 21.11 9.15
CA PHE C 66 25.63 20.17 10.28
C PHE C 66 24.20 19.64 10.22
N PRO C 67 23.90 18.66 9.32
CA PRO C 67 22.56 18.10 9.18
C PRO C 67 22.17 17.11 10.28
N LEU C 68 23.15 16.35 10.82
CA LEU C 68 22.88 15.21 11.73
C LEU C 68 22.81 15.70 13.18
N ALA C 69 22.37 14.83 14.09
CA ALA C 69 22.20 15.10 15.54
C ALA C 69 22.73 13.94 16.37
N LEU C 70 23.86 14.15 17.07
CA LEU C 70 24.46 13.16 18.01
C LEU C 70 23.61 13.09 19.28
N THR C 71 23.64 11.94 19.96
CA THR C 71 22.98 11.70 21.29
C THR C 71 23.99 12.07 22.38
N LYS C 72 23.59 12.91 23.34
CA LYS C 72 24.48 13.46 24.40
C LYS C 72 25.03 12.30 25.24
N GLY C 73 26.31 11.96 25.03
CA GLY C 73 27.02 10.89 25.76
C GLY C 73 28.52 11.02 25.64
N ASP C 74 29.27 10.19 26.38
CA ASP C 74 30.76 10.16 26.38
C ASP C 74 31.26 9.78 24.98
N MET C 75 30.51 8.94 24.27
CA MET C 75 30.87 8.42 22.92
C MET C 75 30.71 9.53 21.87
N ALA C 76 29.82 10.49 22.10
CA ALA C 76 29.65 11.71 21.26
C ALA C 76 30.90 12.59 21.42
N ASN C 77 31.46 12.64 22.64
CA ASN C 77 32.63 13.49 23.02
C ASN C 77 33.93 12.84 22.52
N ARG C 78 33.91 11.55 22.19
CA ARG C 78 35.06 10.82 21.58
C ARG C 78 35.37 11.40 20.19
N ILE C 79 34.37 11.95 19.51
CA ILE C 79 34.50 12.63 18.17
C ILE C 79 35.18 13.98 18.38
N PRO C 80 36.27 14.30 17.64
CA PRO C 80 36.89 15.62 17.72
C PRO C 80 36.05 16.70 17.02
N LEU C 81 36.19 17.96 17.47
CA LEU C 81 35.41 19.13 16.97
C LEU C 81 35.73 19.39 15.49
N GLU C 82 36.93 19.04 15.04
CA GLU C 82 37.35 19.14 13.61
C GLU C 82 38.52 18.17 13.35
N TYR C 83 38.71 17.79 12.09
CA TYR C 83 39.76 16.82 11.63
C TYR C 83 40.32 17.28 10.28
N LYS C 84 41.65 17.45 10.19
CA LYS C 84 42.39 17.85 8.97
C LYS C 84 41.67 19.01 8.27
N GLY C 85 41.25 20.03 9.04
CA GLY C 85 40.55 21.22 8.54
C GLY C 85 39.16 20.91 8.03
N ILE C 86 38.46 19.96 8.67
CA ILE C 86 37.03 19.60 8.38
C ILE C 86 36.25 19.69 9.69
N GLN C 87 35.18 20.49 9.70
CA GLN C 87 34.23 20.61 10.84
C GLN C 87 33.38 19.33 10.90
N LEU C 88 33.67 18.46 11.87
CA LEU C 88 32.94 17.18 12.10
C LEU C 88 31.62 17.48 12.83
N LYS C 89 31.69 18.17 13.97
CA LYS C 89 30.51 18.52 14.81
C LYS C 89 30.60 19.98 15.26
N THR C 90 29.50 20.51 15.82
CA THR C 90 29.41 21.90 16.35
C THR C 90 29.06 21.86 17.84
N ASN C 91 29.39 22.93 18.56
CA ASN C 91 29.18 23.08 20.03
C ASN C 91 27.68 23.20 20.32
N ALA C 92 26.95 23.92 19.46
CA ALA C 92 25.49 24.17 19.57
C ALA C 92 24.76 22.82 19.66
N GLU C 93 23.87 22.68 20.65
CA GLU C 93 23.10 21.43 20.92
C GLU C 93 21.84 21.41 20.04
N ASP C 94 21.41 20.22 19.63
CA ASP C 94 20.13 19.98 18.89
C ASP C 94 18.97 20.10 19.88
N ILE C 95 17.83 20.61 19.42
CA ILE C 95 16.57 20.74 20.21
C ILE C 95 16.12 19.35 20.67
N GLY C 96 16.14 18.38 19.76
CA GLY C 96 15.66 17.00 19.99
C GLY C 96 16.57 16.21 20.93
N THR C 97 17.78 15.90 20.49
CA THR C 97 18.72 14.95 21.16
C THR C 97 19.38 15.59 22.38
N LYS C 98 19.33 16.92 22.49
CA LYS C 98 20.01 17.73 23.54
C LYS C 98 21.52 17.46 23.46
N GLY C 99 22.04 17.21 22.25
CA GLY C 99 23.45 16.87 22.00
C GLY C 99 24.01 17.62 20.80
N GLN C 100 25.34 17.73 20.72
CA GLN C 100 26.07 18.43 19.63
C GLN C 100 25.57 17.94 18.27
N MET C 101 25.21 18.86 17.37
CA MET C 101 24.88 18.56 15.95
C MET C 101 26.20 18.34 15.20
N CYS C 102 26.15 17.56 14.11
CA CYS C 102 27.36 17.15 13.33
C CYS C 102 27.03 16.95 11.85
N SER C 103 28.09 16.98 11.02
CA SER C 103 28.09 16.75 9.56
C SER C 103 28.15 15.24 9.28
N ILE C 104 27.86 14.87 8.02
CA ILE C 104 27.96 13.46 7.52
C ILE C 104 29.41 12.99 7.57
N ALA C 105 30.38 13.92 7.49
CA ALA C 105 31.84 13.64 7.60
C ALA C 105 32.15 12.99 8.96
N ALA C 106 31.39 13.35 10.01
CA ALA C 106 31.52 12.81 11.38
C ALA C 106 31.26 11.30 11.37
N VAL C 107 30.25 10.86 10.60
CA VAL C 107 29.91 9.41 10.40
C VAL C 107 31.14 8.73 9.80
N THR C 108 31.58 9.22 8.64
CA THR C 108 32.73 8.68 7.87
C THR C 108 33.97 8.63 8.77
N TRP C 109 34.19 9.67 9.59
CA TRP C 109 35.31 9.69 10.58
C TRP C 109 35.17 8.50 11.52
N TRP C 110 34.03 8.40 12.23
CA TRP C 110 33.77 7.33 13.24
C TRP C 110 34.10 5.96 12.64
N ASN C 111 33.62 5.69 11.42
CA ASN C 111 33.78 4.39 10.72
C ASN C 111 35.25 4.15 10.36
N THR C 112 36.07 5.21 10.28
CA THR C 112 37.50 5.15 9.88
C THR C 112 38.40 5.06 11.12
N TYR C 113 38.36 6.08 11.99
CA TYR C 113 39.29 6.26 13.15
C TYR C 113 38.56 6.21 14.49
N GLY C 114 37.23 5.97 14.50
CA GLY C 114 36.44 5.91 15.74
C GLY C 114 36.83 4.71 16.61
N PRO C 115 36.23 4.55 17.81
CA PRO C 115 36.51 3.39 18.67
C PRO C 115 35.92 2.10 18.09
N ILE C 116 36.64 0.98 18.22
CA ILE C 116 36.26 -0.35 17.68
C ILE C 116 35.36 -1.06 18.70
N GLY C 117 34.05 -1.09 18.43
CA GLY C 117 33.02 -1.67 19.33
C GLY C 117 33.07 -3.19 19.36
N ASP C 118 32.18 -3.79 20.17
CA ASP C 118 32.10 -5.25 20.44
C ASP C 118 30.97 -5.86 19.58
N THR C 119 31.33 -6.60 18.54
CA THR C 119 30.39 -7.27 17.59
C THR C 119 30.29 -8.77 17.93
N GLU C 120 30.10 -9.09 19.22
CA GLU C 120 29.99 -10.49 19.72
C GLU C 120 28.51 -10.90 19.72
N GLY C 121 28.17 -12.01 19.06
CA GLY C 121 26.80 -12.51 18.91
C GLY C 121 25.96 -11.58 18.04
N PHE C 122 26.53 -11.11 16.93
CA PHE C 122 25.85 -10.26 15.91
C PHE C 122 25.11 -11.17 14.92
N GLU C 123 25.81 -12.19 14.43
CA GLU C 123 25.30 -13.20 13.46
C GLU C 123 24.15 -14.00 14.09
N ARG C 124 24.19 -14.20 15.41
CA ARG C 124 23.15 -14.91 16.20
C ARG C 124 21.91 -14.01 16.34
N VAL C 125 22.11 -12.71 16.53
CA VAL C 125 21.02 -11.69 16.66
C VAL C 125 20.36 -11.50 15.28
N TYR C 126 21.16 -11.26 14.23
CA TYR C 126 20.69 -11.04 12.84
C TYR C 126 20.73 -12.34 12.05
N GLU C 127 20.25 -13.44 12.65
CA GLU C 127 20.25 -14.81 12.08
C GLU C 127 19.34 -14.83 10.84
N SER C 128 18.08 -14.44 11.03
CA SER C 128 17.00 -14.42 10.00
C SER C 128 17.56 -13.94 8.65
N PHE C 129 18.36 -12.86 8.66
CA PHE C 129 18.94 -12.23 7.44
C PHE C 129 20.06 -13.11 6.87
N PHE C 130 20.96 -13.61 7.73
CA PHE C 130 22.13 -14.43 7.33
C PHE C 130 21.67 -15.73 6.66
N LEU C 131 20.58 -16.33 7.15
CA LEU C 131 19.94 -17.52 6.55
C LEU C 131 19.48 -17.16 5.12
N ARG C 132 18.82 -16.01 4.96
CA ARG C 132 18.32 -15.47 3.67
C ARG C 132 19.47 -15.43 2.65
N LYS C 133 20.66 -15.03 3.09
CA LYS C 133 21.90 -14.98 2.26
C LYS C 133 22.41 -16.42 2.04
N MET C 134 22.45 -17.22 3.10
CA MET C 134 22.91 -18.65 3.07
C MET C 134 22.11 -19.44 2.03
N ARG C 135 20.81 -19.14 1.88
CA ARG C 135 19.92 -19.81 0.89
C ARG C 135 20.36 -19.46 -0.54
N LEU C 136 20.70 -18.19 -0.81
CA LEU C 136 21.20 -17.72 -2.13
C LEU C 136 22.62 -18.26 -2.37
N ASP C 137 23.45 -18.32 -1.32
CA ASP C 137 24.87 -18.76 -1.39
C ASP C 137 24.93 -20.22 -1.89
N ASN C 138 24.18 -21.12 -1.25
CA ASN C 138 24.25 -22.60 -1.48
C ASN C 138 23.32 -22.99 -2.64
N ALA C 139 22.48 -22.07 -3.12
CA ALA C 139 21.52 -22.31 -4.23
C ALA C 139 22.27 -22.64 -5.52
N THR C 140 21.59 -23.35 -6.44
CA THR C 140 22.05 -23.61 -7.84
C THR C 140 20.98 -23.08 -8.80
N TRP C 141 21.43 -22.46 -9.91
CA TRP C 141 20.56 -21.85 -10.96
C TRP C 141 20.49 -22.78 -12.17
N GLY C 142 19.29 -22.95 -12.74
CA GLY C 142 19.03 -23.78 -13.92
C GLY C 142 19.27 -23.02 -15.21
N ARG C 143 18.25 -22.93 -16.06
CA ARG C 143 18.31 -22.29 -17.40
C ARG C 143 17.06 -21.43 -17.62
N ILE C 144 17.21 -20.32 -18.33
CA ILE C 144 16.11 -19.36 -18.66
C ILE C 144 15.38 -19.87 -19.92
N THR C 145 14.05 -19.96 -19.85
CA THR C 145 13.16 -20.38 -20.95
C THR C 145 12.25 -19.20 -21.33
N PHE C 146 12.21 -18.86 -22.61
CA PHE C 146 11.40 -17.76 -23.19
C PHE C 146 10.12 -18.35 -23.78
N GLY C 147 8.96 -17.87 -23.31
CA GLY C 147 7.63 -18.37 -23.69
C GLY C 147 6.58 -17.95 -22.67
N PRO C 148 5.27 -18.04 -23.00
CA PRO C 148 4.23 -17.47 -22.16
C PRO C 148 4.15 -18.14 -20.78
N VAL C 149 3.83 -17.33 -19.75
CA VAL C 149 3.67 -17.78 -18.34
C VAL C 149 2.38 -17.17 -17.80
N GLU C 150 1.35 -18.00 -17.59
CA GLU C 150 0.10 -17.60 -16.91
C GLU C 150 0.41 -17.46 -15.41
N ARG C 151 0.20 -16.27 -14.87
CA ARG C 151 0.53 -15.92 -13.46
C ARG C 151 -0.77 -15.73 -12.68
N VAL C 152 -0.87 -16.40 -11.53
CA VAL C 152 -2.05 -16.31 -10.61
C VAL C 152 -1.64 -15.47 -9.39
N ARG C 153 -2.57 -14.65 -8.89
CA ARG C 153 -2.35 -13.70 -7.78
C ARG C 153 -2.85 -14.34 -6.48
N LYS C 154 -1.98 -15.12 -5.82
CA LYS C 154 -2.31 -15.91 -4.60
C LYS C 154 -1.66 -15.26 -3.37
N ARG C 155 -2.32 -15.36 -2.21
CA ARG C 155 -1.84 -14.85 -0.91
C ARG C 155 -0.77 -15.79 -0.36
N VAL C 156 0.50 -15.39 -0.43
CA VAL C 156 1.68 -16.26 -0.12
C VAL C 156 2.49 -15.63 1.02
N LEU C 157 3.33 -16.44 1.67
CA LEU C 157 4.25 -16.06 2.76
C LEU C 157 5.54 -15.51 2.14
N LEU C 158 5.91 -14.27 2.48
CA LEU C 158 7.05 -13.55 1.85
C LEU C 158 8.38 -14.12 2.35
N ASN C 159 8.55 -14.30 3.66
CA ASN C 159 9.81 -14.72 4.30
C ASN C 159 9.60 -16.02 5.08
N PRO C 160 10.53 -17.00 4.97
CA PRO C 160 10.48 -18.21 5.80
C PRO C 160 10.70 -17.90 7.29
N LEU C 161 9.89 -18.53 8.15
CA LEU C 161 9.91 -18.33 9.63
C LEU C 161 10.67 -19.49 10.29
N THR C 162 11.14 -19.30 11.52
CA THR C 162 11.81 -20.34 12.35
C THR C 162 10.74 -21.27 12.94
N LYS C 163 9.65 -20.69 13.44
CA LYS C 163 8.46 -21.42 13.96
C LYS C 163 7.26 -20.47 13.96
N GLU C 164 6.22 -20.77 13.18
CA GLU C 164 5.06 -19.88 12.93
C GLU C 164 4.16 -19.81 14.17
N MET C 165 3.64 -18.61 14.48
CA MET C 165 2.70 -18.33 15.59
C MET C 165 1.79 -17.18 15.20
N PRO C 166 0.58 -17.05 15.80
CA PRO C 166 -0.22 -15.82 15.68
C PRO C 166 0.49 -14.63 16.35
N PRO C 167 0.08 -13.38 16.05
CA PRO C 167 0.75 -12.20 16.60
C PRO C 167 0.83 -12.21 18.14
N ASP C 168 -0.27 -12.56 18.81
CA ASP C 168 -0.41 -12.57 20.29
C ASP C 168 0.56 -13.58 20.90
N GLU C 169 0.59 -14.81 20.36
CA GLU C 169 1.36 -15.96 20.91
C GLU C 169 2.87 -15.64 20.83
N ALA C 170 3.33 -15.11 19.69
CA ALA C 170 4.75 -14.74 19.45
C ALA C 170 5.17 -13.60 20.40
N SER C 171 4.32 -12.57 20.51
CA SER C 171 4.55 -11.36 21.36
C SER C 171 4.91 -11.78 22.78
N ASN C 172 4.21 -12.80 23.32
CA ASN C 172 4.43 -13.35 24.69
C ASN C 172 5.75 -14.11 24.74
N VAL C 173 6.03 -14.93 23.73
CA VAL C 173 7.30 -15.71 23.61
C VAL C 173 8.48 -14.74 23.59
N ILE C 174 8.36 -13.64 22.84
CA ILE C 174 9.38 -12.54 22.77
C ILE C 174 9.56 -11.94 24.17
N MET C 175 8.46 -11.71 24.89
CA MET C 175 8.44 -11.13 26.27
C MET C 175 9.23 -12.04 27.22
N GLU C 176 8.96 -13.35 27.18
CA GLU C 176 9.61 -14.36 28.08
C GLU C 176 11.13 -14.36 27.87
N ILE C 177 11.60 -14.10 26.64
CA ILE C 177 13.04 -14.14 26.24
C ILE C 177 13.74 -12.87 26.74
N LEU C 178 13.18 -11.69 26.45
CA LEU C 178 13.86 -10.37 26.61
C LEU C 178 13.45 -9.70 27.92
N PHE C 179 12.15 -9.66 28.23
CA PHE C 179 11.56 -8.90 29.37
C PHE C 179 10.71 -9.82 30.24
N PRO C 180 11.34 -10.72 31.05
CA PRO C 180 10.59 -11.73 31.80
C PRO C 180 9.59 -11.14 32.81
N LYS C 181 10.02 -10.14 33.58
CA LYS C 181 9.32 -9.60 34.77
C LYS C 181 8.05 -8.83 34.35
N GLU C 182 8.09 -8.11 33.22
CA GLU C 182 6.96 -7.32 32.70
C GLU C 182 5.90 -8.24 32.08
N ALA C 183 6.34 -9.38 31.51
CA ALA C 183 5.53 -10.32 30.69
C ALA C 183 4.04 -10.28 31.09
N GLY C 184 3.74 -10.61 32.35
CA GLY C 184 2.38 -10.57 32.92
C GLY C 184 1.79 -11.97 33.10
N ILE C 185 0.49 -12.13 32.85
CA ILE C 185 -0.29 -13.39 33.08
C ILE C 185 0.32 -14.50 32.24
N PRO C 186 0.90 -15.56 32.85
CA PRO C 186 1.50 -16.66 32.09
C PRO C 186 0.43 -17.55 31.44
N ARG C 187 0.39 -17.54 30.10
CA ARG C 187 -0.51 -18.39 29.28
C ARG C 187 0.14 -19.77 29.09
N GLU C 188 -0.60 -20.74 28.56
CA GLU C 188 -0.11 -22.11 28.26
C GLU C 188 0.92 -22.06 27.14
N SER C 189 0.79 -21.08 26.23
CA SER C 189 1.70 -20.83 25.07
C SER C 189 3.17 -20.87 25.52
N THR C 190 3.47 -20.38 26.73
CA THR C 190 4.83 -20.42 27.35
C THR C 190 5.36 -21.86 27.36
N TRP C 191 4.55 -22.80 27.86
CA TRP C 191 4.92 -24.23 28.04
C TRP C 191 5.04 -24.93 26.68
N ILE C 192 4.28 -24.48 25.67
CA ILE C 192 4.26 -25.07 24.31
C ILE C 192 5.58 -24.75 23.61
N HIS C 193 6.04 -23.49 23.70
CA HIS C 193 7.27 -22.97 23.04
C HIS C 193 8.38 -22.78 24.09
N ARG C 194 8.34 -23.51 25.21
CA ARG C 194 9.33 -23.45 26.30
C ARG C 194 10.73 -23.78 25.77
N GLU C 195 10.81 -24.70 24.79
CA GLU C 195 12.09 -25.21 24.23
C GLU C 195 12.75 -24.12 23.37
N LEU C 196 11.94 -23.33 22.65
CA LEU C 196 12.38 -22.20 21.79
C LEU C 196 12.91 -21.07 22.67
N ILE C 197 12.14 -20.69 23.71
CA ILE C 197 12.48 -19.62 24.69
C ILE C 197 13.86 -19.89 25.29
N LYS C 198 14.06 -21.10 25.83
CA LYS C 198 15.34 -21.56 26.43
C LYS C 198 16.47 -21.39 25.40
N GLU C 199 16.24 -21.82 24.15
CA GLU C 199 17.24 -21.82 23.05
C GLU C 199 17.61 -20.38 22.68
N LYS C 200 16.61 -19.51 22.51
CA LYS C 200 16.79 -18.09 22.10
C LYS C 200 17.59 -17.34 23.17
N ARG C 201 17.25 -17.55 24.46
CA ARG C 201 17.94 -16.93 25.63
C ARG C 201 19.45 -17.20 25.56
N GLU C 202 19.83 -18.47 25.35
CA GLU C 202 21.25 -18.92 25.32
C GLU C 202 21.99 -18.27 24.14
N LYS C 203 21.29 -18.08 23.01
CA LYS C 203 21.86 -17.46 21.78
C LYS C 203 21.97 -15.95 21.95
N LEU C 204 21.00 -15.31 22.62
CA LEU C 204 20.96 -13.84 22.85
C LEU C 204 21.48 -13.52 24.26
N LYS C 205 22.48 -14.26 24.76
CA LYS C 205 23.00 -14.11 26.15
C LYS C 205 24.06 -12.99 26.18
N GLY C 206 25.20 -13.21 25.52
CA GLY C 206 26.35 -12.28 25.52
C GLY C 206 26.31 -11.33 24.33
N THR C 207 25.31 -10.45 24.30
CA THR C 207 25.10 -9.43 23.23
C THR C 207 24.83 -8.06 23.89
N MET C 208 25.40 -7.00 23.31
CA MET C 208 25.30 -5.61 23.81
C MET C 208 24.21 -4.85 23.05
N ILE C 209 23.65 -5.46 21.99
CA ILE C 209 22.61 -4.83 21.11
C ILE C 209 21.35 -4.54 21.94
N THR C 210 20.66 -3.45 21.62
CA THR C 210 19.47 -2.93 22.34
C THR C 210 18.34 -3.95 22.26
N PRO C 211 17.62 -4.22 23.37
CA PRO C 211 16.50 -5.18 23.37
C PRO C 211 15.48 -4.94 22.23
N ILE C 212 15.08 -3.69 22.02
CA ILE C 212 14.07 -3.27 21.00
C ILE C 212 14.47 -3.83 19.62
N VAL C 213 15.77 -3.95 19.34
CA VAL C 213 16.31 -4.53 18.07
C VAL C 213 16.09 -6.05 18.11
N LEU C 214 16.42 -6.69 19.23
CA LEU C 214 16.28 -8.17 19.42
C LEU C 214 14.81 -8.55 19.26
N ALA C 215 13.91 -7.82 19.92
CA ALA C 215 12.44 -8.01 19.87
C ALA C 215 11.97 -7.94 18.40
N TYR C 216 12.38 -6.89 17.69
CA TYR C 216 12.07 -6.64 16.25
C TYR C 216 12.55 -7.84 15.41
N MET C 217 13.81 -8.27 15.59
CA MET C 217 14.43 -9.36 14.80
C MET C 217 13.75 -10.70 15.12
N LEU C 218 13.39 -10.93 16.38
CA LEU C 218 12.62 -12.13 16.81
C LEU C 218 11.23 -12.09 16.15
N GLU C 219 10.54 -10.96 16.27
CA GLU C 219 9.17 -10.74 15.72
C GLU C 219 9.15 -11.10 14.23
N ARG C 220 10.22 -10.80 13.50
CA ARG C 220 10.40 -11.19 12.08
C ARG C 220 10.31 -12.71 11.94
N GLU C 221 11.08 -13.45 12.74
CA GLU C 221 11.24 -14.93 12.63
C GLU C 221 10.24 -15.65 13.53
N LEU C 222 9.03 -15.10 13.69
CA LEU C 222 7.92 -15.71 14.47
C LEU C 222 6.57 -15.30 13.85
N VAL C 223 6.30 -14.00 13.77
CA VAL C 223 5.06 -13.43 13.14
C VAL C 223 5.16 -13.66 11.63
N ALA C 224 4.02 -13.97 10.99
CA ALA C 224 3.92 -14.31 9.55
C ALA C 224 3.79 -13.02 8.72
N ARG C 225 4.48 -12.96 7.58
CA ARG C 225 4.38 -11.86 6.59
C ARG C 225 3.74 -12.42 5.31
N ARG C 226 2.40 -12.49 5.27
CA ARG C 226 1.62 -13.08 4.15
C ARG C 226 0.91 -11.96 3.37
N ARG C 227 1.20 -11.85 2.07
CA ARG C 227 0.59 -10.82 1.17
C ARG C 227 0.46 -11.40 -0.26
N PHE C 228 -0.48 -10.86 -1.04
CA PHE C 228 -0.79 -11.30 -2.43
C PHE C 228 0.36 -10.93 -3.37
N LEU C 229 0.85 -11.91 -4.13
CA LEU C 229 1.89 -11.74 -5.18
C LEU C 229 1.52 -12.56 -6.40
N PRO C 230 1.85 -12.09 -7.64
CA PRO C 230 1.64 -12.90 -8.83
C PRO C 230 2.72 -13.99 -8.93
N VAL C 231 2.30 -15.26 -8.88
CA VAL C 231 3.21 -16.44 -8.83
C VAL C 231 2.79 -17.43 -9.93
N ALA C 232 3.65 -18.43 -10.20
CA ALA C 232 3.46 -19.47 -11.22
C ALA C 232 4.32 -20.69 -10.91
N GLY C 233 3.78 -21.65 -10.14
CA GLY C 233 4.38 -22.97 -9.88
C GLY C 233 5.45 -22.92 -8.80
N ALA C 234 5.37 -21.95 -7.88
CA ALA C 234 6.30 -21.78 -6.73
C ALA C 234 5.64 -20.87 -5.68
N THR C 235 5.20 -21.45 -4.56
CA THR C 235 4.46 -20.78 -3.46
C THR C 235 5.27 -20.83 -2.15
N SER C 236 6.27 -21.72 -2.05
CA SER C 236 7.16 -21.85 -0.86
C SER C 236 7.89 -20.53 -0.62
N ALA C 237 7.92 -20.06 0.63
CA ALA C 237 8.51 -18.76 1.03
C ALA C 237 9.90 -18.58 0.40
N GLU C 238 10.77 -19.60 0.54
CA GLU C 238 12.19 -19.57 0.07
C GLU C 238 12.25 -19.41 -1.46
N PHE C 239 11.13 -19.61 -2.16
CA PHE C 239 10.96 -19.26 -3.60
C PHE C 239 10.42 -17.83 -3.70
N ILE C 240 9.37 -17.51 -2.93
CA ILE C 240 8.67 -16.19 -2.95
C ILE C 240 9.66 -15.05 -2.67
N GLU C 241 10.68 -15.29 -1.83
CA GLU C 241 11.71 -14.29 -1.49
C GLU C 241 12.55 -13.96 -2.73
N MET C 242 12.59 -14.89 -3.71
CA MET C 242 13.37 -14.76 -4.98
C MET C 242 12.42 -14.54 -6.17
N LEU C 243 11.13 -14.29 -5.92
CA LEU C 243 10.04 -14.31 -6.94
C LEU C 243 10.40 -13.40 -8.13
N HIS C 244 11.18 -12.33 -7.90
CA HIS C 244 11.61 -11.35 -8.92
C HIS C 244 12.48 -12.02 -10.00
N CYS C 245 13.29 -13.01 -9.61
CA CYS C 245 14.27 -13.72 -10.50
C CYS C 245 13.69 -15.05 -11.00
N LEU C 246 12.52 -15.47 -10.50
CA LEU C 246 11.92 -16.80 -10.80
C LEU C 246 11.27 -16.77 -12.20
N GLN C 247 10.39 -15.81 -12.46
CA GLN C 247 9.64 -15.72 -13.74
C GLN C 247 9.09 -14.30 -13.94
N GLY C 248 8.93 -13.91 -15.21
CA GLY C 248 8.13 -12.74 -15.63
C GLY C 248 6.91 -13.19 -16.41
N GLU C 249 6.28 -12.28 -17.16
CA GLU C 249 5.09 -12.58 -17.99
C GLU C 249 5.50 -13.49 -19.16
N ASN C 250 6.61 -13.17 -19.82
CA ASN C 250 7.04 -13.77 -21.12
C ASN C 250 8.39 -14.50 -20.97
N TRP C 251 8.74 -14.93 -19.76
CA TRP C 251 10.00 -15.68 -19.50
C TRP C 251 9.90 -16.44 -18.17
N ARG C 252 10.73 -17.47 -18.01
CA ARG C 252 10.81 -18.32 -16.79
C ARG C 252 12.27 -18.69 -16.54
N GLN C 253 12.65 -18.90 -15.27
CA GLN C 253 14.02 -19.22 -14.81
C GLN C 253 13.94 -20.28 -13.71
N ILE C 254 14.65 -21.41 -13.87
CA ILE C 254 14.73 -22.50 -12.88
C ILE C 254 15.76 -22.12 -11.82
N TYR C 255 15.41 -22.25 -10.54
CA TYR C 255 16.25 -21.84 -9.37
C TYR C 255 16.02 -22.83 -8.21
N HIS C 256 17.09 -23.49 -7.75
CA HIS C 256 17.08 -24.40 -6.59
C HIS C 256 17.59 -23.65 -5.36
N PRO C 257 16.71 -23.22 -4.43
CA PRO C 257 17.16 -22.56 -3.20
C PRO C 257 17.89 -23.52 -2.26
N GLY C 258 19.05 -23.11 -1.75
CA GLY C 258 19.92 -23.94 -0.90
C GLY C 258 19.35 -24.14 0.50
N GLY C 259 20.13 -24.75 1.39
CA GLY C 259 19.73 -25.07 2.78
C GLY C 259 18.84 -26.30 2.81
N ASN C 260 17.73 -26.24 3.58
CA ASN C 260 16.78 -27.36 3.78
C ASN C 260 15.41 -27.00 3.18
N LYS C 261 14.65 -28.02 2.77
CA LYS C 261 13.23 -27.90 2.34
C LYS C 261 12.39 -28.86 3.19
N LEU C 262 11.09 -28.57 3.33
CA LEU C 262 10.15 -29.31 4.23
C LEU C 262 9.61 -30.54 3.48
N THR C 263 9.15 -31.54 4.23
CA THR C 263 8.54 -32.80 3.72
C THR C 263 7.12 -32.51 3.22
N GLU C 264 6.32 -31.79 4.03
CA GLU C 264 4.95 -31.31 3.70
C GLU C 264 4.98 -30.57 2.37
N SER C 265 5.94 -29.66 2.18
CA SER C 265 6.11 -28.82 0.97
C SER C 265 6.42 -29.70 -0.25
N ARG C 266 7.25 -30.74 -0.07
CA ARG C 266 7.59 -31.73 -1.13
C ARG C 266 6.31 -32.51 -1.48
N SER C 267 5.63 -33.04 -0.46
CA SER C 267 4.37 -33.81 -0.58
C SER C 267 3.30 -32.98 -1.32
N GLN C 268 3.19 -31.68 -0.99
CA GLN C 268 2.24 -30.73 -1.63
C GLN C 268 2.47 -30.71 -3.14
N SER C 269 3.70 -30.43 -3.57
CA SER C 269 4.10 -30.32 -5.01
C SER C 269 3.97 -31.67 -5.70
N MET C 270 4.32 -32.76 -4.98
CA MET C 270 4.28 -34.16 -5.48
C MET C 270 2.89 -34.48 -6.06
N ILE C 271 1.81 -34.00 -5.43
CA ILE C 271 0.38 -34.25 -5.82
C ILE C 271 0.10 -33.55 -7.15
N VAL C 272 0.16 -32.21 -7.13
CA VAL C 272 -0.14 -31.32 -8.30
C VAL C 272 0.59 -31.87 -9.53
N ALA C 273 1.85 -32.30 -9.36
CA ALA C 273 2.70 -32.91 -10.41
C ALA C 273 1.95 -34.08 -11.07
N CYS C 274 1.47 -35.03 -10.26
CA CYS C 274 0.70 -36.23 -10.71
C CYS C 274 -0.63 -35.79 -11.33
N ARG C 275 -1.38 -34.96 -10.60
CA ARG C 275 -2.70 -34.44 -11.06
C ARG C 275 -2.57 -33.82 -12.45
N LYS C 276 -1.49 -33.06 -12.70
CA LYS C 276 -1.19 -32.40 -14.00
C LYS C 276 -0.90 -33.46 -15.07
N ILE C 277 -0.06 -34.45 -14.74
CA ILE C 277 0.31 -35.58 -15.64
C ILE C 277 -0.97 -36.31 -16.07
N ILE C 278 -1.75 -36.79 -15.10
CA ILE C 278 -3.00 -37.58 -15.35
C ILE C 278 -3.93 -36.76 -16.25
N ARG C 279 -4.29 -35.55 -15.82
CA ARG C 279 -5.25 -34.63 -16.50
C ARG C 279 -4.87 -34.49 -17.98
N ARG C 280 -3.58 -34.52 -18.30
CA ARG C 280 -3.04 -34.40 -19.68
C ARG C 280 -3.09 -35.78 -20.36
N SER C 281 -2.57 -36.82 -19.70
CA SER C 281 -2.45 -38.21 -20.23
C SER C 281 -3.84 -38.76 -20.60
N ILE C 282 -4.87 -38.44 -19.82
CA ILE C 282 -6.28 -38.92 -20.00
C ILE C 282 -6.66 -38.90 -21.49
N VAL C 283 -6.39 -37.81 -22.20
CA VAL C 283 -6.91 -37.52 -23.57
C VAL C 283 -6.18 -38.39 -24.61
N ALA C 284 -4.88 -38.62 -24.45
CA ALA C 284 -4.04 -39.41 -25.37
C ALA C 284 -4.52 -40.86 -25.39
N SER C 285 -4.52 -41.50 -26.57
CA SER C 285 -4.79 -42.95 -26.74
C SER C 285 -3.65 -43.75 -26.09
N ASN C 286 -3.99 -44.63 -25.14
CA ASN C 286 -3.04 -45.32 -24.22
C ASN C 286 -2.46 -44.31 -23.22
N PRO C 287 -3.31 -43.73 -22.33
CA PRO C 287 -2.82 -42.79 -21.31
C PRO C 287 -1.60 -43.27 -20.53
N LEU C 288 -1.59 -44.53 -20.08
CA LEU C 288 -0.50 -45.13 -19.26
C LEU C 288 0.85 -44.86 -19.93
N GLU C 289 0.95 -45.17 -21.23
CA GLU C 289 2.19 -45.04 -22.03
C GLU C 289 2.72 -43.60 -21.95
N LEU C 290 1.83 -42.61 -21.97
CA LEU C 290 2.17 -41.15 -21.93
C LEU C 290 2.47 -40.73 -20.48
N ALA C 291 1.67 -41.20 -19.52
CA ALA C 291 1.84 -40.94 -18.07
C ALA C 291 3.22 -41.42 -17.62
N VAL C 292 3.57 -42.66 -17.95
CA VAL C 292 4.87 -43.31 -17.61
C VAL C 292 6.03 -42.50 -18.21
N GLU C 293 5.88 -42.04 -19.46
CA GLU C 293 6.88 -41.23 -20.20
C GLU C 293 7.22 -39.99 -19.38
N ILE C 294 6.21 -39.18 -19.05
CA ILE C 294 6.35 -37.86 -18.36
C ILE C 294 6.78 -38.10 -16.91
N ALA C 295 6.03 -38.92 -16.18
CA ALA C 295 6.22 -39.22 -14.74
C ALA C 295 7.70 -39.47 -14.42
N ASN C 296 8.39 -40.26 -15.26
CA ASN C 296 9.82 -40.62 -15.10
C ASN C 296 10.69 -39.35 -15.15
N LYS C 297 10.41 -38.46 -16.09
CA LYS C 297 11.25 -37.27 -16.41
C LYS C 297 10.75 -36.02 -15.67
N THR C 298 9.66 -36.14 -14.89
CA THR C 298 9.15 -35.07 -13.99
C THR C 298 10.06 -34.95 -12.78
N VAL C 299 10.39 -33.72 -12.37
CA VAL C 299 11.32 -33.38 -11.26
C VAL C 299 10.63 -32.36 -10.34
N ILE C 300 10.71 -32.58 -9.02
CA ILE C 300 10.23 -31.61 -7.98
C ILE C 300 11.47 -30.96 -7.34
N ASP C 301 11.81 -29.75 -7.80
CA ASP C 301 12.98 -28.93 -7.37
C ASP C 301 14.26 -29.57 -7.91
N THR C 302 14.63 -30.76 -7.41
CA THR C 302 15.82 -31.55 -7.84
C THR C 302 15.50 -33.04 -7.77
N GLU C 303 14.81 -33.47 -6.71
CA GLU C 303 14.33 -34.86 -6.49
C GLU C 303 13.31 -35.23 -7.58
N PRO C 304 13.51 -36.35 -8.30
CA PRO C 304 12.52 -36.84 -9.27
C PRO C 304 11.21 -37.32 -8.61
N LEU C 305 10.11 -37.32 -9.37
CA LEU C 305 8.74 -37.64 -8.89
C LEU C 305 8.70 -39.06 -8.30
N LYS C 306 9.32 -40.04 -8.98
CA LYS C 306 9.40 -41.45 -8.52
C LYS C 306 10.03 -41.48 -7.13
N SER C 307 11.21 -40.88 -6.97
CA SER C 307 11.99 -40.81 -5.70
C SER C 307 11.13 -40.21 -4.58
N CYS C 308 10.33 -39.17 -4.90
CA CYS C 308 9.39 -38.50 -3.97
C CYS C 308 8.26 -39.46 -3.59
N LEU C 309 7.61 -40.06 -4.60
CA LEU C 309 6.47 -41.01 -4.41
C LEU C 309 6.93 -42.23 -3.60
N ALA C 310 8.19 -42.65 -3.76
CA ALA C 310 8.82 -43.78 -3.04
C ALA C 310 9.14 -43.37 -1.59
N ALA C 311 9.75 -42.19 -1.40
CA ALA C 311 10.24 -41.68 -0.10
C ALA C 311 9.05 -41.30 0.80
N ILE C 312 8.14 -40.46 0.29
CA ILE C 312 6.97 -39.94 1.07
C ILE C 312 5.93 -41.06 1.20
N ASP C 313 5.47 -41.31 2.43
CA ASP C 313 4.33 -42.22 2.75
C ASP C 313 3.08 -41.36 2.95
N GLY C 314 2.31 -41.14 1.89
CA GLY C 314 1.11 -40.28 1.87
C GLY C 314 0.86 -39.68 0.50
N GLY C 315 -0.28 -39.02 0.33
CA GLY C 315 -0.66 -38.36 -0.95
C GLY C 315 -2.17 -38.37 -1.14
N ASP C 316 -2.63 -38.59 -2.37
CA ASP C 316 -4.06 -38.67 -2.75
C ASP C 316 -4.24 -39.80 -3.78
N VAL C 317 -5.41 -39.84 -4.43
CA VAL C 317 -5.77 -40.80 -5.51
C VAL C 317 -4.72 -40.72 -6.62
N ALA C 318 -4.49 -39.52 -7.15
CA ALA C 318 -3.62 -39.21 -8.32
C ALA C 318 -2.20 -39.76 -8.10
N CYS C 319 -1.67 -39.64 -6.89
CA CYS C 319 -0.30 -40.10 -6.51
C CYS C 319 -0.19 -41.62 -6.67
N ASP C 320 -1.19 -42.34 -6.15
CA ASP C 320 -1.26 -43.82 -6.18
C ASP C 320 -1.31 -44.32 -7.64
N ILE C 321 -2.21 -43.74 -8.46
CA ILE C 321 -2.36 -44.08 -9.90
C ILE C 321 -0.97 -44.07 -10.56
N ILE C 322 -0.22 -42.99 -10.38
CA ILE C 322 1.15 -42.81 -10.97
C ILE C 322 2.09 -43.82 -10.29
N ARG C 323 2.04 -43.93 -8.96
CA ARG C 323 2.86 -44.90 -8.17
C ARG C 323 2.76 -46.28 -8.84
N ALA C 324 1.54 -46.73 -9.12
CA ALA C 324 1.25 -48.02 -9.81
C ALA C 324 1.92 -48.02 -11.19
N ALA C 325 1.71 -46.94 -11.97
CA ALA C 325 2.20 -46.79 -13.36
C ALA C 325 3.73 -46.87 -13.41
N LEU C 326 4.41 -46.39 -12.36
CA LEU C 326 5.88 -46.47 -12.22
C LEU C 326 6.27 -47.83 -11.63
N GLY C 327 5.40 -48.43 -10.81
CA GLY C 327 5.61 -49.74 -10.17
C GLY C 327 6.05 -49.58 -8.72
N LEU C 328 5.16 -49.03 -7.88
CA LEU C 328 5.38 -48.78 -6.43
C LEU C 328 4.09 -49.10 -5.66
N LYS C 329 4.21 -49.55 -4.42
CA LYS C 329 3.05 -49.82 -3.52
C LYS C 329 2.26 -48.52 -3.32
N ILE C 330 0.93 -48.61 -3.38
CA ILE C 330 0.01 -47.44 -3.28
C ILE C 330 -0.41 -47.25 -1.81
N ARG C 331 -0.02 -46.13 -1.20
CA ARG C 331 -0.46 -45.73 0.17
C ARG C 331 -1.82 -45.03 0.05
N GLN C 332 -2.92 -45.77 0.26
CA GLN C 332 -4.30 -45.23 0.25
C GLN C 332 -4.53 -44.47 1.56
N ARG C 333 -3.87 -43.31 1.72
CA ARG C 333 -3.78 -42.53 2.98
C ARG C 333 -4.25 -41.09 2.72
N GLN C 334 -5.55 -40.85 2.86
CA GLN C 334 -6.17 -39.51 2.72
C GLN C 334 -5.89 -38.70 3.99
N ARG C 335 -5.56 -37.41 3.83
CA ARG C 335 -5.23 -36.46 4.93
C ARG C 335 -6.22 -35.29 4.90
N PHE C 336 -6.72 -34.90 6.08
CA PHE C 336 -7.69 -33.79 6.29
C PHE C 336 -7.14 -32.84 7.36
N GLY C 337 -6.05 -32.16 7.04
CA GLY C 337 -5.33 -31.23 7.95
C GLY C 337 -4.49 -32.00 8.97
N ARG C 338 -4.86 -31.91 10.25
CA ARG C 338 -4.21 -32.64 11.37
C ARG C 338 -4.57 -34.14 11.28
N LEU C 339 -5.79 -34.45 10.80
CA LEU C 339 -6.30 -35.84 10.67
C LEU C 339 -5.60 -36.55 9.50
N GLU C 340 -5.09 -37.76 9.75
CA GLU C 340 -4.46 -38.64 8.74
C GLU C 340 -5.17 -40.00 8.74
N LEU C 341 -5.98 -40.27 7.72
CA LEU C 341 -6.79 -41.51 7.57
C LEU C 341 -6.04 -42.50 6.66
N LYS C 342 -6.47 -43.78 6.67
CA LYS C 342 -6.01 -44.84 5.74
C LYS C 342 -7.16 -45.81 5.49
N ARG C 343 -7.53 -46.00 4.22
CA ARG C 343 -8.70 -46.81 3.78
C ARG C 343 -8.47 -48.28 4.14
N ILE C 344 -9.47 -48.92 4.75
CA ILE C 344 -9.48 -50.37 5.12
C ILE C 344 -10.43 -51.11 4.17
N SER C 345 -11.68 -50.65 4.09
CA SER C 345 -12.76 -51.24 3.25
C SER C 345 -13.71 -50.14 2.76
N GLY C 346 -14.48 -50.42 1.71
CA GLY C 346 -15.49 -49.50 1.12
C GLY C 346 -14.88 -48.61 0.06
N ARG C 347 -15.72 -48.01 -0.78
CA ARG C 347 -15.31 -47.08 -1.87
C ARG C 347 -16.42 -46.04 -2.08
N GLY C 348 -16.09 -44.75 -1.86
CA GLY C 348 -17.03 -43.62 -1.94
C GLY C 348 -16.93 -42.87 -3.25
N PHE C 349 -17.97 -42.09 -3.58
CA PHE C 349 -18.12 -41.34 -4.85
C PHE C 349 -18.56 -39.90 -4.53
N LYS C 350 -17.80 -38.90 -5.01
CA LYS C 350 -18.02 -37.46 -4.72
C LYS C 350 -19.18 -36.93 -5.57
N ASN C 351 -20.09 -36.16 -4.95
CA ASN C 351 -21.26 -35.54 -5.63
C ASN C 351 -21.56 -34.18 -4.98
N ASP C 352 -21.59 -33.11 -5.79
CA ASP C 352 -21.86 -31.71 -5.32
C ASP C 352 -23.31 -31.60 -4.84
N GLU C 353 -23.51 -31.30 -3.55
CA GLU C 353 -24.84 -31.10 -2.92
C GLU C 353 -24.98 -29.65 -2.48
N GLU C 354 -26.22 -29.13 -2.45
CA GLU C 354 -26.59 -27.78 -1.92
C GLU C 354 -26.89 -27.91 -0.43
N ILE C 355 -25.86 -27.96 0.41
CA ILE C 355 -25.96 -28.21 1.88
C ILE C 355 -26.30 -26.90 2.59
N LEU C 356 -27.40 -26.88 3.34
CA LEU C 356 -27.83 -25.76 4.22
C LEU C 356 -27.13 -25.91 5.57
N ILE C 357 -26.77 -24.79 6.21
CA ILE C 357 -26.02 -24.77 7.51
C ILE C 357 -26.81 -23.98 8.56
N GLY C 358 -26.36 -24.03 9.81
CA GLY C 358 -27.10 -23.54 11.00
C GLY C 358 -27.35 -22.04 10.98
N ASN C 359 -26.36 -21.24 10.57
CA ASN C 359 -26.42 -19.74 10.60
C ASN C 359 -27.49 -19.25 9.61
N GLY C 360 -27.70 -19.97 8.50
CA GLY C 360 -28.80 -19.72 7.55
C GLY C 360 -28.29 -19.31 6.17
N THR C 361 -27.52 -20.18 5.52
CA THR C 361 -27.00 -20.00 4.14
C THR C 361 -26.87 -21.37 3.46
N ILE C 362 -26.64 -21.39 2.15
CA ILE C 362 -26.49 -22.63 1.31
C ILE C 362 -25.11 -22.58 0.65
N GLN C 363 -24.42 -23.73 0.59
CA GLN C 363 -23.02 -23.85 0.06
C GLN C 363 -22.87 -25.15 -0.74
N LYS C 364 -22.32 -25.06 -1.95
CA LYS C 364 -21.97 -26.22 -2.82
C LYS C 364 -20.80 -26.98 -2.18
N ILE C 365 -21.06 -28.19 -1.67
CA ILE C 365 -20.04 -29.09 -1.04
C ILE C 365 -20.10 -30.45 -1.74
N GLY C 366 -18.93 -31.01 -2.06
CA GLY C 366 -18.79 -32.35 -2.66
C GLY C 366 -18.94 -33.45 -1.62
N ILE C 367 -20.15 -33.98 -1.48
CA ILE C 367 -20.52 -35.00 -0.46
C ILE C 367 -20.08 -36.38 -0.96
N TRP C 368 -19.69 -37.27 -0.04
CA TRP C 368 -19.19 -38.64 -0.32
C TRP C 368 -20.27 -39.67 0.06
N ASP C 369 -20.57 -40.60 -0.86
CA ASP C 369 -21.64 -41.62 -0.73
C ASP C 369 -21.04 -42.96 -0.31
N GLY C 370 -21.89 -43.95 0.01
CA GLY C 370 -21.50 -45.33 0.33
C GLY C 370 -20.96 -45.46 1.76
N GLU C 371 -20.89 -46.69 2.26
CA GLU C 371 -20.34 -47.04 3.60
C GLU C 371 -18.85 -47.38 3.45
N GLU C 372 -18.02 -46.86 4.36
CA GLU C 372 -16.54 -46.99 4.32
C GLU C 372 -15.97 -47.13 5.74
N GLU C 373 -14.73 -47.62 5.85
CA GLU C 373 -13.96 -47.73 7.11
C GLU C 373 -12.57 -47.13 6.89
N PHE C 374 -12.05 -46.38 7.87
CA PHE C 374 -10.72 -45.70 7.81
C PHE C 374 -9.98 -45.88 9.14
N HIS C 375 -8.64 -45.93 9.08
CA HIS C 375 -7.73 -46.01 10.26
C HIS C 375 -7.22 -44.60 10.60
N VAL C 376 -7.94 -43.88 11.47
CA VAL C 376 -7.69 -42.45 11.80
C VAL C 376 -6.46 -42.32 12.72
N ARG C 377 -5.91 -41.11 12.81
CA ARG C 377 -4.73 -40.75 13.63
C ARG C 377 -4.71 -39.24 13.86
N CYS C 378 -4.22 -38.79 15.02
CA CYS C 378 -4.12 -37.36 15.41
C CYS C 378 -3.09 -37.19 16.55
N GLY C 379 -1.81 -37.09 16.18
CA GLY C 379 -0.68 -36.88 17.12
C GLY C 379 -0.22 -38.18 17.77
N GLU C 380 -0.54 -38.36 19.06
CA GLU C 380 -0.19 -39.54 19.88
C GLU C 380 -1.32 -40.58 19.78
N CYS C 381 -2.56 -40.12 19.67
CA CYS C 381 -3.80 -40.96 19.67
C CYS C 381 -3.99 -41.62 18.29
N ARG C 382 -4.62 -42.80 18.27
CA ARG C 382 -5.00 -43.57 17.05
C ARG C 382 -6.45 -44.04 17.18
N GLY C 383 -7.00 -44.65 16.14
CA GLY C 383 -8.37 -45.22 16.14
C GLY C 383 -8.85 -45.66 14.77
N ILE C 384 -10.05 -46.25 14.72
CA ILE C 384 -10.75 -46.70 13.47
C ILE C 384 -12.12 -46.02 13.41
N LEU C 385 -12.53 -45.56 12.21
CA LEU C 385 -13.75 -44.76 11.96
C LEU C 385 -14.59 -45.44 10.86
N LYS C 386 -15.92 -45.40 11.02
CA LYS C 386 -16.92 -45.85 10.02
C LYS C 386 -17.97 -44.76 9.84
N LYS C 387 -18.47 -44.57 8.60
CA LYS C 387 -19.45 -43.51 8.25
C LYS C 387 -20.27 -43.94 7.02
N SER C 388 -21.39 -43.24 6.79
CA SER C 388 -22.27 -43.38 5.59
C SER C 388 -22.53 -41.97 5.01
N LYS C 389 -23.29 -41.90 3.91
CA LYS C 389 -23.61 -40.63 3.20
C LYS C 389 -24.25 -39.65 4.20
N MET C 390 -23.46 -38.66 4.65
CA MET C 390 -23.89 -37.56 5.57
C MET C 390 -24.38 -38.15 6.90
N LYS C 391 -23.56 -39.00 7.53
CA LYS C 391 -23.80 -39.53 8.90
C LYS C 391 -22.56 -40.27 9.41
N LEU C 392 -22.24 -40.09 10.69
CA LEU C 392 -21.23 -40.88 11.46
C LEU C 392 -21.97 -42.03 12.15
N GLU C 393 -21.40 -43.24 12.10
CA GLU C 393 -22.02 -44.49 12.63
C GLU C 393 -21.20 -45.00 13.83
N LYS C 394 -19.92 -45.34 13.61
CA LYS C 394 -19.02 -45.94 14.64
C LYS C 394 -17.67 -45.22 14.62
N LEU C 395 -17.09 -44.99 15.81
CA LEU C 395 -15.76 -44.34 16.02
C LEU C 395 -15.05 -45.00 17.21
N LEU C 396 -14.12 -45.92 16.93
CA LEU C 396 -13.23 -46.55 17.94
C LEU C 396 -11.94 -45.73 18.04
N ILE C 397 -11.46 -45.45 19.26
CA ILE C 397 -10.22 -44.66 19.52
C ILE C 397 -9.53 -45.19 20.79
N ASN C 398 -8.22 -44.97 20.90
CA ASN C 398 -7.37 -45.37 22.06
C ASN C 398 -7.27 -44.19 23.04
N SER C 399 -6.62 -44.40 24.19
CA SER C 399 -6.38 -43.37 25.24
C SER C 399 -4.95 -42.83 25.11
N ALA C 400 -4.81 -41.51 25.03
CA ALA C 400 -3.52 -40.78 24.95
C ALA C 400 -3.65 -39.44 25.69
N LYS C 401 -3.28 -38.32 25.05
CA LYS C 401 -3.47 -36.94 25.61
C LYS C 401 -4.97 -36.60 25.56
N LYS C 402 -5.40 -35.67 26.43
CA LYS C 402 -6.82 -35.20 26.53
C LYS C 402 -7.17 -34.34 25.30
N GLU C 403 -6.22 -33.52 24.83
CA GLU C 403 -6.43 -32.57 23.70
C GLU C 403 -6.35 -33.31 22.36
N ASP C 404 -5.49 -34.33 22.25
CA ASP C 404 -5.31 -35.15 21.02
C ASP C 404 -6.59 -35.97 20.78
N MET C 405 -7.17 -36.54 21.84
CA MET C 405 -8.45 -37.28 21.82
C MET C 405 -9.60 -36.29 21.55
N ARG C 406 -9.51 -35.08 22.11
CA ARG C 406 -10.52 -33.99 21.95
C ARG C 406 -10.56 -33.54 20.49
N ASP C 407 -9.39 -33.34 19.86
CA ASP C 407 -9.26 -32.83 18.46
C ASP C 407 -9.65 -33.94 17.46
N LEU C 408 -9.31 -35.20 17.76
CA LEU C 408 -9.56 -36.38 16.88
C LEU C 408 -11.07 -36.57 16.68
N ILE C 409 -11.87 -36.38 17.74
CA ILE C 409 -13.36 -36.54 17.73
C ILE C 409 -13.97 -35.45 16.86
N ILE C 410 -13.47 -34.21 16.97
CA ILE C 410 -13.95 -33.02 16.20
C ILE C 410 -13.70 -33.25 14.70
N LEU C 411 -12.48 -33.66 14.34
CA LEU C 411 -12.04 -33.88 12.94
C LEU C 411 -12.91 -34.95 12.27
N CYS C 412 -13.14 -36.08 12.96
CA CYS C 412 -13.91 -37.24 12.47
C CYS C 412 -15.39 -36.87 12.24
N MET C 413 -15.95 -36.02 13.11
CA MET C 413 -17.34 -35.51 13.01
C MET C 413 -17.49 -34.62 11.77
N VAL C 414 -16.52 -33.74 11.53
CA VAL C 414 -16.48 -32.81 10.35
C VAL C 414 -16.26 -33.65 9.08
N PHE C 415 -15.34 -34.62 9.15
CA PHE C 415 -15.01 -35.56 8.03
C PHE C 415 -16.25 -36.33 7.60
N SER C 416 -17.05 -36.80 8.56
CA SER C 416 -18.28 -37.62 8.34
C SER C 416 -19.33 -36.83 7.54
N GLN C 417 -19.32 -35.49 7.64
CA GLN C 417 -20.26 -34.57 6.94
C GLN C 417 -21.69 -34.84 7.42
N ASP C 418 -21.85 -35.14 8.72
CA ASP C 418 -23.15 -35.43 9.38
C ASP C 418 -23.99 -34.14 9.39
N THR C 419 -25.30 -34.26 9.11
CA THR C 419 -26.26 -33.11 9.04
C THR C 419 -26.36 -32.42 10.40
N ARG C 420 -25.98 -33.11 11.49
CA ARG C 420 -25.91 -32.56 12.87
C ARG C 420 -24.68 -31.64 13.01
N MET C 421 -23.63 -31.88 12.21
CA MET C 421 -22.37 -31.07 12.22
C MET C 421 -22.63 -29.70 11.60
N PHE C 422 -23.30 -29.66 10.44
CA PHE C 422 -23.63 -28.44 9.66
C PHE C 422 -24.66 -27.58 10.41
N GLN C 423 -25.55 -28.23 11.18
CA GLN C 423 -26.57 -27.56 12.04
C GLN C 423 -25.86 -26.84 13.20
N GLY C 424 -24.68 -27.32 13.61
CA GLY C 424 -23.88 -26.74 14.71
C GLY C 424 -23.20 -25.44 14.32
N VAL C 425 -23.08 -25.15 13.02
CA VAL C 425 -22.46 -23.90 12.47
C VAL C 425 -23.38 -22.72 12.82
N ARG C 426 -23.14 -22.09 13.98
CA ARG C 426 -23.91 -20.91 14.47
C ARG C 426 -22.91 -19.81 14.85
N GLY C 427 -22.49 -19.03 13.86
CA GLY C 427 -21.54 -17.90 14.00
C GLY C 427 -21.34 -17.20 12.67
N GLU C 428 -20.08 -17.04 12.24
CA GLU C 428 -19.71 -16.48 10.92
C GLU C 428 -18.57 -17.31 10.32
N ILE C 429 -18.75 -17.79 9.08
CA ILE C 429 -17.74 -18.58 8.31
C ILE C 429 -17.62 -17.97 6.91
N ASN C 430 -16.39 -17.83 6.42
CA ASN C 430 -16.05 -17.25 5.08
C ASN C 430 -15.68 -18.40 4.12
N PHE C 431 -16.59 -18.74 3.21
CA PHE C 431 -16.37 -19.72 2.10
C PHE C 431 -15.76 -18.97 0.90
N LEU C 432 -16.11 -17.68 0.75
CA LEU C 432 -15.54 -16.76 -0.27
C LEU C 432 -14.41 -15.95 0.36
N ASN C 433 -13.39 -15.61 -0.44
CA ASN C 433 -12.18 -14.85 -0.02
C ASN C 433 -12.49 -13.35 -0.06
N ARG C 434 -11.57 -12.52 0.45
CA ARG C 434 -11.64 -11.03 0.43
C ARG C 434 -11.60 -10.53 -1.02
N ALA C 435 -10.90 -11.26 -1.89
CA ALA C 435 -10.71 -10.94 -3.33
C ALA C 435 -11.68 -11.76 -4.21
N GLY C 436 -12.82 -12.17 -3.65
CA GLY C 436 -13.90 -12.87 -4.38
C GLY C 436 -13.49 -14.26 -4.86
N GLN C 437 -12.41 -14.82 -4.31
CA GLN C 437 -11.90 -16.18 -4.63
C GLN C 437 -12.70 -17.22 -3.83
N LEU C 438 -12.48 -18.51 -4.11
CA LEU C 438 -13.15 -19.65 -3.43
C LEU C 438 -12.20 -20.25 -2.38
N LEU C 439 -12.73 -20.55 -1.19
CA LEU C 439 -11.99 -21.23 -0.09
C LEU C 439 -12.65 -22.60 0.17
N SER C 440 -11.84 -23.66 0.32
CA SER C 440 -12.27 -25.07 0.43
C SER C 440 -13.32 -25.22 1.54
N PRO C 441 -14.62 -25.41 1.21
CA PRO C 441 -15.69 -25.42 2.20
C PRO C 441 -15.49 -26.40 3.37
N MET C 442 -14.87 -27.56 3.12
CA MET C 442 -14.62 -28.61 4.13
C MET C 442 -13.46 -28.19 5.05
N TYR C 443 -12.40 -27.64 4.47
CA TYR C 443 -11.17 -27.18 5.19
C TYR C 443 -11.44 -25.89 5.98
N GLN C 444 -12.54 -25.19 5.67
CA GLN C 444 -13.00 -23.99 6.43
C GLN C 444 -13.78 -24.44 7.68
N LEU C 445 -14.68 -25.42 7.53
CA LEU C 445 -15.52 -25.98 8.63
C LEU C 445 -14.64 -26.70 9.65
N GLN C 446 -13.53 -27.31 9.21
CA GLN C 446 -12.54 -27.99 10.10
C GLN C 446 -11.90 -26.97 11.03
N ARG C 447 -11.56 -25.78 10.51
CA ARG C 447 -10.88 -24.69 11.25
C ARG C 447 -11.84 -24.07 12.27
N TYR C 448 -13.13 -23.94 11.92
CA TYR C 448 -14.20 -23.32 12.74
C TYR C 448 -14.40 -24.11 14.05
N PHE C 449 -14.62 -25.42 13.95
CA PHE C 449 -15.03 -26.30 15.07
C PHE C 449 -13.82 -26.75 15.89
N LEU C 450 -12.60 -26.49 15.43
CA LEU C 450 -11.35 -26.83 16.17
C LEU C 450 -11.19 -25.89 17.37
N ASN C 451 -11.47 -24.59 17.17
CA ASN C 451 -11.40 -23.54 18.23
C ASN C 451 -12.71 -23.52 19.01
N ARG C 452 -13.84 -23.27 18.34
CA ARG C 452 -15.20 -23.22 18.95
C ARG C 452 -15.84 -24.61 18.84
N SER C 453 -15.62 -25.47 19.84
CA SER C 453 -16.07 -26.89 19.88
C SER C 453 -17.28 -27.08 20.79
N ASN C 454 -17.70 -26.05 21.53
CA ASN C 454 -18.80 -26.12 22.53
C ASN C 454 -20.13 -26.36 21.81
N ASP C 455 -20.34 -25.75 20.64
CA ASP C 455 -21.56 -25.91 19.81
C ASP C 455 -21.62 -27.33 19.24
N LEU C 456 -20.48 -27.84 18.75
CA LEU C 456 -20.36 -29.15 18.04
C LEU C 456 -20.93 -30.28 18.90
N PHE C 457 -20.49 -30.38 20.16
CA PHE C 457 -20.87 -31.45 21.12
C PHE C 457 -22.36 -31.31 21.49
N ASP C 458 -22.77 -30.10 21.92
CA ASP C 458 -24.15 -29.75 22.33
C ASP C 458 -25.13 -30.06 21.19
N GLN C 459 -24.79 -29.68 19.95
CA GLN C 459 -25.69 -29.78 18.76
C GLN C 459 -25.73 -31.21 18.23
N TRP C 460 -24.79 -32.08 18.64
CA TRP C 460 -24.68 -33.48 18.15
C TRP C 460 -25.74 -34.35 18.83
N GLY C 461 -25.60 -34.62 20.14
CA GLY C 461 -26.48 -35.51 20.92
C GLY C 461 -25.68 -36.36 21.90
N TYR C 462 -26.38 -37.14 22.72
CA TYR C 462 -25.79 -38.00 23.80
C TYR C 462 -26.65 -39.25 24.03
N GLU C 463 -26.05 -40.27 24.65
CA GLU C 463 -26.70 -41.56 25.02
C GLU C 463 -25.81 -42.29 26.03
N GLU C 464 -26.22 -43.48 26.46
CA GLU C 464 -25.51 -44.31 27.47
C GLU C 464 -24.21 -44.87 26.87
N SER C 465 -23.21 -45.12 27.72
CA SER C 465 -21.87 -45.66 27.36
C SER C 465 -21.98 -47.14 26.98
N PRO C 466 -21.00 -47.69 26.24
CA PRO C 466 -20.98 -49.13 25.93
C PRO C 466 -20.62 -49.96 27.18
N LYS C 467 -21.19 -51.18 27.26
CA LYS C 467 -21.03 -52.12 28.41
C LYS C 467 -20.45 -53.44 27.89
N ALA C 468 -19.14 -53.47 27.64
CA ALA C 468 -18.37 -54.65 27.18
C ALA C 468 -17.16 -54.85 28.10
N SER C 469 -16.17 -55.62 27.66
CA SER C 469 -14.95 -55.99 28.44
C SER C 469 -14.05 -54.76 28.61
N GLU C 470 -13.61 -54.15 27.50
CA GLU C 470 -12.62 -53.02 27.50
C GLU C 470 -13.23 -51.74 26.89
N LEU C 471 -14.54 -51.74 26.62
CA LEU C 471 -15.25 -50.59 25.97
C LEU C 471 -15.95 -49.74 27.06
N HIS C 472 -15.47 -48.51 27.26
CA HIS C 472 -16.02 -47.52 28.24
C HIS C 472 -15.92 -46.12 27.65
N GLY C 473 -17.05 -45.42 27.50
CA GLY C 473 -17.18 -44.14 26.78
C GLY C 473 -16.66 -42.96 27.58
N ILE C 474 -16.64 -41.77 26.96
CA ILE C 474 -16.17 -40.48 27.57
C ILE C 474 -17.14 -39.35 27.16
N ASN C 475 -17.32 -38.36 28.03
CA ASN C 475 -18.28 -37.24 27.85
C ASN C 475 -17.55 -36.02 27.29
N GLU C 476 -18.17 -34.83 27.35
CA GLU C 476 -17.65 -33.55 26.79
C GLU C 476 -16.31 -33.19 27.44
N SER C 477 -16.18 -33.40 28.76
CA SER C 477 -15.00 -33.01 29.59
C SER C 477 -13.80 -33.91 29.29
N MET C 478 -14.00 -35.00 28.53
CA MET C 478 -12.94 -35.97 28.12
C MET C 478 -12.49 -36.77 29.35
N ASN C 479 -13.46 -37.36 30.07
CA ASN C 479 -13.24 -38.23 31.26
C ASN C 479 -14.19 -39.44 31.16
N ALA C 480 -13.72 -40.62 31.60
CA ALA C 480 -14.47 -41.90 31.58
C ALA C 480 -15.82 -41.72 32.31
N SER C 481 -16.87 -41.35 31.57
CA SER C 481 -18.22 -40.98 32.08
C SER C 481 -19.28 -41.95 31.54
N ASP C 482 -20.53 -41.79 31.97
CA ASP C 482 -21.69 -42.65 31.62
C ASP C 482 -22.32 -42.15 30.32
N TYR C 483 -22.58 -40.84 30.21
CA TYR C 483 -23.19 -40.17 29.03
C TYR C 483 -22.09 -39.83 28.03
N THR C 484 -21.87 -40.70 27.05
CA THR C 484 -20.87 -40.55 25.94
C THR C 484 -21.58 -39.96 24.71
N LEU C 485 -20.79 -39.40 23.78
CA LEU C 485 -21.28 -38.81 22.50
C LEU C 485 -21.91 -39.91 21.64
N LYS C 486 -22.97 -39.57 20.90
CA LYS C 486 -23.84 -40.52 20.15
C LYS C 486 -23.02 -41.19 19.04
N GLY C 487 -22.53 -42.41 19.32
CA GLY C 487 -21.76 -43.24 18.37
C GLY C 487 -20.26 -43.07 18.52
N VAL C 488 -19.77 -43.01 19.76
CA VAL C 488 -18.32 -42.87 20.11
C VAL C 488 -17.98 -43.89 21.19
N VAL C 489 -16.88 -44.65 21.01
CA VAL C 489 -16.41 -45.73 21.92
C VAL C 489 -14.89 -45.61 22.08
N VAL C 490 -14.38 -45.95 23.28
CA VAL C 490 -12.92 -45.95 23.62
C VAL C 490 -12.53 -47.37 24.06
N THR C 491 -11.38 -47.86 23.57
CA THR C 491 -10.86 -49.24 23.83
C THR C 491 -9.41 -49.15 24.35
N ARG C 492 -8.85 -50.29 24.77
CA ARG C 492 -7.53 -50.39 25.47
C ARG C 492 -6.44 -50.95 24.55
N ASN C 493 -6.78 -51.25 23.29
CA ASN C 493 -5.86 -51.90 22.30
C ASN C 493 -5.99 -51.20 20.93
N VAL C 494 -4.91 -51.22 20.15
CA VAL C 494 -4.80 -50.49 18.85
C VAL C 494 -5.59 -51.26 17.79
N LYS C 505 -1.38 -56.25 -3.21
CA LYS C 505 -0.76 -55.84 -4.51
C LYS C 505 -1.88 -55.58 -5.53
N VAL C 506 -1.60 -54.70 -6.51
CA VAL C 506 -2.58 -54.19 -7.51
C VAL C 506 -1.89 -54.10 -8.87
N SER C 507 -2.67 -54.06 -9.96
CA SER C 507 -2.21 -53.79 -11.35
C SER C 507 -3.08 -52.69 -11.97
N ILE C 508 -2.52 -51.95 -12.94
CA ILE C 508 -3.12 -50.73 -13.54
C ILE C 508 -3.52 -51.03 -15.00
N THR C 509 -4.64 -50.43 -15.43
CA THR C 509 -5.22 -50.60 -16.79
C THR C 509 -4.56 -49.63 -17.78
N LYS C 510 -4.95 -49.72 -19.06
CA LYS C 510 -4.53 -48.83 -20.16
C LYS C 510 -5.03 -47.40 -19.87
N ASN C 511 -6.30 -47.27 -19.45
CA ASN C 511 -7.00 -45.97 -19.22
C ASN C 511 -6.85 -45.55 -17.75
N LEU C 512 -5.73 -45.89 -17.11
CA LEU C 512 -5.34 -45.42 -15.74
C LEU C 512 -6.44 -45.75 -14.73
N SER C 513 -6.55 -47.03 -14.36
CA SER C 513 -7.44 -47.54 -13.29
C SER C 513 -6.74 -48.69 -12.56
N LEU C 514 -6.81 -48.69 -11.22
CA LEU C 514 -6.14 -49.69 -10.34
C LEU C 514 -7.12 -50.83 -10.05
N ILE C 515 -6.80 -52.04 -10.52
CA ILE C 515 -7.68 -53.24 -10.44
C ILE C 515 -7.02 -54.31 -9.56
N LYS C 516 -7.79 -54.92 -8.65
CA LYS C 516 -7.35 -56.07 -7.81
C LYS C 516 -7.27 -57.33 -8.67
N ARG C 517 -6.93 -58.47 -8.07
CA ARG C 517 -6.86 -59.79 -8.74
C ARG C 517 -8.29 -60.29 -9.06
N THR C 518 -9.29 -59.80 -8.32
CA THR C 518 -10.71 -60.23 -8.42
C THR C 518 -11.45 -59.41 -9.50
N GLY C 519 -10.77 -58.46 -10.14
CA GLY C 519 -11.37 -57.55 -11.14
C GLY C 519 -12.10 -56.39 -10.50
N GLU C 520 -11.83 -56.14 -9.21
CA GLU C 520 -12.41 -55.04 -8.40
C GLU C 520 -11.53 -53.79 -8.59
N VAL C 521 -12.11 -52.70 -9.15
CA VAL C 521 -11.42 -51.39 -9.33
C VAL C 521 -11.50 -50.62 -8.00
N ILE C 522 -10.36 -50.05 -7.56
CA ILE C 522 -10.25 -49.27 -6.30
C ILE C 522 -10.01 -47.78 -6.63
N MET C 523 -9.42 -47.46 -7.79
CA MET C 523 -9.12 -46.07 -8.22
C MET C 523 -9.19 -45.98 -9.75
N GLY C 524 -9.56 -44.80 -10.26
CA GLY C 524 -9.66 -44.47 -11.69
C GLY C 524 -9.27 -43.03 -11.96
N ALA C 525 -9.28 -42.62 -13.23
CA ALA C 525 -8.90 -41.26 -13.69
C ALA C 525 -10.01 -40.24 -13.35
N ASN C 526 -11.23 -40.72 -13.10
CA ASN C 526 -12.41 -39.88 -12.73
C ASN C 526 -12.53 -39.79 -11.20
N ASP C 527 -11.53 -40.29 -10.47
CA ASP C 527 -11.49 -40.28 -8.98
C ASP C 527 -10.54 -39.18 -8.48
N VAL C 528 -9.63 -38.68 -9.34
CA VAL C 528 -8.66 -37.59 -9.01
C VAL C 528 -9.41 -36.24 -9.00
N SER C 529 -8.88 -35.27 -8.25
CA SER C 529 -9.48 -33.92 -8.02
C SER C 529 -9.41 -33.09 -9.30
N GLU C 530 -10.48 -32.36 -9.62
CA GLU C 530 -10.56 -31.43 -10.77
C GLU C 530 -10.02 -30.05 -10.37
N LEU C 531 -9.54 -29.91 -9.13
CA LEU C 531 -8.89 -28.67 -8.60
C LEU C 531 -7.54 -28.47 -9.29
N GLU C 532 -7.37 -27.32 -9.97
CA GLU C 532 -6.09 -26.84 -10.53
C GLU C 532 -5.52 -25.79 -9.57
N SER C 533 -4.45 -26.13 -8.84
CA SER C 533 -3.84 -25.29 -7.78
C SER C 533 -2.32 -25.21 -7.97
N GLN C 534 -1.71 -24.14 -7.46
CA GLN C 534 -0.25 -23.84 -7.58
C GLN C 534 0.55 -24.85 -6.74
N ALA C 535 1.77 -25.16 -7.17
CA ALA C 535 2.75 -25.98 -6.42
C ALA C 535 3.44 -25.10 -5.38
N GLN C 536 4.06 -25.71 -4.36
CA GLN C 536 4.89 -25.01 -3.34
C GLN C 536 6.33 -24.95 -3.82
N LEU C 537 6.87 -26.08 -4.28
CA LEU C 537 8.20 -26.20 -4.92
C LEU C 537 8.03 -26.11 -6.45
N MET C 538 9.14 -26.18 -7.19
CA MET C 538 9.17 -25.94 -8.67
C MET C 538 9.17 -27.27 -9.41
N ILE C 539 8.13 -27.54 -10.20
CA ILE C 539 7.95 -28.78 -11.00
C ILE C 539 8.57 -28.57 -12.39
N THR C 540 9.67 -29.29 -12.68
CA THR C 540 10.42 -29.21 -13.97
C THR C 540 10.31 -30.56 -14.70
N TYR C 541 9.77 -30.55 -15.92
CA TYR C 541 9.62 -31.74 -16.80
C TYR C 541 10.81 -31.81 -17.76
N ASP C 542 11.70 -32.79 -17.56
CA ASP C 542 12.94 -32.98 -18.35
C ASP C 542 12.60 -33.71 -19.67
N THR C 543 11.69 -33.15 -20.46
CA THR C 543 11.14 -33.72 -21.71
C THR C 543 10.95 -32.59 -22.72
N PRO C 544 11.34 -32.78 -24.01
CA PRO C 544 11.22 -31.71 -25.01
C PRO C 544 9.76 -31.26 -25.20
N LYS C 545 8.80 -32.18 -25.04
CA LYS C 545 7.35 -31.85 -24.95
C LYS C 545 6.99 -31.66 -23.47
N MET C 546 7.36 -30.50 -22.92
CA MET C 546 7.03 -30.07 -21.53
C MET C 546 5.91 -29.02 -21.57
N TRP C 547 5.83 -28.26 -22.67
CA TRP C 547 4.80 -27.21 -22.94
C TRP C 547 3.39 -27.79 -22.82
N GLU C 548 3.24 -29.11 -22.96
CA GLU C 548 1.94 -29.84 -22.97
C GLU C 548 1.32 -29.86 -21.56
N MET C 549 2.15 -29.81 -20.52
CA MET C 549 1.70 -29.80 -19.09
C MET C 549 1.28 -28.39 -18.66
N GLY C 550 1.45 -27.38 -19.53
CA GLY C 550 1.17 -25.97 -19.24
C GLY C 550 -0.30 -25.71 -18.94
N THR C 551 -0.63 -24.48 -18.56
CA THR C 551 -1.99 -24.01 -18.20
C THR C 551 -2.79 -23.70 -19.47
N THR C 552 -4.08 -23.38 -19.32
CA THR C 552 -5.01 -23.07 -20.44
C THR C 552 -4.40 -22.01 -21.36
N LYS C 553 -4.18 -20.80 -20.86
CA LYS C 553 -3.69 -19.63 -21.67
C LYS C 553 -2.29 -19.91 -22.22
N GLU C 554 -1.49 -20.72 -21.52
CA GLU C 554 -0.14 -21.16 -21.98
C GLU C 554 -0.30 -22.08 -23.20
N LEU C 555 -1.14 -23.11 -23.09
CA LEU C 555 -1.38 -24.12 -24.15
C LEU C 555 -2.07 -23.48 -25.36
N VAL C 556 -3.11 -22.67 -25.11
CA VAL C 556 -3.89 -21.93 -26.15
C VAL C 556 -2.91 -21.14 -27.01
N GLN C 557 -2.02 -20.37 -26.38
CA GLN C 557 -1.03 -19.49 -27.07
C GLN C 557 0.00 -20.36 -27.79
N ASN C 558 0.66 -21.28 -27.08
CA ASN C 558 1.74 -22.16 -27.61
C ASN C 558 1.22 -22.95 -28.83
N THR C 559 -0.04 -23.44 -28.78
CA THR C 559 -0.67 -24.26 -29.85
C THR C 559 -0.82 -23.41 -31.12
N TYR C 560 -1.54 -22.29 -31.03
CA TYR C 560 -1.78 -21.34 -32.16
C TYR C 560 -0.46 -20.88 -32.77
N GLN C 561 0.62 -20.81 -31.98
CA GLN C 561 1.98 -20.47 -32.48
C GLN C 561 2.48 -21.58 -33.41
N TRP C 562 2.21 -22.84 -33.08
CA TRP C 562 2.60 -24.03 -33.90
C TRP C 562 1.84 -24.01 -35.23
N VAL C 563 0.57 -23.60 -35.22
CA VAL C 563 -0.27 -23.44 -36.45
C VAL C 563 0.43 -22.43 -37.37
N LEU C 564 0.77 -21.26 -36.85
CA LEU C 564 1.43 -20.13 -37.59
C LEU C 564 2.84 -20.55 -38.03
N LYS C 565 3.52 -21.37 -37.21
CA LYS C 565 4.92 -21.82 -37.46
C LYS C 565 4.95 -22.75 -38.69
N ASN C 566 3.84 -23.42 -39.01
CA ASN C 566 3.72 -24.38 -40.15
C ASN C 566 2.47 -24.07 -40.98
N LEU C 567 2.01 -22.81 -40.99
CA LEU C 567 0.76 -22.37 -41.69
C LEU C 567 0.92 -22.59 -43.21
N VAL C 568 2.14 -22.46 -43.74
CA VAL C 568 2.49 -22.62 -45.18
C VAL C 568 2.10 -24.04 -45.62
N THR C 569 2.74 -25.05 -45.02
CA THR C 569 2.60 -26.49 -45.37
C THR C 569 1.19 -26.99 -44.99
N LEU C 570 0.65 -26.56 -43.85
CA LEU C 570 -0.70 -26.98 -43.35
C LEU C 570 -1.78 -26.53 -44.33
N LYS C 571 -1.84 -25.22 -44.61
CA LYS C 571 -2.86 -24.60 -45.51
C LYS C 571 -2.77 -25.22 -46.90
N ALA C 572 -1.57 -25.53 -47.37
CA ALA C 572 -1.29 -26.09 -48.72
C ALA C 572 -1.93 -27.47 -48.85
N GLN C 573 -1.48 -28.45 -48.05
CA GLN C 573 -1.89 -29.88 -48.14
C GLN C 573 -3.39 -30.02 -47.89
N PHE C 574 -3.98 -29.14 -47.07
CA PHE C 574 -5.44 -29.11 -46.79
C PHE C 574 -6.19 -28.70 -48.05
N LEU C 575 -5.73 -27.64 -48.73
CA LEU C 575 -6.37 -27.08 -49.96
C LEU C 575 -6.27 -28.10 -51.11
N LEU C 576 -5.22 -28.93 -51.12
CA LEU C 576 -5.06 -30.06 -52.08
C LEU C 576 -6.15 -31.10 -51.81
N GLY C 577 -6.34 -31.47 -50.54
CA GLY C 577 -7.39 -32.40 -50.09
C GLY C 577 -7.05 -33.07 -48.77
N LYS C 578 -5.80 -33.54 -48.63
CA LYS C 578 -5.34 -34.38 -47.49
C LYS C 578 -5.77 -33.75 -46.15
N GLU C 579 -6.53 -34.48 -45.34
CA GLU C 579 -7.05 -34.05 -44.02
C GLU C 579 -6.30 -34.78 -42.90
N ASP C 580 -4.98 -34.91 -43.04
CA ASP C 580 -4.10 -35.68 -42.11
C ASP C 580 -3.63 -34.77 -40.96
N MET C 581 -3.81 -33.45 -41.08
CA MET C 581 -3.36 -32.45 -40.06
C MET C 581 -4.40 -32.41 -38.93
N PHE C 582 -5.68 -32.51 -39.27
CA PHE C 582 -6.83 -32.59 -38.32
C PHE C 582 -6.38 -33.35 -37.06
N GLN C 583 -5.78 -34.54 -37.26
CA GLN C 583 -5.24 -35.40 -36.18
C GLN C 583 -3.70 -35.34 -36.21
N TRP C 584 -3.15 -34.28 -35.60
CA TRP C 584 -1.69 -33.98 -35.53
C TRP C 584 -1.27 -33.83 -34.07
N ASP C 585 -0.11 -34.40 -33.70
CA ASP C 585 0.44 -34.45 -32.32
C ASP C 585 0.14 -33.16 -31.57
N ALA C 586 0.47 -32.00 -32.17
CA ALA C 586 0.37 -30.64 -31.59
C ALA C 586 -0.96 -30.45 -30.88
N PHE C 587 -2.07 -30.76 -31.55
CA PHE C 587 -3.45 -30.40 -31.12
C PHE C 587 -3.98 -31.34 -30.03
N GLU C 588 -3.17 -32.32 -29.59
CA GLU C 588 -3.55 -33.30 -28.54
C GLU C 588 -3.56 -32.61 -27.17
N ALA C 589 -2.48 -31.89 -26.84
CA ALA C 589 -2.32 -31.10 -25.61
C ALA C 589 -3.45 -30.06 -25.50
N PHE C 590 -3.80 -29.42 -26.61
CA PHE C 590 -4.87 -28.40 -26.71
C PHE C 590 -6.22 -29.01 -26.30
N GLU C 591 -6.45 -30.30 -26.60
CA GLU C 591 -7.73 -31.00 -26.32
C GLU C 591 -7.91 -31.13 -24.79
N SER C 592 -6.83 -31.36 -24.05
CA SER C 592 -6.83 -31.65 -22.59
C SER C 592 -7.22 -30.40 -21.77
N ILE C 593 -7.34 -29.23 -22.41
CA ILE C 593 -7.87 -27.98 -21.78
C ILE C 593 -9.22 -27.61 -22.42
N ILE C 594 -9.85 -28.55 -23.13
CA ILE C 594 -11.28 -28.45 -23.59
C ILE C 594 -12.13 -29.25 -22.60
N PRO C 595 -13.32 -28.77 -22.20
CA PRO C 595 -14.23 -29.57 -21.37
C PRO C 595 -14.57 -30.87 -22.12
N GLN C 596 -13.96 -31.98 -21.70
CA GLN C 596 -13.99 -33.30 -22.41
C GLN C 596 -15.41 -33.85 -22.39
N LYS C 597 -16.35 -33.11 -23.00
CA LYS C 597 -17.83 -33.35 -22.96
C LYS C 597 -18.48 -32.72 -24.19
N MET C 598 -17.95 -31.59 -24.67
CA MET C 598 -18.36 -30.94 -25.96
C MET C 598 -17.15 -30.86 -26.91
N ALA C 599 -16.07 -31.58 -26.60
CA ALA C 599 -14.80 -31.60 -27.38
C ALA C 599 -15.06 -32.14 -28.79
N GLY C 600 -15.83 -33.24 -28.89
CA GLY C 600 -16.23 -33.86 -30.16
C GLY C 600 -17.15 -32.96 -30.96
N GLN C 601 -18.10 -32.31 -30.29
CA GLN C 601 -19.10 -31.40 -30.92
C GLN C 601 -18.39 -30.21 -31.56
N TYR C 602 -17.37 -29.65 -30.87
CA TYR C 602 -16.52 -28.54 -31.38
C TYR C 602 -15.80 -29.00 -32.66
N SER C 603 -15.14 -30.15 -32.61
CA SER C 603 -14.48 -30.80 -33.78
C SER C 603 -15.51 -30.99 -34.92
N GLY C 604 -16.71 -31.48 -34.60
CA GLY C 604 -17.82 -31.62 -35.55
C GLY C 604 -18.09 -30.33 -36.29
N PHE C 605 -18.21 -29.21 -35.55
CA PHE C 605 -18.50 -27.85 -36.07
C PHE C 605 -17.31 -27.33 -36.90
N ALA C 606 -16.10 -27.42 -36.33
CA ALA C 606 -14.84 -26.88 -36.89
C ALA C 606 -14.48 -27.60 -38.20
N ARG C 607 -14.51 -28.94 -38.19
CA ARG C 607 -14.17 -29.80 -39.37
C ARG C 607 -15.12 -29.47 -40.52
N ALA C 608 -16.39 -29.15 -40.23
CA ALA C 608 -17.42 -28.79 -41.21
C ALA C 608 -17.14 -27.40 -41.81
N VAL C 609 -16.90 -26.40 -40.95
CA VAL C 609 -16.63 -24.98 -41.34
C VAL C 609 -15.30 -24.92 -42.11
N LEU C 610 -14.31 -25.74 -41.74
CA LEU C 610 -12.98 -25.82 -42.42
C LEU C 610 -13.15 -26.41 -43.81
N LYS C 611 -13.85 -27.53 -43.94
CA LYS C 611 -14.16 -28.19 -45.25
C LYS C 611 -14.97 -27.22 -46.12
N GLN C 612 -15.88 -26.45 -45.49
CA GLN C 612 -16.77 -25.48 -46.18
C GLN C 612 -15.98 -24.31 -46.74
N MET C 613 -14.71 -24.13 -46.35
CA MET C 613 -13.81 -23.04 -46.82
C MET C 613 -12.98 -23.51 -48.02
N ARG C 614 -12.48 -24.75 -48.00
CA ARG C 614 -11.56 -25.29 -49.05
C ARG C 614 -12.40 -25.83 -50.22
N ASP C 615 -13.62 -26.32 -49.96
CA ASP C 615 -14.53 -26.91 -50.98
C ASP C 615 -15.27 -25.78 -51.72
N GLN C 616 -15.91 -24.87 -50.97
CA GLN C 616 -16.72 -23.75 -51.51
C GLN C 616 -15.80 -22.69 -52.14
N GLU C 617 -14.55 -22.62 -51.70
CA GLU C 617 -13.50 -21.67 -52.16
C GLU C 617 -13.84 -20.25 -51.67
N VAL C 618 -14.42 -20.14 -50.47
CA VAL C 618 -14.58 -18.86 -49.70
C VAL C 618 -13.66 -18.96 -48.47
N MET C 619 -12.34 -18.95 -48.72
CA MET C 619 -11.28 -19.24 -47.71
C MET C 619 -11.01 -17.97 -46.88
N LYS C 620 -10.66 -18.14 -45.60
CA LYS C 620 -10.36 -17.05 -44.64
C LYS C 620 -9.27 -17.53 -43.67
N THR C 621 -8.00 -17.31 -44.01
CA THR C 621 -6.79 -17.89 -43.35
C THR C 621 -6.81 -17.64 -41.84
N ASP C 622 -7.33 -16.49 -41.39
CA ASP C 622 -7.44 -16.14 -39.95
C ASP C 622 -8.34 -17.17 -39.26
N GLN C 623 -9.47 -17.51 -39.87
CA GLN C 623 -10.51 -18.44 -39.32
C GLN C 623 -10.00 -19.87 -39.40
N PHE C 624 -9.24 -20.21 -40.45
CA PHE C 624 -8.53 -21.51 -40.60
C PHE C 624 -7.66 -21.74 -39.36
N ILE C 625 -6.80 -20.77 -39.04
CA ILE C 625 -5.83 -20.81 -37.90
C ILE C 625 -6.61 -20.95 -36.58
N LYS C 626 -7.76 -20.30 -36.49
CA LYS C 626 -8.59 -20.22 -35.26
C LYS C 626 -9.18 -21.59 -34.89
N LEU C 627 -9.61 -22.37 -35.88
CA LEU C 627 -10.47 -23.58 -35.70
C LEU C 627 -9.63 -24.88 -35.79
N LEU C 628 -8.54 -24.87 -36.55
CA LEU C 628 -7.74 -26.09 -36.89
C LEU C 628 -7.35 -26.86 -35.62
N PRO C 629 -6.99 -26.20 -34.49
CA PRO C 629 -6.70 -26.92 -33.25
C PRO C 629 -7.86 -27.72 -32.65
N PHE C 630 -9.11 -27.30 -32.91
CA PHE C 630 -10.35 -27.90 -32.34
C PHE C 630 -10.72 -29.20 -33.06
N CYS C 631 -10.02 -29.54 -34.15
CA CYS C 631 -10.35 -30.65 -35.09
C CYS C 631 -9.46 -31.89 -34.83
N PHE C 632 -9.03 -32.13 -33.60
CA PHE C 632 -8.27 -33.33 -33.18
C PHE C 632 -9.24 -34.36 -32.59
N SER C 633 -10.09 -33.93 -31.67
CA SER C 633 -11.16 -34.73 -31.02
C SER C 633 -12.00 -35.41 -32.10
N PRO C 634 -12.17 -36.75 -32.07
CA PRO C 634 -13.09 -37.43 -32.98
C PRO C 634 -14.48 -36.79 -32.95
N PRO C 635 -15.04 -36.38 -34.12
CA PRO C 635 -16.22 -35.52 -34.14
C PRO C 635 -17.51 -36.21 -33.67
N LYS C 636 -18.48 -35.43 -33.23
CA LYS C 636 -19.83 -35.90 -32.77
C LYS C 636 -20.90 -34.96 -33.33
N LEU C 637 -21.75 -35.47 -34.23
CA LEU C 637 -22.76 -34.69 -34.99
C LEU C 637 -24.13 -34.87 -34.30
N ARG C 638 -25.14 -34.12 -34.74
CA ARG C 638 -26.55 -34.22 -34.26
C ARG C 638 -27.19 -35.47 -34.88
N SER C 639 -28.41 -35.79 -34.44
CA SER C 639 -29.21 -36.98 -34.86
C SER C 639 -29.28 -37.07 -36.40
N ASN C 640 -29.51 -35.94 -37.07
CA ASN C 640 -29.86 -35.88 -38.52
C ASN C 640 -28.61 -35.60 -39.37
N GLY C 641 -27.42 -35.91 -38.87
CA GLY C 641 -26.15 -35.87 -39.65
C GLY C 641 -25.43 -34.53 -39.55
N GLU C 642 -26.18 -33.43 -39.43
CA GLU C 642 -25.62 -32.04 -39.33
C GLU C 642 -24.78 -31.91 -38.06
N PRO C 643 -23.67 -31.15 -38.08
CA PRO C 643 -22.89 -30.89 -36.87
C PRO C 643 -23.57 -29.85 -35.96
N TYR C 644 -23.12 -29.76 -34.71
CA TYR C 644 -23.57 -28.77 -33.70
C TYR C 644 -23.09 -27.37 -34.12
N GLN C 645 -23.87 -26.34 -33.83
CA GLN C 645 -23.57 -24.91 -34.13
C GLN C 645 -23.22 -24.19 -32.81
N PHE C 646 -22.34 -23.19 -32.87
CA PHE C 646 -21.80 -22.47 -31.68
C PHE C 646 -21.57 -20.99 -32.02
N LEU C 647 -21.70 -20.13 -30.99
CA LEU C 647 -21.32 -18.68 -31.02
C LEU C 647 -19.89 -18.53 -30.50
N LYS C 648 -19.53 -19.30 -29.46
CA LYS C 648 -18.17 -19.28 -28.84
C LYS C 648 -17.83 -20.66 -28.26
N LEU C 649 -16.54 -21.02 -28.28
CA LEU C 649 -16.01 -22.32 -27.80
C LEU C 649 -15.33 -22.10 -26.44
N VAL C 650 -15.90 -22.67 -25.37
CA VAL C 650 -15.47 -22.48 -23.95
C VAL C 650 -14.33 -23.48 -23.64
N LEU C 651 -13.42 -23.08 -22.74
CA LEU C 651 -12.24 -23.90 -22.30
C LEU C 651 -12.18 -23.95 -20.78
N LYS C 652 -11.25 -24.74 -20.23
CA LYS C 652 -11.12 -25.03 -18.78
C LYS C 652 -10.77 -23.76 -18.01
N GLY C 653 -11.60 -23.39 -17.02
CA GLY C 653 -11.29 -22.39 -15.97
C GLY C 653 -11.37 -20.96 -16.45
N GLY C 654 -12.03 -20.09 -15.68
CA GLY C 654 -12.12 -18.64 -15.93
C GLY C 654 -13.15 -18.31 -17.00
N GLY C 655 -13.88 -17.20 -16.81
CA GLY C 655 -14.86 -16.66 -17.78
C GLY C 655 -14.17 -16.00 -18.96
N GLU C 656 -12.86 -15.70 -18.84
CA GLU C 656 -12.03 -15.06 -19.89
C GLU C 656 -11.84 -16.02 -21.06
N ASN C 657 -11.62 -17.30 -20.77
CA ASN C 657 -11.14 -18.33 -21.74
C ASN C 657 -12.31 -18.80 -22.61
N PHE C 658 -12.41 -18.28 -23.83
CA PHE C 658 -13.35 -18.73 -24.89
C PHE C 658 -12.90 -18.17 -26.25
N ILE C 659 -13.31 -18.82 -27.34
CA ILE C 659 -12.94 -18.45 -28.75
C ILE C 659 -14.21 -18.12 -29.53
N GLU C 660 -14.76 -16.91 -29.33
CA GLU C 660 -15.89 -16.35 -30.13
C GLU C 660 -15.67 -16.66 -31.61
N VAL C 661 -16.69 -17.21 -32.28
CA VAL C 661 -16.63 -17.72 -33.68
C VAL C 661 -16.99 -16.57 -34.64
N ARG C 662 -18.11 -15.89 -34.38
CA ARG C 662 -18.63 -14.77 -35.20
C ARG C 662 -17.72 -13.54 -35.04
N LYS C 663 -17.14 -13.35 -33.86
CA LYS C 663 -16.44 -12.11 -33.42
C LYS C 663 -14.95 -12.42 -33.17
N GLY C 664 -14.25 -11.54 -32.44
CA GLY C 664 -12.97 -11.81 -31.78
C GLY C 664 -13.15 -11.97 -30.29
N SER C 665 -12.19 -12.64 -29.62
CA SER C 665 -12.26 -13.03 -28.19
C SER C 665 -11.05 -12.49 -27.43
N PRO C 666 -11.10 -12.46 -26.08
CA PRO C 666 -9.92 -12.14 -25.27
C PRO C 666 -8.70 -13.04 -25.54
N LEU C 667 -8.92 -14.29 -25.94
CA LEU C 667 -7.84 -15.28 -26.23
C LEU C 667 -7.34 -15.07 -27.67
N PHE C 668 -8.24 -15.00 -28.65
CA PHE C 668 -7.93 -14.96 -30.10
C PHE C 668 -8.70 -13.81 -30.76
N SER C 669 -7.98 -12.85 -31.34
CA SER C 669 -8.54 -11.70 -32.12
C SER C 669 -7.63 -11.40 -33.31
N TYR C 670 -8.23 -10.98 -34.43
CA TYR C 670 -7.54 -10.63 -35.71
C TYR C 670 -7.94 -9.22 -36.14
N ASN C 671 -6.95 -8.42 -36.59
CA ASN C 671 -7.13 -7.05 -37.12
C ASN C 671 -6.87 -7.08 -38.62
N PRO C 672 -7.94 -6.99 -39.46
CA PRO C 672 -7.77 -6.96 -40.92
C PRO C 672 -6.92 -5.77 -41.39
N GLN C 673 -7.18 -4.57 -40.86
CA GLN C 673 -6.52 -3.30 -41.24
C GLN C 673 -5.01 -3.49 -41.31
N THR C 674 -4.41 -3.97 -40.21
CA THR C 674 -2.94 -4.09 -40.03
C THR C 674 -2.47 -5.54 -40.28
N GLU C 675 -3.40 -6.48 -40.44
CA GLU C 675 -3.13 -7.94 -40.62
C GLU C 675 -2.36 -8.46 -39.40
N VAL C 676 -2.81 -8.06 -38.20
CA VAL C 676 -2.18 -8.37 -36.88
C VAL C 676 -3.10 -9.31 -36.11
N LEU C 677 -2.55 -10.43 -35.64
CA LEU C 677 -3.27 -11.47 -34.85
C LEU C 677 -2.81 -11.41 -33.39
N THR C 678 -3.73 -11.09 -32.48
CA THR C 678 -3.46 -10.95 -31.02
C THR C 678 -3.91 -12.23 -30.29
N ILE C 679 -2.94 -13.05 -29.85
CA ILE C 679 -3.16 -14.33 -29.12
C ILE C 679 -2.75 -14.14 -27.66
N CYS C 680 -3.74 -13.94 -26.77
CA CYS C 680 -3.55 -13.75 -25.31
C CYS C 680 -2.63 -12.54 -25.05
N GLY C 681 -2.88 -11.42 -25.73
CA GLY C 681 -2.12 -10.16 -25.57
C GLY C 681 -0.95 -10.07 -26.55
N ARG C 682 -0.25 -11.18 -26.80
CA ARG C 682 0.94 -11.25 -27.69
C ARG C 682 0.48 -11.08 -29.15
N MET C 683 1.10 -10.15 -29.88
CA MET C 683 0.73 -9.79 -31.28
C MET C 683 1.69 -10.45 -32.26
N MET C 684 1.15 -11.20 -33.24
CA MET C 684 1.87 -11.72 -34.43
C MET C 684 1.33 -11.01 -35.67
N SER C 685 2.05 -11.10 -36.80
CA SER C 685 1.69 -10.48 -38.09
C SER C 685 1.42 -11.57 -39.13
N LEU C 686 0.31 -11.44 -39.88
CA LEU C 686 -0.11 -12.37 -40.96
C LEU C 686 0.12 -11.72 -42.33
N LYS C 687 1.02 -10.73 -42.41
CA LYS C 687 1.42 -10.07 -43.67
C LYS C 687 2.31 -11.03 -44.47
N GLY C 688 1.92 -11.31 -45.72
CA GLY C 688 2.60 -12.26 -46.62
C GLY C 688 2.14 -13.69 -46.40
N LYS C 689 0.97 -13.88 -45.79
CA LYS C 689 0.33 -15.20 -45.57
C LYS C 689 -1.19 -15.07 -45.70
N ILE C 690 -1.65 -14.18 -46.58
CA ILE C 690 -3.10 -13.92 -46.85
C ILE C 690 -3.27 -13.64 -48.36
N GLU C 691 -4.32 -14.19 -48.97
CA GLU C 691 -4.67 -13.98 -50.40
C GLU C 691 -5.18 -12.54 -50.58
N ASP C 692 -5.03 -11.98 -51.79
CA ASP C 692 -5.40 -10.58 -52.11
C ASP C 692 -6.93 -10.48 -52.19
N GLU C 693 -7.59 -11.51 -52.75
CA GLU C 693 -9.07 -11.60 -52.89
C GLU C 693 -9.72 -11.81 -51.51
N GLU C 694 -8.97 -12.42 -50.58
CA GLU C 694 -9.44 -12.84 -49.23
C GLU C 694 -9.85 -11.61 -48.40
N ARG C 695 -9.19 -10.46 -48.61
CA ARG C 695 -9.42 -9.19 -47.88
C ARG C 695 -10.89 -8.76 -48.02
N ASN C 696 -11.52 -9.12 -49.14
CA ASN C 696 -12.93 -8.79 -49.49
C ASN C 696 -13.87 -9.85 -48.92
N ARG C 697 -13.50 -11.13 -49.05
CA ARG C 697 -14.34 -12.31 -48.70
C ARG C 697 -14.92 -12.14 -47.29
N SER C 698 -16.26 -12.13 -47.18
CA SER C 698 -17.01 -12.01 -45.91
C SER C 698 -16.74 -13.21 -45.00
N MET C 699 -17.02 -13.07 -43.70
CA MET C 699 -16.87 -14.15 -42.68
C MET C 699 -18.14 -15.01 -42.66
N GLY C 700 -19.28 -14.42 -43.02
CA GLY C 700 -20.62 -15.08 -43.02
C GLY C 700 -20.60 -16.48 -43.60
N ASN C 701 -19.73 -16.74 -44.58
CA ASN C 701 -19.62 -18.04 -45.30
C ASN C 701 -18.95 -19.09 -44.39
N ALA C 702 -17.95 -18.70 -43.62
CA ALA C 702 -17.13 -19.60 -42.78
C ALA C 702 -17.39 -19.34 -41.28
N VAL C 703 -18.65 -19.10 -40.91
CA VAL C 703 -19.07 -18.78 -39.51
C VAL C 703 -20.03 -19.86 -38.97
N LEU C 704 -20.80 -20.52 -39.85
CA LEU C 704 -21.73 -21.63 -39.50
C LEU C 704 -21.56 -22.76 -40.50
N ALA C 705 -21.51 -24.02 -40.03
CA ALA C 705 -21.39 -25.24 -40.85
C ALA C 705 -22.67 -25.44 -41.66
N GLY C 706 -22.53 -25.75 -42.96
CA GLY C 706 -23.64 -25.94 -43.90
C GLY C 706 -24.48 -24.69 -44.06
N PHE C 707 -23.85 -23.51 -44.07
CA PHE C 707 -24.49 -22.18 -44.22
C PHE C 707 -23.58 -21.28 -45.03
N LEU C 708 -24.12 -20.59 -46.05
CA LEU C 708 -23.35 -19.70 -46.96
C LEU C 708 -24.16 -18.42 -47.23
N VAL C 709 -23.48 -17.28 -47.41
CA VAL C 709 -24.09 -15.93 -47.59
C VAL C 709 -24.74 -15.87 -48.98
N SER C 710 -25.95 -15.30 -49.06
CA SER C 710 -26.72 -15.08 -50.32
C SER C 710 -26.64 -13.60 -50.72
N GLY C 711 -27.25 -12.73 -49.92
CA GLY C 711 -27.29 -11.26 -50.15
C GLY C 711 -26.98 -10.49 -48.88
N LYS C 712 -27.75 -9.42 -48.62
CA LYS C 712 -27.61 -8.55 -47.42
C LYS C 712 -28.92 -8.57 -46.63
N TYR C 713 -28.85 -8.22 -45.34
CA TYR C 713 -29.96 -8.26 -44.36
C TYR C 713 -31.28 -7.85 -45.02
N ASP C 714 -32.24 -8.78 -45.10
CA ASP C 714 -33.60 -8.57 -45.65
C ASP C 714 -34.56 -8.27 -44.48
N PRO C 715 -35.11 -7.03 -44.39
CA PRO C 715 -36.08 -6.70 -43.34
C PRO C 715 -37.29 -7.62 -43.21
N ASP C 716 -37.65 -8.33 -44.30
CA ASP C 716 -38.82 -9.25 -44.35
C ASP C 716 -38.60 -10.45 -43.43
N LEU C 717 -37.43 -11.09 -43.50
CA LEU C 717 -37.09 -12.36 -42.78
C LEU C 717 -37.22 -12.17 -41.27
N GLY C 718 -37.03 -10.95 -40.76
CA GLY C 718 -37.25 -10.59 -39.34
C GLY C 718 -35.94 -10.45 -38.59
N ASP C 719 -36.00 -10.58 -37.25
CA ASP C 719 -34.83 -10.42 -36.34
C ASP C 719 -33.83 -11.56 -36.55
N PHE C 720 -32.62 -11.40 -36.02
CA PHE C 720 -31.50 -12.38 -36.11
C PHE C 720 -31.90 -13.64 -35.33
N LYS C 721 -31.52 -14.82 -35.85
CA LYS C 721 -31.93 -16.14 -35.32
C LYS C 721 -30.88 -16.66 -34.32
N THR C 722 -31.33 -17.38 -33.29
CA THR C 722 -30.47 -18.00 -32.24
C THR C 722 -29.80 -19.25 -32.82
N ILE C 723 -28.86 -19.85 -32.07
CA ILE C 723 -28.12 -21.08 -32.46
C ILE C 723 -29.15 -22.20 -32.70
N GLU C 724 -30.13 -22.34 -31.81
CA GLU C 724 -31.22 -23.35 -31.88
C GLU C 724 -32.04 -23.14 -33.14
N GLU C 725 -32.45 -21.90 -33.42
CA GLU C 725 -33.33 -21.52 -34.57
C GLU C 725 -32.61 -21.80 -35.89
N LEU C 726 -31.27 -21.71 -35.90
CA LEU C 726 -30.42 -21.94 -37.11
C LEU C 726 -30.21 -23.44 -37.35
N GLU C 727 -30.05 -24.22 -36.27
CA GLU C 727 -29.85 -25.69 -36.32
C GLU C 727 -31.09 -26.36 -36.93
N LYS C 728 -32.28 -25.97 -36.46
CA LYS C 728 -33.59 -26.55 -36.86
C LYS C 728 -34.16 -25.75 -38.04
N LEU C 729 -33.48 -25.81 -39.19
CA LEU C 729 -33.94 -25.25 -40.49
C LEU C 729 -33.63 -26.27 -41.59
N LYS C 730 -34.60 -26.52 -42.49
CA LYS C 730 -34.46 -27.48 -43.62
C LYS C 730 -33.56 -26.85 -44.69
N PRO C 731 -32.64 -27.62 -45.32
CA PRO C 731 -31.76 -27.08 -46.36
C PRO C 731 -32.50 -26.27 -47.42
N GLY C 732 -31.92 -25.13 -47.82
CA GLY C 732 -32.49 -24.20 -48.81
C GLY C 732 -33.50 -23.26 -48.17
N GLU C 733 -33.19 -22.73 -46.98
CA GLU C 733 -34.00 -21.71 -46.26
C GLU C 733 -33.09 -20.53 -45.89
N LYS C 734 -33.54 -19.30 -46.19
CA LYS C 734 -32.76 -18.04 -45.99
C LYS C 734 -32.98 -17.54 -44.57
N ALA C 735 -31.96 -16.88 -43.99
CA ALA C 735 -31.91 -16.44 -42.58
C ALA C 735 -31.01 -15.20 -42.43
N ASN C 736 -31.18 -14.47 -41.32
CA ASN C 736 -30.39 -13.27 -40.94
C ASN C 736 -29.49 -13.60 -39.75
N ILE C 737 -28.18 -13.38 -39.90
CA ILE C 737 -27.15 -13.54 -38.84
C ILE C 737 -26.40 -12.21 -38.66
N LEU C 738 -26.07 -11.88 -37.40
CA LEU C 738 -25.23 -10.72 -37.01
C LEU C 738 -23.84 -11.25 -36.62
N LEU C 739 -22.80 -10.94 -37.41
CA LEU C 739 -21.40 -11.38 -37.18
C LEU C 739 -20.87 -10.69 -35.92
N TYR C 740 -20.64 -9.37 -36.00
CA TYR C 740 -20.25 -8.50 -34.85
C TYR C 740 -20.92 -7.14 -35.03
N GLN C 741 -21.21 -6.46 -33.92
CA GLN C 741 -22.03 -5.23 -33.82
C GLN C 741 -21.92 -4.41 -35.12
N GLY C 742 -23.03 -4.28 -35.86
CA GLY C 742 -23.15 -3.44 -37.06
C GLY C 742 -22.63 -4.12 -38.32
N LYS C 743 -22.76 -5.45 -38.41
CA LYS C 743 -22.42 -6.25 -39.63
C LYS C 743 -23.50 -7.30 -39.88
N PRO C 744 -24.75 -6.91 -40.22
CA PRO C 744 -25.79 -7.87 -40.60
C PRO C 744 -25.44 -8.65 -41.88
N VAL C 745 -25.86 -9.92 -41.96
CA VAL C 745 -25.62 -10.81 -43.14
C VAL C 745 -26.90 -11.60 -43.43
N LYS C 746 -27.13 -11.94 -44.70
CA LYS C 746 -28.26 -12.81 -45.17
C LYS C 746 -27.69 -14.15 -45.64
N VAL C 747 -27.80 -15.18 -44.79
CA VAL C 747 -27.16 -16.51 -44.98
C VAL C 747 -28.24 -17.56 -45.25
N VAL C 748 -27.96 -18.50 -46.17
CA VAL C 748 -28.86 -19.62 -46.58
C VAL C 748 -28.14 -20.94 -46.29
N LYS C 749 -28.92 -22.01 -46.06
CA LYS C 749 -28.43 -23.35 -45.69
C LYS C 749 -28.16 -24.18 -46.95
N ARG C 750 -26.95 -24.73 -47.07
CA ARG C 750 -26.52 -25.60 -48.19
C ARG C 750 -27.00 -27.04 -47.92
N SER G 7 29.66 -6.38 -28.51
CA SER G 7 29.24 -4.98 -28.18
C SER G 7 28.48 -4.37 -29.36
N TYR G 8 27.58 -3.40 -29.09
CA TYR G 8 26.65 -2.77 -30.06
C TYR G 8 27.09 -1.32 -30.32
N SER G 9 26.85 -0.84 -31.54
CA SER G 9 27.10 0.55 -32.01
C SER G 9 25.99 0.99 -32.94
N PRO G 10 25.09 1.91 -32.52
CA PRO G 10 23.89 2.24 -33.30
C PRO G 10 24.18 3.02 -34.59
N THR G 11 23.25 2.98 -35.55
CA THR G 11 23.34 3.64 -36.88
C THR G 11 22.00 4.31 -37.23
N SEP G 12 22.03 5.15 -38.26
CA SEP G 12 20.84 5.88 -38.71
CB SEP G 12 20.61 7.08 -37.83
OG SEP G 12 19.31 6.95 -37.20
C SEP G 12 20.99 6.27 -40.18
O SEP G 12 22.06 6.08 -40.77
P SEP G 12 18.51 8.28 -36.76
O1P SEP G 12 18.18 8.10 -35.29
O2P SEP G 12 19.44 9.46 -37.00
O3P SEP G 12 17.27 8.32 -37.63
N PRO G 13 19.94 6.82 -40.82
CA PRO G 13 20.04 7.32 -42.21
C PRO G 13 20.99 8.52 -42.32
N TYR H 1 24.73 -22.84 -26.36
CA TYR H 1 24.09 -21.76 -27.17
C TYR H 1 23.77 -20.56 -26.27
N SER H 2 23.88 -19.35 -26.83
CA SER H 2 23.55 -18.07 -26.15
C SER H 2 22.07 -17.74 -26.37
N PRO H 3 21.35 -17.27 -25.33
CA PRO H 3 19.93 -16.89 -25.46
C PRO H 3 19.56 -16.04 -26.69
N THR H 4 20.51 -15.28 -27.24
CA THR H 4 20.32 -14.37 -28.42
C THR H 4 20.29 -15.17 -29.72
N SEP H 5 20.87 -16.38 -29.71
CA SEP H 5 20.94 -17.21 -30.90
CB SEP H 5 22.00 -18.29 -30.73
OG SEP H 5 21.96 -19.16 -31.89
C SEP H 5 19.57 -17.82 -31.20
O SEP H 5 18.84 -18.19 -30.28
P SEP H 5 23.28 -19.30 -32.81
O1P SEP H 5 24.32 -19.97 -31.94
O2P SEP H 5 23.67 -17.88 -33.19
O3P SEP H 5 22.87 -20.13 -34.00
N PRO H 6 19.17 -17.95 -32.48
CA PRO H 6 17.91 -18.61 -32.85
C PRO H 6 17.88 -20.12 -32.53
N SER H 7 19.06 -20.75 -32.43
CA SER H 7 19.24 -22.21 -32.17
C SER H 7 19.00 -22.53 -30.69
N TYR H 8 18.93 -21.51 -29.83
CA TYR H 8 18.63 -21.63 -28.38
C TYR H 8 17.19 -22.14 -28.18
N SER H 9 16.26 -21.71 -29.03
CA SER H 9 14.82 -22.07 -28.99
C SER H 9 14.66 -23.58 -29.11
N PRO H 10 13.62 -24.17 -28.47
CA PRO H 10 13.47 -25.63 -28.45
C PRO H 10 12.97 -26.18 -29.79
N THR H 11 13.44 -27.38 -30.17
CA THR H 11 12.99 -28.14 -31.36
C THR H 11 11.48 -28.32 -31.28
N SEP H 12 10.75 -27.37 -31.89
CA SEP H 12 9.32 -27.23 -31.70
CB SEP H 12 8.91 -25.81 -32.05
OG SEP H 12 8.70 -25.71 -33.48
C SEP H 12 8.55 -28.26 -32.53
O SEP H 12 9.12 -28.90 -33.41
P SEP H 12 9.93 -25.25 -34.43
O1P SEP H 12 10.48 -23.97 -33.81
O2P SEP H 12 10.92 -26.39 -34.41
O3P SEP H 12 9.31 -25.02 -35.79
N PRO H 13 7.25 -28.46 -32.26
CA PRO H 13 6.41 -29.34 -33.08
C PRO H 13 6.25 -28.82 -34.52
N SER H 14 6.88 -29.50 -35.48
CA SER H 14 6.82 -29.19 -36.93
C SER H 14 5.92 -30.23 -37.63
N TYR H 15 5.14 -29.79 -38.62
CA TYR H 15 4.19 -30.62 -39.40
C TYR H 15 4.92 -31.26 -40.59
N SER H 16 4.50 -32.47 -40.97
CA SER H 16 5.09 -33.31 -42.05
C SER H 16 3.98 -33.91 -42.91
N PRO H 17 4.22 -34.17 -44.22
CA PRO H 17 3.23 -34.85 -45.06
C PRO H 17 3.10 -36.34 -44.72
P PO4 I . -14.08 17.52 -10.73
O1 PO4 I . -14.57 16.98 -9.40
O2 PO4 I . -14.87 18.76 -11.11
O3 PO4 I . -14.26 16.46 -11.82
O4 PO4 I . -12.60 17.89 -10.62
O6 IC5 J . -16.44 -40.08 3.01
N1 IC5 J . -14.83 -41.17 1.84
N2 IC5 J . -13.31 -42.43 0.65
C2 IC5 J . -13.63 -41.25 1.20
C4 IC5 J . -13.24 -39.09 1.69
C5 IC5 J . -14.45 -38.95 2.36
C6 IC5 J . -15.34 -40.05 2.45
C8 IC5 J . -13.44 -37.01 2.36
N3 IC5 J . -12.80 -40.22 1.10
N7 IC5 J . -14.51 -37.65 2.81
N9 IC5 J . -12.60 -37.86 1.77
C1' IC5 J . -11.23 -37.60 1.31
O4' IC5 J . -10.62 -36.67 2.18
C2' IC5 J . -11.15 -37.03 -0.06
O2' IC5 J . -11.23 -38.10 -0.99
C3' IC5 J . -9.79 -36.37 -0.04
O3' IC5 J . -8.74 -37.27 -0.33
C4' IC5 J . -9.69 -35.86 1.41
C5' IC5 J . -10.01 -34.40 1.64
O5' IC5 J . -10.46 -33.81 0.41
PA IC5 J . -11.90 -33.14 0.37
O1A IC5 J . -11.85 -31.86 1.11
O2A IC5 J . -12.90 -34.16 0.74
O3A IC5 J . -12.09 -32.81 -1.18
PB IC5 J . -11.11 -32.98 -2.48
O1B IC5 J . -11.70 -32.10 -3.56
O2B IC5 J . -11.15 -34.45 -2.84
O3B IC5 J . -9.65 -32.49 -2.01
CM IC5 J . -15.58 -37.07 3.63
#